data_2VU5
# 
_entry.id   2VU5 
# 
_audit_conform.dict_name       mmcif_pdbx.dic 
_audit_conform.dict_version    5.391 
_audit_conform.dict_location   http://mmcif.pdb.org/dictionaries/ascii/mmcif_pdbx.dic 
# 
loop_
_database_2.database_id 
_database_2.database_code 
_database_2.pdbx_database_accession 
_database_2.pdbx_DOI 
PDB   2VU5         pdb_00002vu5 10.2210/pdb2vu5/pdb 
PDBE  EBI-36338    ?            ?                   
WWPDB D_1290036338 ?            ?                   
# 
loop_
_pdbx_audit_revision_history.ordinal 
_pdbx_audit_revision_history.data_content_type 
_pdbx_audit_revision_history.major_revision 
_pdbx_audit_revision_history.minor_revision 
_pdbx_audit_revision_history.revision_date 
1 'Structure model' 1 0 2009-03-10 
2 'Structure model' 1 1 2011-05-08 
3 'Structure model' 1 2 2011-07-13 
4 'Structure model' 1 3 2024-05-08 
# 
_pdbx_audit_revision_details.ordinal             1 
_pdbx_audit_revision_details.revision_ordinal    1 
_pdbx_audit_revision_details.data_content_type   'Structure model' 
_pdbx_audit_revision_details.provider            repository 
_pdbx_audit_revision_details.type                'Initial release' 
_pdbx_audit_revision_details.description         ? 
_pdbx_audit_revision_details.details             ? 
# 
loop_
_pdbx_audit_revision_group.ordinal 
_pdbx_audit_revision_group.revision_ordinal 
_pdbx_audit_revision_group.data_content_type 
_pdbx_audit_revision_group.group 
1 2 'Structure model' 'Version format compliance' 
2 3 'Structure model' 'Version format compliance' 
3 4 'Structure model' 'Data collection'           
4 4 'Structure model' 'Database references'       
5 4 'Structure model' Other                       
# 
loop_
_pdbx_audit_revision_category.ordinal 
_pdbx_audit_revision_category.revision_ordinal 
_pdbx_audit_revision_category.data_content_type 
_pdbx_audit_revision_category.category 
1 4 'Structure model' chem_comp_atom       
2 4 'Structure model' chem_comp_bond       
3 4 'Structure model' database_2           
4 4 'Structure model' pdbx_database_status 
# 
loop_
_pdbx_audit_revision_item.ordinal 
_pdbx_audit_revision_item.revision_ordinal 
_pdbx_audit_revision_item.data_content_type 
_pdbx_audit_revision_item.item 
1 4 'Structure model' '_database_2.pdbx_DOI'                 
2 4 'Structure model' '_database_2.pdbx_database_accession'  
3 4 'Structure model' '_pdbx_database_status.status_code_sf' 
# 
_pdbx_database_status.status_code                     REL 
_pdbx_database_status.entry_id                        2VU5 
_pdbx_database_status.deposit_site                    PDBE 
_pdbx_database_status.process_site                    PDBE 
_pdbx_database_status.SG_entry                        . 
_pdbx_database_status.recvd_initial_deposition_date   2008-05-21 
_pdbx_database_status.pdb_format_compatible           Y 
_pdbx_database_status.status_code_sf                  REL 
_pdbx_database_status.status_code_mr                  ? 
_pdbx_database_status.status_code_cs                  ? 
_pdbx_database_status.methods_development_category    ? 
_pdbx_database_status.status_code_nmr_data            ? 
# 
loop_
_audit_author.name 
_audit_author.pdbx_ordinal 
'Misra, G.'        1 
'Aggarwal, A.'     2 
'Dube, D.'         3 
'Zaman, M.S.'      4 
'Singh, Y.'        5 
'Ramachandran, R.' 6 
# 
_citation.id                        primary 
_citation.title                     
;Crystal Structure of the Bacillus Anthracis Nucleoside Diphosphate Kinase and its Characterization Reveals an Enzyme Adapted to Perform Under Stress Conditions.
;
_citation.journal_abbrev            Proteins 
_citation.journal_volume            76 
_citation.page_first                496 
_citation.page_last                 ? 
_citation.year                      2009 
_citation.journal_id_ASTM           PSFGEY 
_citation.country                   US 
_citation.journal_id_ISSN           0887-3585 
_citation.journal_id_CSD            0867 
_citation.book_publisher            ? 
_citation.pdbx_database_id_PubMed   19241473 
_citation.pdbx_database_id_DOI      10.1002/PROT.22364 
# 
loop_
_citation_author.citation_id 
_citation_author.name 
_citation_author.ordinal 
_citation_author.identifier_ORCID 
primary 'Misra, G.'        1 ? 
primary 'Aggarwal, A.'     2 ? 
primary 'Dube, D.'         3 ? 
primary 'Zaman, M.S.'      4 ? 
primary 'Singh, Y.'        5 ? 
primary 'Ramachandran, R.' 6 ? 
# 
loop_
_entity.id 
_entity.type 
_entity.src_method 
_entity.pdbx_description 
_entity.formula_weight 
_entity.pdbx_number_of_molecules 
_entity.pdbx_ec 
_entity.pdbx_mutation 
_entity.pdbx_fragment 
_entity.details 
1 polymer man 'NUCLEOSIDE DIPHOSPHATE KINASE' 16649.025 1  2.7.4.6 ? ? ? 
2 water   nat water                           18.015    80 ?       ? ? ? 
# 
_entity_name_com.entity_id   1 
_entity_name_com.name        'NDK, NDP KINASE, NUCLEOSIDE-2-P KINASE' 
# 
_entity_poly.entity_id                      1 
_entity_poly.type                           'polypeptide(L)' 
_entity_poly.nstd_linkage                   no 
_entity_poly.nstd_monomer                   no 
_entity_poly.pdbx_seq_one_letter_code       
;MEKTFLMVKPDGVQRAFIGEIVARFEKKGFQLVGAKLMQVTPEIAGQHYAEHEEKPFFGELVDFITSGPVFAMVWQGEGV
VDTARNMMGKTRPHEAAPGTIRGDFGVTVAKNIIHGSDSLESAEREIGIFFKEEELVDYSKLMNEWIY
;
_entity_poly.pdbx_seq_one_letter_code_can   
;MEKTFLMVKPDGVQRAFIGEIVARFEKKGFQLVGAKLMQVTPEIAGQHYAEHEEKPFFGELVDFITSGPVFAMVWQGEGV
VDTARNMMGKTRPHEAAPGTIRGDFGVTVAKNIIHGSDSLESAEREIGIFFKEEELVDYSKLMNEWIY
;
_entity_poly.pdbx_strand_id                 A 
_entity_poly.pdbx_target_identifier         ? 
# 
_pdbx_entity_nonpoly.entity_id   2 
_pdbx_entity_nonpoly.name        water 
_pdbx_entity_nonpoly.comp_id     HOH 
# 
loop_
_entity_poly_seq.entity_id 
_entity_poly_seq.num 
_entity_poly_seq.mon_id 
_entity_poly_seq.hetero 
1 1   MET n 
1 2   GLU n 
1 3   LYS n 
1 4   THR n 
1 5   PHE n 
1 6   LEU n 
1 7   MET n 
1 8   VAL n 
1 9   LYS n 
1 10  PRO n 
1 11  ASP n 
1 12  GLY n 
1 13  VAL n 
1 14  GLN n 
1 15  ARG n 
1 16  ALA n 
1 17  PHE n 
1 18  ILE n 
1 19  GLY n 
1 20  GLU n 
1 21  ILE n 
1 22  VAL n 
1 23  ALA n 
1 24  ARG n 
1 25  PHE n 
1 26  GLU n 
1 27  LYS n 
1 28  LYS n 
1 29  GLY n 
1 30  PHE n 
1 31  GLN n 
1 32  LEU n 
1 33  VAL n 
1 34  GLY n 
1 35  ALA n 
1 36  LYS n 
1 37  LEU n 
1 38  MET n 
1 39  GLN n 
1 40  VAL n 
1 41  THR n 
1 42  PRO n 
1 43  GLU n 
1 44  ILE n 
1 45  ALA n 
1 46  GLY n 
1 47  GLN n 
1 48  HIS n 
1 49  TYR n 
1 50  ALA n 
1 51  GLU n 
1 52  HIS n 
1 53  GLU n 
1 54  GLU n 
1 55  LYS n 
1 56  PRO n 
1 57  PHE n 
1 58  PHE n 
1 59  GLY n 
1 60  GLU n 
1 61  LEU n 
1 62  VAL n 
1 63  ASP n 
1 64  PHE n 
1 65  ILE n 
1 66  THR n 
1 67  SER n 
1 68  GLY n 
1 69  PRO n 
1 70  VAL n 
1 71  PHE n 
1 72  ALA n 
1 73  MET n 
1 74  VAL n 
1 75  TRP n 
1 76  GLN n 
1 77  GLY n 
1 78  GLU n 
1 79  GLY n 
1 80  VAL n 
1 81  VAL n 
1 82  ASP n 
1 83  THR n 
1 84  ALA n 
1 85  ARG n 
1 86  ASN n 
1 87  MET n 
1 88  MET n 
1 89  GLY n 
1 90  LYS n 
1 91  THR n 
1 92  ARG n 
1 93  PRO n 
1 94  HIS n 
1 95  GLU n 
1 96  ALA n 
1 97  ALA n 
1 98  PRO n 
1 99  GLY n 
1 100 THR n 
1 101 ILE n 
1 102 ARG n 
1 103 GLY n 
1 104 ASP n 
1 105 PHE n 
1 106 GLY n 
1 107 VAL n 
1 108 THR n 
1 109 VAL n 
1 110 ALA n 
1 111 LYS n 
1 112 ASN n 
1 113 ILE n 
1 114 ILE n 
1 115 HIS n 
1 116 GLY n 
1 117 SER n 
1 118 ASP n 
1 119 SER n 
1 120 LEU n 
1 121 GLU n 
1 122 SER n 
1 123 ALA n 
1 124 GLU n 
1 125 ARG n 
1 126 GLU n 
1 127 ILE n 
1 128 GLY n 
1 129 ILE n 
1 130 PHE n 
1 131 PHE n 
1 132 LYS n 
1 133 GLU n 
1 134 GLU n 
1 135 GLU n 
1 136 LEU n 
1 137 VAL n 
1 138 ASP n 
1 139 TYR n 
1 140 SER n 
1 141 LYS n 
1 142 LEU n 
1 143 MET n 
1 144 ASN n 
1 145 GLU n 
1 146 TRP n 
1 147 ILE n 
1 148 TYR n 
# 
_entity_src_gen.entity_id                          1 
_entity_src_gen.pdbx_src_id                        1 
_entity_src_gen.pdbx_alt_source_flag               sample 
_entity_src_gen.pdbx_seq_type                      ? 
_entity_src_gen.pdbx_beg_seq_num                   ? 
_entity_src_gen.pdbx_end_seq_num                   ? 
_entity_src_gen.gene_src_common_name               ? 
_entity_src_gen.gene_src_genus                     ? 
_entity_src_gen.pdbx_gene_src_gene                 ? 
_entity_src_gen.gene_src_species                   ? 
_entity_src_gen.gene_src_strain                    ? 
_entity_src_gen.gene_src_tissue                    ? 
_entity_src_gen.gene_src_tissue_fraction           ? 
_entity_src_gen.gene_src_details                   ? 
_entity_src_gen.pdbx_gene_src_fragment             ? 
_entity_src_gen.pdbx_gene_src_scientific_name      'BACILLUS ANTHRACIS' 
_entity_src_gen.pdbx_gene_src_ncbi_taxonomy_id     1392 
_entity_src_gen.pdbx_gene_src_variant              ? 
_entity_src_gen.pdbx_gene_src_cell_line            ? 
_entity_src_gen.pdbx_gene_src_atcc                 ? 
_entity_src_gen.pdbx_gene_src_organ                ? 
_entity_src_gen.pdbx_gene_src_organelle            ? 
_entity_src_gen.pdbx_gene_src_cell                 ? 
_entity_src_gen.pdbx_gene_src_cellular_location    ? 
_entity_src_gen.host_org_common_name               ? 
_entity_src_gen.pdbx_host_org_scientific_name      'ESCHERICHIA COLI' 
_entity_src_gen.pdbx_host_org_ncbi_taxonomy_id     511693 
_entity_src_gen.host_org_genus                     ? 
_entity_src_gen.pdbx_host_org_gene                 ? 
_entity_src_gen.pdbx_host_org_organ                ? 
_entity_src_gen.host_org_species                   ? 
_entity_src_gen.pdbx_host_org_tissue               ? 
_entity_src_gen.pdbx_host_org_tissue_fraction      ? 
_entity_src_gen.pdbx_host_org_strain               BL21 
_entity_src_gen.pdbx_host_org_variant              ? 
_entity_src_gen.pdbx_host_org_cell_line            ? 
_entity_src_gen.pdbx_host_org_atcc                 ? 
_entity_src_gen.pdbx_host_org_culture_collection   ? 
_entity_src_gen.pdbx_host_org_cell                 ? 
_entity_src_gen.pdbx_host_org_organelle            ? 
_entity_src_gen.pdbx_host_org_cellular_location    ? 
_entity_src_gen.pdbx_host_org_vector_type          ? 
_entity_src_gen.pdbx_host_org_vector               ? 
_entity_src_gen.host_org_details                   ? 
_entity_src_gen.expression_system_id               ? 
_entity_src_gen.plasmid_name                       ? 
_entity_src_gen.plasmid_details                    ? 
_entity_src_gen.pdbx_description                   ? 
# 
loop_
_chem_comp.id 
_chem_comp.type 
_chem_comp.mon_nstd_flag 
_chem_comp.name 
_chem_comp.pdbx_synonyms 
_chem_comp.formula 
_chem_comp.formula_weight 
ALA 'L-peptide linking' y ALANINE         ? 'C3 H7 N O2'     89.093  
ARG 'L-peptide linking' y ARGININE        ? 'C6 H15 N4 O2 1' 175.209 
ASN 'L-peptide linking' y ASPARAGINE      ? 'C4 H8 N2 O3'    132.118 
ASP 'L-peptide linking' y 'ASPARTIC ACID' ? 'C4 H7 N O4'     133.103 
GLN 'L-peptide linking' y GLUTAMINE       ? 'C5 H10 N2 O3'   146.144 
GLU 'L-peptide linking' y 'GLUTAMIC ACID' ? 'C5 H9 N O4'     147.129 
GLY 'peptide linking'   y GLYCINE         ? 'C2 H5 N O2'     75.067  
HIS 'L-peptide linking' y HISTIDINE       ? 'C6 H10 N3 O2 1' 156.162 
HOH non-polymer         . WATER           ? 'H2 O'           18.015  
ILE 'L-peptide linking' y ISOLEUCINE      ? 'C6 H13 N O2'    131.173 
LEU 'L-peptide linking' y LEUCINE         ? 'C6 H13 N O2'    131.173 
LYS 'L-peptide linking' y LYSINE          ? 'C6 H15 N2 O2 1' 147.195 
MET 'L-peptide linking' y METHIONINE      ? 'C5 H11 N O2 S'  149.211 
PHE 'L-peptide linking' y PHENYLALANINE   ? 'C9 H11 N O2'    165.189 
PRO 'L-peptide linking' y PROLINE         ? 'C5 H9 N O2'     115.130 
SER 'L-peptide linking' y SERINE          ? 'C3 H7 N O3'     105.093 
THR 'L-peptide linking' y THREONINE       ? 'C4 H9 N O3'     119.119 
TRP 'L-peptide linking' y TRYPTOPHAN      ? 'C11 H12 N2 O2'  204.225 
TYR 'L-peptide linking' y TYROSINE        ? 'C9 H11 N O3'    181.189 
VAL 'L-peptide linking' y VALINE          ? 'C5 H11 N O2'    117.146 
# 
loop_
_pdbx_poly_seq_scheme.asym_id 
_pdbx_poly_seq_scheme.entity_id 
_pdbx_poly_seq_scheme.seq_id 
_pdbx_poly_seq_scheme.mon_id 
_pdbx_poly_seq_scheme.ndb_seq_num 
_pdbx_poly_seq_scheme.pdb_seq_num 
_pdbx_poly_seq_scheme.auth_seq_num 
_pdbx_poly_seq_scheme.pdb_mon_id 
_pdbx_poly_seq_scheme.auth_mon_id 
_pdbx_poly_seq_scheme.pdb_strand_id 
_pdbx_poly_seq_scheme.pdb_ins_code 
_pdbx_poly_seq_scheme.hetero 
A 1 1   MET 1   1   1   MET MET A . n 
A 1 2   GLU 2   2   2   GLU GLU A . n 
A 1 3   LYS 3   3   3   LYS LYS A . n 
A 1 4   THR 4   4   4   THR THR A . n 
A 1 5   PHE 5   5   5   PHE PHE A . n 
A 1 6   LEU 6   6   6   LEU LEU A . n 
A 1 7   MET 7   7   7   MET MET A . n 
A 1 8   VAL 8   8   8   VAL VAL A . n 
A 1 9   LYS 9   9   9   LYS LYS A . n 
A 1 10  PRO 10  10  10  PRO PRO A . n 
A 1 11  ASP 11  11  11  ASP ASP A . n 
A 1 12  GLY 12  12  12  GLY GLY A . n 
A 1 13  VAL 13  13  13  VAL VAL A . n 
A 1 14  GLN 14  14  14  GLN GLN A . n 
A 1 15  ARG 15  15  15  ARG ARG A . n 
A 1 16  ALA 16  16  16  ALA ALA A . n 
A 1 17  PHE 17  17  17  PHE PHE A . n 
A 1 18  ILE 18  18  18  ILE ILE A . n 
A 1 19  GLY 19  19  19  GLY GLY A . n 
A 1 20  GLU 20  20  20  GLU GLU A . n 
A 1 21  ILE 21  21  21  ILE ILE A . n 
A 1 22  VAL 22  22  22  VAL VAL A . n 
A 1 23  ALA 23  23  23  ALA ALA A . n 
A 1 24  ARG 24  24  24  ARG ARG A . n 
A 1 25  PHE 25  25  25  PHE PHE A . n 
A 1 26  GLU 26  26  26  GLU GLU A . n 
A 1 27  LYS 27  27  27  LYS LYS A . n 
A 1 28  LYS 28  28  28  LYS LYS A . n 
A 1 29  GLY 29  29  29  GLY GLY A . n 
A 1 30  PHE 30  30  30  PHE PHE A . n 
A 1 31  GLN 31  31  31  GLN GLN A . n 
A 1 32  LEU 32  32  32  LEU LEU A . n 
A 1 33  VAL 33  33  33  VAL VAL A . n 
A 1 34  GLY 34  34  34  GLY GLY A . n 
A 1 35  ALA 35  35  35  ALA ALA A . n 
A 1 36  LYS 36  36  36  LYS LYS A . n 
A 1 37  LEU 37  37  37  LEU LEU A . n 
A 1 38  MET 38  38  38  MET MET A . n 
A 1 39  GLN 39  39  39  GLN GLN A . n 
A 1 40  VAL 40  40  40  VAL VAL A . n 
A 1 41  THR 41  41  41  THR THR A . n 
A 1 42  PRO 42  42  42  PRO PRO A . n 
A 1 43  GLU 43  43  43  GLU GLU A . n 
A 1 44  ILE 44  44  44  ILE ILE A . n 
A 1 45  ALA 45  45  45  ALA ALA A . n 
A 1 46  GLY 46  46  46  GLY GLY A . n 
A 1 47  GLN 47  47  47  GLN GLN A . n 
A 1 48  HIS 48  48  48  HIS HIS A . n 
A 1 49  TYR 49  49  49  TYR TYR A . n 
A 1 50  ALA 50  50  50  ALA ALA A . n 
A 1 51  GLU 51  51  51  GLU GLU A . n 
A 1 52  HIS 52  52  52  HIS HIS A . n 
A 1 53  GLU 53  53  53  GLU GLU A . n 
A 1 54  GLU 54  54  54  GLU GLU A . n 
A 1 55  LYS 55  55  55  LYS LYS A . n 
A 1 56  PRO 56  56  56  PRO PRO A . n 
A 1 57  PHE 57  57  57  PHE PHE A . n 
A 1 58  PHE 58  58  58  PHE PHE A . n 
A 1 59  GLY 59  59  59  GLY GLY A . n 
A 1 60  GLU 60  60  60  GLU GLU A . n 
A 1 61  LEU 61  61  61  LEU LEU A . n 
A 1 62  VAL 62  62  62  VAL VAL A . n 
A 1 63  ASP 63  63  63  ASP ASP A . n 
A 1 64  PHE 64  64  64  PHE PHE A . n 
A 1 65  ILE 65  65  65  ILE ILE A . n 
A 1 66  THR 66  66  66  THR THR A . n 
A 1 67  SER 67  67  67  SER SER A . n 
A 1 68  GLY 68  68  68  GLY GLY A . n 
A 1 69  PRO 69  69  69  PRO PRO A . n 
A 1 70  VAL 70  70  70  VAL VAL A . n 
A 1 71  PHE 71  71  71  PHE PHE A . n 
A 1 72  ALA 72  72  72  ALA ALA A . n 
A 1 73  MET 73  73  73  MET MET A . n 
A 1 74  VAL 74  74  74  VAL VAL A . n 
A 1 75  TRP 75  75  75  TRP TRP A . n 
A 1 76  GLN 76  76  76  GLN GLN A . n 
A 1 77  GLY 77  77  77  GLY GLY A . n 
A 1 78  GLU 78  78  78  GLU GLU A . n 
A 1 79  GLY 79  79  79  GLY GLY A . n 
A 1 80  VAL 80  80  80  VAL VAL A . n 
A 1 81  VAL 81  81  81  VAL VAL A . n 
A 1 82  ASP 82  82  82  ASP ASP A . n 
A 1 83  THR 83  83  83  THR THR A . n 
A 1 84  ALA 84  84  84  ALA ALA A . n 
A 1 85  ARG 85  85  85  ARG ARG A . n 
A 1 86  ASN 86  86  86  ASN ASN A . n 
A 1 87  MET 87  87  87  MET MET A . n 
A 1 88  MET 88  88  88  MET MET A . n 
A 1 89  GLY 89  89  89  GLY GLY A . n 
A 1 90  LYS 90  90  90  LYS LYS A . n 
A 1 91  THR 91  91  91  THR THR A . n 
A 1 92  ARG 92  92  92  ARG ARG A . n 
A 1 93  PRO 93  93  93  PRO PRO A . n 
A 1 94  HIS 94  94  94  HIS HIS A . n 
A 1 95  GLU 95  95  95  GLU GLU A . n 
A 1 96  ALA 96  96  96  ALA ALA A . n 
A 1 97  ALA 97  97  97  ALA ALA A . n 
A 1 98  PRO 98  98  98  PRO PRO A . n 
A 1 99  GLY 99  99  99  GLY GLY A . n 
A 1 100 THR 100 100 100 THR THR A . n 
A 1 101 ILE 101 101 101 ILE ILE A . n 
A 1 102 ARG 102 102 102 ARG ARG A . n 
A 1 103 GLY 103 103 103 GLY GLY A . n 
A 1 104 ASP 104 104 104 ASP ASP A . n 
A 1 105 PHE 105 105 105 PHE PHE A . n 
A 1 106 GLY 106 106 106 GLY GLY A . n 
A 1 107 VAL 107 107 107 VAL VAL A . n 
A 1 108 THR 108 108 108 THR THR A . n 
A 1 109 VAL 109 109 109 VAL VAL A . n 
A 1 110 ALA 110 110 110 ALA ALA A . n 
A 1 111 LYS 111 111 111 LYS LYS A . n 
A 1 112 ASN 112 112 112 ASN ASN A . n 
A 1 113 ILE 113 113 113 ILE ILE A . n 
A 1 114 ILE 114 114 114 ILE ILE A . n 
A 1 115 HIS 115 115 115 HIS HIS A . n 
A 1 116 GLY 116 116 116 GLY GLY A . n 
A 1 117 SER 117 117 117 SER SER A . n 
A 1 118 ASP 118 118 118 ASP ASP A . n 
A 1 119 SER 119 119 119 SER SER A . n 
A 1 120 LEU 120 120 120 LEU LEU A . n 
A 1 121 GLU 121 121 121 GLU GLU A . n 
A 1 122 SER 122 122 122 SER SER A . n 
A 1 123 ALA 123 123 123 ALA ALA A . n 
A 1 124 GLU 124 124 124 GLU GLU A . n 
A 1 125 ARG 125 125 125 ARG ARG A . n 
A 1 126 GLU 126 126 126 GLU GLU A . n 
A 1 127 ILE 127 127 127 ILE ILE A . n 
A 1 128 GLY 128 128 128 GLY GLY A . n 
A 1 129 ILE 129 129 129 ILE ILE A . n 
A 1 130 PHE 130 130 130 PHE PHE A . n 
A 1 131 PHE 131 131 131 PHE PHE A . n 
A 1 132 LYS 132 132 132 LYS LYS A . n 
A 1 133 GLU 133 133 133 GLU GLU A . n 
A 1 134 GLU 134 134 134 GLU GLU A . n 
A 1 135 GLU 135 135 135 GLU GLU A . n 
A 1 136 LEU 136 136 136 LEU LEU A . n 
A 1 137 VAL 137 137 137 VAL VAL A . n 
A 1 138 ASP 138 138 138 ASP ASP A . n 
A 1 139 TYR 139 139 139 TYR TYR A . n 
A 1 140 SER 140 140 140 SER SER A . n 
A 1 141 LYS 141 141 141 LYS LYS A . n 
A 1 142 LEU 142 142 142 LEU LEU A . n 
A 1 143 MET 143 143 143 MET MET A . n 
A 1 144 ASN 144 144 144 ASN ASN A . n 
A 1 145 GLU 145 145 145 GLU GLU A . n 
A 1 146 TRP 146 146 146 TRP TRP A . n 
A 1 147 ILE 147 147 147 ILE ILE A . n 
A 1 148 TYR 148 148 148 TYR TYR A . n 
# 
loop_
_pdbx_nonpoly_scheme.asym_id 
_pdbx_nonpoly_scheme.entity_id 
_pdbx_nonpoly_scheme.mon_id 
_pdbx_nonpoly_scheme.ndb_seq_num 
_pdbx_nonpoly_scheme.pdb_seq_num 
_pdbx_nonpoly_scheme.auth_seq_num 
_pdbx_nonpoly_scheme.pdb_mon_id 
_pdbx_nonpoly_scheme.auth_mon_id 
_pdbx_nonpoly_scheme.pdb_strand_id 
_pdbx_nonpoly_scheme.pdb_ins_code 
B 2 HOH 1  2001 2001 HOH HOH A . 
B 2 HOH 2  2002 2002 HOH HOH A . 
B 2 HOH 3  2003 2003 HOH HOH A . 
B 2 HOH 4  2004 2004 HOH HOH A . 
B 2 HOH 5  2005 2005 HOH HOH A . 
B 2 HOH 6  2006 2006 HOH HOH A . 
B 2 HOH 7  2007 2007 HOH HOH A . 
B 2 HOH 8  2008 2008 HOH HOH A . 
B 2 HOH 9  2009 2009 HOH HOH A . 
B 2 HOH 10 2010 2010 HOH HOH A . 
B 2 HOH 11 2011 2011 HOH HOH A . 
B 2 HOH 12 2012 2012 HOH HOH A . 
B 2 HOH 13 2013 2013 HOH HOH A . 
B 2 HOH 14 2014 2014 HOH HOH A . 
B 2 HOH 15 2015 2015 HOH HOH A . 
B 2 HOH 16 2016 2016 HOH HOH A . 
B 2 HOH 17 2017 2017 HOH HOH A . 
B 2 HOH 18 2018 2018 HOH HOH A . 
B 2 HOH 19 2019 2019 HOH HOH A . 
B 2 HOH 20 2020 2020 HOH HOH A . 
B 2 HOH 21 2021 2021 HOH HOH A . 
B 2 HOH 22 2022 2022 HOH HOH A . 
B 2 HOH 23 2023 2023 HOH HOH A . 
B 2 HOH 24 2024 2024 HOH HOH A . 
B 2 HOH 25 2025 2025 HOH HOH A . 
B 2 HOH 26 2026 2026 HOH HOH A . 
B 2 HOH 27 2027 2027 HOH HOH A . 
B 2 HOH 28 2028 2028 HOH HOH A . 
B 2 HOH 29 2029 2029 HOH HOH A . 
B 2 HOH 30 2030 2030 HOH HOH A . 
B 2 HOH 31 2031 2031 HOH HOH A . 
B 2 HOH 32 2032 2032 HOH HOH A . 
B 2 HOH 33 2033 2033 HOH HOH A . 
B 2 HOH 34 2034 2034 HOH HOH A . 
B 2 HOH 35 2035 2035 HOH HOH A . 
B 2 HOH 36 2036 2036 HOH HOH A . 
B 2 HOH 37 2037 2037 HOH HOH A . 
B 2 HOH 38 2038 2038 HOH HOH A . 
B 2 HOH 39 2039 2039 HOH HOH A . 
B 2 HOH 40 2040 2040 HOH HOH A . 
B 2 HOH 41 2041 2041 HOH HOH A . 
B 2 HOH 42 2042 2042 HOH HOH A . 
B 2 HOH 43 2043 2043 HOH HOH A . 
B 2 HOH 44 2044 2044 HOH HOH A . 
B 2 HOH 45 2045 2045 HOH HOH A . 
B 2 HOH 46 2046 2046 HOH HOH A . 
B 2 HOH 47 2047 2047 HOH HOH A . 
B 2 HOH 48 2048 2048 HOH HOH A . 
B 2 HOH 49 2049 2049 HOH HOH A . 
B 2 HOH 50 2050 2050 HOH HOH A . 
B 2 HOH 51 2051 2051 HOH HOH A . 
B 2 HOH 52 2052 2052 HOH HOH A . 
B 2 HOH 53 2053 2053 HOH HOH A . 
B 2 HOH 54 2054 2054 HOH HOH A . 
B 2 HOH 55 2055 2055 HOH HOH A . 
B 2 HOH 56 2056 2056 HOH HOH A . 
B 2 HOH 57 2057 2057 HOH HOH A . 
B 2 HOH 58 2058 2058 HOH HOH A . 
B 2 HOH 59 2059 2059 HOH HOH A . 
B 2 HOH 60 2060 2060 HOH HOH A . 
B 2 HOH 61 2061 2061 HOH HOH A . 
B 2 HOH 62 2062 2062 HOH HOH A . 
B 2 HOH 63 2063 2063 HOH HOH A . 
B 2 HOH 64 2064 2064 HOH HOH A . 
B 2 HOH 65 2065 2065 HOH HOH A . 
B 2 HOH 66 2066 2066 HOH HOH A . 
B 2 HOH 67 2067 2067 HOH HOH A . 
B 2 HOH 68 2068 2068 HOH HOH A . 
B 2 HOH 69 2069 2069 HOH HOH A . 
B 2 HOH 70 2070 2070 HOH HOH A . 
B 2 HOH 71 2071 2071 HOH HOH A . 
B 2 HOH 72 2072 2072 HOH HOH A . 
B 2 HOH 73 2073 2073 HOH HOH A . 
B 2 HOH 74 2074 2074 HOH HOH A . 
B 2 HOH 75 2075 2075 HOH HOH A . 
B 2 HOH 76 2076 2076 HOH HOH A . 
B 2 HOH 77 2077 2077 HOH HOH A . 
B 2 HOH 78 2078 2078 HOH HOH A . 
B 2 HOH 79 2079 2079 HOH HOH A . 
B 2 HOH 80 2080 2080 HOH HOH A . 
# 
loop_
_pdbx_unobs_or_zero_occ_atoms.id 
_pdbx_unobs_or_zero_occ_atoms.PDB_model_num 
_pdbx_unobs_or_zero_occ_atoms.polymer_flag 
_pdbx_unobs_or_zero_occ_atoms.occupancy_flag 
_pdbx_unobs_or_zero_occ_atoms.auth_asym_id 
_pdbx_unobs_or_zero_occ_atoms.auth_comp_id 
_pdbx_unobs_or_zero_occ_atoms.auth_seq_id 
_pdbx_unobs_or_zero_occ_atoms.PDB_ins_code 
_pdbx_unobs_or_zero_occ_atoms.auth_atom_id 
_pdbx_unobs_or_zero_occ_atoms.label_alt_id 
_pdbx_unobs_or_zero_occ_atoms.label_asym_id 
_pdbx_unobs_or_zero_occ_atoms.label_comp_id 
_pdbx_unobs_or_zero_occ_atoms.label_seq_id 
_pdbx_unobs_or_zero_occ_atoms.label_atom_id 
1  1 Y 0 A VAL 13  ? C   ? A VAL 13  C   
2  1 Y 0 A VAL 13  ? O   ? A VAL 13  O   
3  1 Y 0 A VAL 13  ? CG1 ? A VAL 13  CG1 
4  1 Y 0 A VAL 13  ? CG2 ? A VAL 13  CG2 
5  1 Y 0 A LYS 27  ? CG  ? A LYS 27  CG  
6  1 Y 0 A LYS 27  ? CD  ? A LYS 27  CD  
7  1 Y 0 A LYS 27  ? CE  ? A LYS 27  CE  
8  1 Y 0 A LYS 27  ? NZ  ? A LYS 27  NZ  
9  1 Y 0 A GLU 43  ? CG  ? A GLU 43  CG  
10 1 Y 0 A GLU 43  ? CD  ? A GLU 43  CD  
11 1 Y 0 A GLU 43  ? OE1 ? A GLU 43  OE1 
12 1 Y 0 A GLU 43  ? OE2 ? A GLU 43  OE2 
13 1 Y 0 A GLN 47  ? CG  ? A GLN 47  CG  
14 1 Y 0 A GLN 47  ? CD  ? A GLN 47  CD  
15 1 Y 0 A GLN 47  ? OE1 ? A GLN 47  OE1 
16 1 Y 0 A GLU 53  ? CG  ? A GLU 53  CG  
17 1 Y 0 A GLU 53  ? CD  ? A GLU 53  CD  
18 1 Y 0 A GLU 53  ? OE1 ? A GLU 53  OE1 
19 1 Y 0 A GLU 53  ? OE2 ? A GLU 53  OE2 
20 1 Y 0 A GLU 54  ? CG  ? A GLU 54  CG  
21 1 Y 0 A GLU 54  ? CD  ? A GLU 54  CD  
22 1 Y 0 A GLU 54  ? OE1 ? A GLU 54  OE1 
23 1 Y 0 A GLU 54  ? OE2 ? A GLU 54  OE2 
24 1 Y 0 A LYS 55  ? CG  ? A LYS 55  CG  
25 1 Y 0 A LYS 55  ? CD  ? A LYS 55  CD  
26 1 Y 0 A LYS 55  ? CE  ? A LYS 55  CE  
27 1 Y 0 A LYS 55  ? NZ  ? A LYS 55  NZ  
28 1 Y 0 A ASP 63  ? CG  ? A ASP 63  CG  
29 1 Y 0 A ASP 63  ? OD1 ? A ASP 63  OD1 
30 1 Y 0 A ASP 63  ? OD2 ? A ASP 63  OD2 
31 1 Y 0 A HIS 94  ? CG  ? A HIS 94  CG  
32 1 Y 0 A HIS 94  ? ND1 ? A HIS 94  ND1 
33 1 Y 0 A HIS 94  ? CD2 ? A HIS 94  CD2 
34 1 Y 0 A HIS 94  ? CE1 ? A HIS 94  CE1 
35 1 Y 0 A HIS 94  ? NE2 ? A HIS 94  NE2 
36 1 Y 0 A MET 143 ? CG  ? A MET 143 CG  
37 1 Y 0 A MET 143 ? SD  ? A MET 143 SD  
38 1 Y 0 A MET 143 ? CE  ? A MET 143 CE  
# 
loop_
_software.name 
_software.classification 
_software.version 
_software.citation_id 
_software.pdbx_ordinal 
REFMAC refinement       5.2.0005 ? 1 
MOSFLM 'data reduction' .        ? 2 
SCALA  'data scaling'   .        ? 3 
# 
_cell.entry_id           2VU5 
_cell.length_a           107.531 
_cell.length_b           107.531 
_cell.length_c           52.301 
_cell.angle_alpha        90.00 
_cell.angle_beta         90.00 
_cell.angle_gamma        120.00 
_cell.Z_PDB              12 
_cell.pdbx_unique_axis   ? 
# 
_symmetry.entry_id                         2VU5 
_symmetry.space_group_name_H-M             'P 63 2 2' 
_symmetry.pdbx_full_space_group_name_H-M   ? 
_symmetry.cell_setting                     ? 
_symmetry.Int_Tables_number                182 
# 
_exptl.entry_id          2VU5 
_exptl.method            'X-RAY DIFFRACTION' 
_exptl.crystals_number   1 
# 
_exptl_crystal.id                    1 
_exptl_crystal.density_meas          ? 
_exptl_crystal.density_Matthews      2.1 
_exptl_crystal.density_percent_sol   36.9 
_exptl_crystal.description           NONE 
# 
_exptl_crystal_grow.crystal_id      1 
_exptl_crystal_grow.method          ? 
_exptl_crystal_grow.temp            ? 
_exptl_crystal_grow.temp_details    ? 
_exptl_crystal_grow.pH              8 
_exptl_crystal_grow.pdbx_pH_range   ? 
_exptl_crystal_grow.pdbx_details    'pH 8' 
# 
_diffrn.id                     1 
_diffrn.ambient_temp           293 
_diffrn.ambient_temp_details   ? 
_diffrn.crystal_id             1 
# 
_diffrn_detector.diffrn_id              1 
_diffrn_detector.detector               'IMAGE PLATE' 
_diffrn_detector.type                   MARRESEARCH 
_diffrn_detector.pdbx_collection_date   ? 
_diffrn_detector.details                'YALE MIRRORS' 
# 
_diffrn_radiation.diffrn_id                        1 
_diffrn_radiation.wavelength_id                    1 
_diffrn_radiation.pdbx_monochromatic_or_laue_m_l   M 
_diffrn_radiation.monochromator                    ? 
_diffrn_radiation.pdbx_diffrn_protocol             'SINGLE WAVELENGTH' 
_diffrn_radiation.pdbx_scattering_type             x-ray 
# 
_diffrn_radiation_wavelength.id           1 
_diffrn_radiation_wavelength.wavelength   1.5418 
_diffrn_radiation_wavelength.wt           1.0 
# 
_diffrn_source.diffrn_id                   1 
_diffrn_source.source                      'ROTATING ANODE' 
_diffrn_source.type                        'RIGAKU RU200' 
_diffrn_source.pdbx_synchrotron_site       ? 
_diffrn_source.pdbx_synchrotron_beamline   ? 
_diffrn_source.pdbx_wavelength             1.5418 
_diffrn_source.pdbx_wavelength_list        ? 
# 
_reflns.pdbx_diffrn_id               1 
_reflns.pdbx_ordinal                 1 
_reflns.entry_id                     2VU5 
_reflns.observed_criterion_sigma_I   2.0 
_reflns.observed_criterion_sigma_F   ? 
_reflns.d_resolution_low             26.70 
_reflns.d_resolution_high            2.00 
_reflns.number_obs                   12490 
_reflns.number_all                   ? 
_reflns.percent_possible_obs         99.9 
_reflns.pdbx_Rmerge_I_obs            0.09 
_reflns.pdbx_Rsym_value              ? 
_reflns.pdbx_netI_over_sigmaI        14.90 
_reflns.B_iso_Wilson_estimate        ? 
_reflns.pdbx_redundancy              6.3 
# 
_refine.pdbx_refine_id                           'X-RAY DIFFRACTION' 
_refine.entry_id                                 2VU5 
_refine.pdbx_diffrn_id                           1 
_refine.pdbx_TLS_residual_ADP_flag               ? 
_refine.ls_number_reflns_obs                     11540 
_refine.ls_number_reflns_all                     ? 
_refine.pdbx_ls_sigma_I                          ? 
_refine.pdbx_ls_sigma_F                          . 
_refine.pdbx_data_cutoff_high_absF               ? 
_refine.pdbx_data_cutoff_low_absF                ? 
_refine.pdbx_data_cutoff_high_rms_absF           ? 
_refine.ls_d_res_low                             93.25 
_refine.ls_d_res_high                            2.00 
_refine.ls_percent_reflns_obs                    99.63 
_refine.ls_R_factor_obs                          0.17707 
_refine.ls_R_factor_all                          ? 
_refine.ls_R_factor_R_work                       0.17348 
_refine.ls_R_factor_R_free                       0.22272 
_refine.ls_R_factor_R_free_error                 ? 
_refine.ls_R_factor_R_free_error_details         ? 
_refine.ls_percent_reflns_R_free                 7.5 
_refine.ls_number_reflns_R_free                  931 
_refine.ls_number_parameters                     ? 
_refine.ls_number_restraints                     ? 
_refine.occupancy_min                            ? 
_refine.occupancy_max                            ? 
_refine.correlation_coeff_Fo_to_Fc               0.962 
_refine.correlation_coeff_Fo_to_Fc_free          0.936 
_refine.B_iso_mean                               26.369 
_refine.aniso_B[1][1]                            -0.08 
_refine.aniso_B[2][2]                            -0.08 
_refine.aniso_B[3][3]                            0.12 
_refine.aniso_B[1][2]                            -0.04 
_refine.aniso_B[1][3]                            0.00 
_refine.aniso_B[2][3]                            0.00 
_refine.solvent_model_details                    MASK 
_refine.solvent_model_param_ksol                 ? 
_refine.solvent_model_param_bsol                 ? 
_refine.pdbx_solvent_vdw_probe_radii             1.20 
_refine.pdbx_solvent_ion_probe_radii             0.80 
_refine.pdbx_solvent_shrinkage_radii             0.80 
_refine.pdbx_ls_cross_valid_method               THROUGHOUT 
_refine.details                                  'HYDROGENS HAVE BEEN ADDED IN THE RIDING POSITIONS.' 
_refine.pdbx_starting_model                      NONE 
_refine.pdbx_method_to_determine_struct          OTHER 
_refine.pdbx_isotropic_thermal_model             ? 
_refine.pdbx_stereochemistry_target_values       'MAXIMUM LIKELIHOOD' 
_refine.pdbx_stereochem_target_val_spec_case     ? 
_refine.pdbx_R_Free_selection_details            RANDOM 
_refine.pdbx_overall_ESU_R                       0.152 
_refine.pdbx_overall_ESU_R_Free                  0.148 
_refine.overall_SU_ML                            0.097 
_refine.pdbx_overall_phase_error                 ? 
_refine.overall_SU_B                             3.441 
_refine.overall_SU_R_Cruickshank_DPI             ? 
_refine.pdbx_overall_SU_R_free_Cruickshank_DPI   ? 
_refine.pdbx_overall_SU_R_Blow_DPI               ? 
_refine.pdbx_overall_SU_R_free_Blow_DPI          ? 
# 
_refine_hist.pdbx_refine_id                   'X-RAY DIFFRACTION' 
_refine_hist.cycle_id                         LAST 
_refine_hist.pdbx_number_atoms_protein        1170 
_refine_hist.pdbx_number_atoms_nucleic_acid   0 
_refine_hist.pdbx_number_atoms_ligand         0 
_refine_hist.number_atoms_solvent             80 
_refine_hist.number_atoms_total               1250 
_refine_hist.d_res_high                       2.00 
_refine_hist.d_res_low                        93.25 
# 
loop_
_refine_ls_restr.type 
_refine_ls_restr.dev_ideal 
_refine_ls_restr.dev_ideal_target 
_refine_ls_restr.weight 
_refine_ls_restr.number 
_refine_ls_restr.pdbx_refine_id 
_refine_ls_restr.pdbx_restraint_function 
r_bond_refined_d             0.015  0.022  ? 1156 'X-RAY DIFFRACTION' ? 
r_bond_other_d               ?      ?      ? ?    'X-RAY DIFFRACTION' ? 
r_angle_refined_deg          1.500  1.945  ? 1559 'X-RAY DIFFRACTION' ? 
r_angle_other_deg            ?      ?      ? ?    'X-RAY DIFFRACTION' ? 
r_dihedral_angle_1_deg       5.840  5.000  ? 146  'X-RAY DIFFRACTION' ? 
r_dihedral_angle_2_deg       40.172 23.922 ? 51   'X-RAY DIFFRACTION' ? 
r_dihedral_angle_3_deg       16.169 15.000 ? 189  'X-RAY DIFFRACTION' ? 
r_dihedral_angle_4_deg       29.035 15.000 ? 6    'X-RAY DIFFRACTION' ? 
r_chiral_restr               0.110  0.200  ? 168  'X-RAY DIFFRACTION' ? 
r_gen_planes_refined         0.006  0.020  ? 881  'X-RAY DIFFRACTION' ? 
r_gen_planes_other           ?      ?      ? ?    'X-RAY DIFFRACTION' ? 
r_nbd_refined                0.230  0.200  ? 443  'X-RAY DIFFRACTION' ? 
r_nbd_other                  ?      ?      ? ?    'X-RAY DIFFRACTION' ? 
r_nbtor_refined              0.309  0.200  ? 793  'X-RAY DIFFRACTION' ? 
r_nbtor_other                ?      ?      ? ?    'X-RAY DIFFRACTION' ? 
r_xyhbond_nbd_refined        0.123  0.200  ? 63   'X-RAY DIFFRACTION' ? 
r_xyhbond_nbd_other          ?      ?      ? ?    'X-RAY DIFFRACTION' ? 
r_metal_ion_refined          ?      ?      ? ?    'X-RAY DIFFRACTION' ? 
r_metal_ion_other            ?      ?      ? ?    'X-RAY DIFFRACTION' ? 
r_symmetry_vdw_refined       0.173  0.200  ? 46   'X-RAY DIFFRACTION' ? 
r_symmetry_vdw_other         ?      ?      ? ?    'X-RAY DIFFRACTION' ? 
r_symmetry_hbond_refined     0.333  0.200  ? 12   'X-RAY DIFFRACTION' ? 
r_symmetry_hbond_other       ?      ?      ? ?    'X-RAY DIFFRACTION' ? 
r_symmetry_metal_ion_refined ?      ?      ? ?    'X-RAY DIFFRACTION' ? 
r_symmetry_metal_ion_other   ?      ?      ? ?    'X-RAY DIFFRACTION' ? 
r_mcbond_it                  1.135  1.500  ? 746  'X-RAY DIFFRACTION' ? 
r_mcbond_other               ?      ?      ? ?    'X-RAY DIFFRACTION' ? 
r_mcangle_it                 1.860  2.000  ? 1156 'X-RAY DIFFRACTION' ? 
r_mcangle_other              ?      ?      ? ?    'X-RAY DIFFRACTION' ? 
r_scbond_it                  3.091  3.000  ? 463  'X-RAY DIFFRACTION' ? 
r_scbond_other               ?      ?      ? ?    'X-RAY DIFFRACTION' ? 
r_scangle_it                 5.390  4.500  ? 403  'X-RAY DIFFRACTION' ? 
r_scangle_other              ?      ?      ? ?    'X-RAY DIFFRACTION' ? 
r_long_range_B_refined       ?      ?      ? ?    'X-RAY DIFFRACTION' ? 
r_long_range_B_other         ?      ?      ? ?    'X-RAY DIFFRACTION' ? 
r_rigid_bond_restr           ?      ?      ? ?    'X-RAY DIFFRACTION' ? 
r_sphericity_free            ?      ?      ? ?    'X-RAY DIFFRACTION' ? 
r_sphericity_bonded          ?      ?      ? ?    'X-RAY DIFFRACTION' ? 
# 
_refine_ls_shell.pdbx_refine_id                   'X-RAY DIFFRACTION' 
_refine_ls_shell.pdbx_total_number_of_bins_used   20 
_refine_ls_shell.d_res_high                       2.000 
_refine_ls_shell.d_res_low                        2.052 
_refine_ls_shell.number_reflns_R_work             833 
_refine_ls_shell.R_factor_R_work                  0.233 
_refine_ls_shell.percent_reflns_obs               ? 
_refine_ls_shell.R_factor_R_free                  0.296 
_refine_ls_shell.R_factor_R_free_error            ? 
_refine_ls_shell.percent_reflns_R_free            ? 
_refine_ls_shell.number_reflns_R_free             63 
_refine_ls_shell.number_reflns_all                ? 
_refine_ls_shell.R_factor_all                     ? 
# 
_struct.entry_id                  2VU5 
_struct.title                     'Crystal structure of Pndk from Bacillus anthracis' 
_struct.pdbx_model_details        ? 
_struct.pdbx_CASP_flag            ? 
_struct.pdbx_model_type_details   ? 
# 
_struct_keywords.entry_id        2VU5 
_struct_keywords.pdbx_keywords   TRANSFERASE 
_struct_keywords.text            
;BACILLUS ANTHRACIS, NUCLEOTIDE-BINDING, ATP-BINDING, METAL-BINDING, PHOSPHOPROTEIN, NUCLEOTIDE METABOLISM, NUCLEOSIDE DIPHOSPHATE KINASE, KINASE, CYTOPLASM, MAGNESIUM, TRANSFERASE
;
# 
loop_
_struct_asym.id 
_struct_asym.pdbx_blank_PDB_chainid_flag 
_struct_asym.pdbx_modified 
_struct_asym.entity_id 
_struct_asym.details 
A N N 1 ? 
B N N 2 ? 
# 
_struct_ref.id                         1 
_struct_ref.db_name                    UNP 
_struct_ref.db_code                    NDK_BACAN 
_struct_ref.entity_id                  1 
_struct_ref.pdbx_seq_one_letter_code   ? 
_struct_ref.pdbx_align_begin           ? 
_struct_ref.pdbx_db_accession          Q81SV8 
_struct_ref.pdbx_db_isoform            ? 
# 
_struct_ref_seq.align_id                      1 
_struct_ref_seq.ref_id                        1 
_struct_ref_seq.pdbx_PDB_id_code              2VU5 
_struct_ref_seq.pdbx_strand_id                A 
_struct_ref_seq.seq_align_beg                 1 
_struct_ref_seq.pdbx_seq_align_beg_ins_code   ? 
_struct_ref_seq.seq_align_end                 148 
_struct_ref_seq.pdbx_seq_align_end_ins_code   ? 
_struct_ref_seq.pdbx_db_accession             Q81SV8 
_struct_ref_seq.db_align_beg                  1 
_struct_ref_seq.pdbx_db_align_beg_ins_code    ? 
_struct_ref_seq.db_align_end                  148 
_struct_ref_seq.pdbx_db_align_end_ins_code    ? 
_struct_ref_seq.pdbx_auth_seq_align_beg       1 
_struct_ref_seq.pdbx_auth_seq_align_end       148 
# 
_struct_ref_seq_dif.align_id                     1 
_struct_ref_seq_dif.pdbx_pdb_id_code             2VU5 
_struct_ref_seq_dif.mon_id                       GLU 
_struct_ref_seq_dif.pdbx_pdb_strand_id           A 
_struct_ref_seq_dif.seq_num                      53 
_struct_ref_seq_dif.pdbx_pdb_ins_code            ? 
_struct_ref_seq_dif.pdbx_seq_db_name             UNP 
_struct_ref_seq_dif.pdbx_seq_db_accession_code   Q81SV8 
_struct_ref_seq_dif.db_mon_id                    THR 
_struct_ref_seq_dif.pdbx_seq_db_seq_num          53 
_struct_ref_seq_dif.details                      conflict 
_struct_ref_seq_dif.pdbx_auth_seq_num            53 
_struct_ref_seq_dif.pdbx_ordinal                 1 
# 
_pdbx_struct_assembly.id                   1 
_pdbx_struct_assembly.details              author_and_software_defined_assembly 
_pdbx_struct_assembly.method_details       PQS 
_pdbx_struct_assembly.oligomeric_details   hexameric 
_pdbx_struct_assembly.oligomeric_count     6 
# 
loop_
_pdbx_struct_assembly_prop.biol_id 
_pdbx_struct_assembly_prop.type 
_pdbx_struct_assembly_prop.value 
_pdbx_struct_assembly_prop.details 
1 'ABSA (A^2)' 17740  ? 
1 MORE         -113.4 ? 
1 'SSA (A^2)'  41740  ? 
# 
_pdbx_struct_assembly_gen.assembly_id       1 
_pdbx_struct_assembly_gen.oper_expression   1,2,3,4,5,6 
_pdbx_struct_assembly_gen.asym_id_list      A,B 
# 
loop_
_pdbx_struct_oper_list.id 
_pdbx_struct_oper_list.type 
_pdbx_struct_oper_list.name 
_pdbx_struct_oper_list.symmetry_operation 
_pdbx_struct_oper_list.matrix[1][1] 
_pdbx_struct_oper_list.matrix[1][2] 
_pdbx_struct_oper_list.matrix[1][3] 
_pdbx_struct_oper_list.vector[1] 
_pdbx_struct_oper_list.matrix[2][1] 
_pdbx_struct_oper_list.matrix[2][2] 
_pdbx_struct_oper_list.matrix[2][3] 
_pdbx_struct_oper_list.vector[2] 
_pdbx_struct_oper_list.matrix[3][1] 
_pdbx_struct_oper_list.matrix[3][2] 
_pdbx_struct_oper_list.matrix[3][3] 
_pdbx_struct_oper_list.vector[3] 
1 'identity operation'         1_555  x,y,z            1.0000000000  0.0000000000  0.0000000000  0.0000000000  0.0000000000  1.0000000000  0.0000000000  0.0000000000   0.0000000000  0.0000000000  1.0000000000  0.0000000000   
2 'crystal symmetry operation' 11_555 -x+y,y,-z+1/2    0.5240333870  -0.5263763120 -0.6695647747 -4.2802989581 -0.5263763120 -0.8181981942 0.2312567689  12.5927823822  -0.6695647747 0.2312567689  -0.7058351928 -19.6424025936 
3 'crystal symmetry operation' 3_565  -x+y,-x+1,z      -0.4819523963 -0.7612357222 -0.4338687163 14.8827373906 0.5490804217  0.1234881979  -0.8265962470 -22.1250572003 0.6828122569  -0.6366088597 0.3584641984  -21.0133737015 
4 'crystal symmetry operation' 2_665  -y+1,x-y+1,z     -0.4819523963 0.5490804217  0.6828122569  33.6693958093 -0.7612357222 0.1234881979  -0.6366088597 0.6841549163   -0.4338687163 -0.8265962470 0.3584641984  -4.2987929202  
5 'crystal symmetry operation' 12_565 x,x-y+1,-z+1/2   0.4386405146  0.7761949408  0.4528972432  15.8817859373 0.7761949408  -0.5812167251 0.2443532941  -6.6838892887  0.4528972432  0.2443532941  -0.8574237895 -38.9937892271 
6 'crystal symmetry operation' 10_665 -y+1,-x+1,-z+1/2 -0.9987691089 -0.0376633283 -0.0322760092 29.2346731637 -0.0376633283 0.1524385235  0.9875950437  18.0020589052  -0.0322760092 0.9875950437  -0.1536694146 -19.8919498628 
# 
_struct_biol.id   1 
# 
loop_
_struct_conf.conf_type_id 
_struct_conf.id 
_struct_conf.pdbx_PDB_helix_id 
_struct_conf.beg_label_comp_id 
_struct_conf.beg_label_asym_id 
_struct_conf.beg_label_seq_id 
_struct_conf.pdbx_beg_PDB_ins_code 
_struct_conf.end_label_comp_id 
_struct_conf.end_label_asym_id 
_struct_conf.end_label_seq_id 
_struct_conf.pdbx_end_PDB_ins_code 
_struct_conf.beg_auth_comp_id 
_struct_conf.beg_auth_asym_id 
_struct_conf.beg_auth_seq_id 
_struct_conf.end_auth_comp_id 
_struct_conf.end_auth_asym_id 
_struct_conf.end_auth_seq_id 
_struct_conf.pdbx_PDB_helix_class 
_struct_conf.details 
_struct_conf.pdbx_PDB_helix_length 
HELX_P HELX_P1  1  LYS A 9   ? ARG A 15  ? LYS A 9   ARG A 15  1 ? 7  
HELX_P HELX_P2  2  PHE A 17  ? GLY A 29  ? PHE A 17  GLY A 29  1 ? 13 
HELX_P HELX_P3  3  THR A 41  ? HIS A 48  ? THR A 41  HIS A 48  1 ? 8  
HELX_P HELX_P4  4  TYR A 49  ? HIS A 52  ? TYR A 49  HIS A 52  5 ? 4  
HELX_P HELX_P5  5  PRO A 56  ? ILE A 65  ? PRO A 56  ILE A 65  1 ? 10 
HELX_P HELX_P6  6  GLY A 79  ? GLY A 89  ? GLY A 79  GLY A 89  1 ? 11 
HELX_P HELX_P7  7  THR A 100 ? GLY A 106 ? THR A 100 GLY A 106 1 ? 7  
HELX_P HELX_P8  8  SER A 119 ? PHE A 131 ? SER A 119 PHE A 131 1 ? 13 
HELX_P HELX_P9  9  LYS A 132 ? LEU A 136 ? LYS A 132 LEU A 136 5 ? 5  
HELX_P HELX_P10 10 LYS A 141 ? ILE A 147 ? LYS A 141 ILE A 147 5 ? 7  
# 
_struct_conf_type.id          HELX_P 
_struct_conf_type.criteria    ? 
_struct_conf_type.reference   ? 
# 
_struct_sheet.id               AA 
_struct_sheet.type             ? 
_struct_sheet.number_strands   4 
_struct_sheet.details          ? 
# 
loop_
_struct_sheet_order.sheet_id 
_struct_sheet_order.range_id_1 
_struct_sheet_order.range_id_2 
_struct_sheet_order.offset 
_struct_sheet_order.sense 
AA 1 2 ? anti-parallel 
AA 2 3 ? anti-parallel 
AA 3 4 ? anti-parallel 
# 
loop_
_struct_sheet_range.sheet_id 
_struct_sheet_range.id 
_struct_sheet_range.beg_label_comp_id 
_struct_sheet_range.beg_label_asym_id 
_struct_sheet_range.beg_label_seq_id 
_struct_sheet_range.pdbx_beg_PDB_ins_code 
_struct_sheet_range.end_label_comp_id 
_struct_sheet_range.end_label_asym_id 
_struct_sheet_range.end_label_seq_id 
_struct_sheet_range.pdbx_end_PDB_ins_code 
_struct_sheet_range.beg_auth_comp_id 
_struct_sheet_range.beg_auth_asym_id 
_struct_sheet_range.beg_auth_seq_id 
_struct_sheet_range.end_auth_comp_id 
_struct_sheet_range.end_auth_asym_id 
_struct_sheet_range.end_auth_seq_id 
AA 1 GLN A 31  ? MET A 38  ? GLN A 31  MET A 38  
AA 2 VAL A 70  ? GLN A 76  ? VAL A 70  GLN A 76  
AA 3 LYS A 3   ? VAL A 8   ? LYS A 3   VAL A 8   
AA 4 ILE A 114 ? GLY A 116 ? ILE A 114 GLY A 116 
# 
loop_
_pdbx_struct_sheet_hbond.sheet_id 
_pdbx_struct_sheet_hbond.range_id_1 
_pdbx_struct_sheet_hbond.range_id_2 
_pdbx_struct_sheet_hbond.range_1_label_atom_id 
_pdbx_struct_sheet_hbond.range_1_label_comp_id 
_pdbx_struct_sheet_hbond.range_1_label_asym_id 
_pdbx_struct_sheet_hbond.range_1_label_seq_id 
_pdbx_struct_sheet_hbond.range_1_PDB_ins_code 
_pdbx_struct_sheet_hbond.range_1_auth_atom_id 
_pdbx_struct_sheet_hbond.range_1_auth_comp_id 
_pdbx_struct_sheet_hbond.range_1_auth_asym_id 
_pdbx_struct_sheet_hbond.range_1_auth_seq_id 
_pdbx_struct_sheet_hbond.range_2_label_atom_id 
_pdbx_struct_sheet_hbond.range_2_label_comp_id 
_pdbx_struct_sheet_hbond.range_2_label_asym_id 
_pdbx_struct_sheet_hbond.range_2_label_seq_id 
_pdbx_struct_sheet_hbond.range_2_PDB_ins_code 
_pdbx_struct_sheet_hbond.range_2_auth_atom_id 
_pdbx_struct_sheet_hbond.range_2_auth_comp_id 
_pdbx_struct_sheet_hbond.range_2_auth_asym_id 
_pdbx_struct_sheet_hbond.range_2_auth_seq_id 
AA 1 2 N MET A 38 ? N MET A 38 O VAL A 70  ? O VAL A 70  
AA 2 3 N TRP A 75 ? N TRP A 75 O THR A 4   ? O THR A 4   
AA 3 4 N MET A 7  ? N MET A 7  O HIS A 115 ? O HIS A 115 
# 
loop_
_pdbx_validate_rmsd_angle.id 
_pdbx_validate_rmsd_angle.PDB_model_num 
_pdbx_validate_rmsd_angle.auth_atom_id_1 
_pdbx_validate_rmsd_angle.auth_asym_id_1 
_pdbx_validate_rmsd_angle.auth_comp_id_1 
_pdbx_validate_rmsd_angle.auth_seq_id_1 
_pdbx_validate_rmsd_angle.PDB_ins_code_1 
_pdbx_validate_rmsd_angle.label_alt_id_1 
_pdbx_validate_rmsd_angle.auth_atom_id_2 
_pdbx_validate_rmsd_angle.auth_asym_id_2 
_pdbx_validate_rmsd_angle.auth_comp_id_2 
_pdbx_validate_rmsd_angle.auth_seq_id_2 
_pdbx_validate_rmsd_angle.PDB_ins_code_2 
_pdbx_validate_rmsd_angle.label_alt_id_2 
_pdbx_validate_rmsd_angle.auth_atom_id_3 
_pdbx_validate_rmsd_angle.auth_asym_id_3 
_pdbx_validate_rmsd_angle.auth_comp_id_3 
_pdbx_validate_rmsd_angle.auth_seq_id_3 
_pdbx_validate_rmsd_angle.PDB_ins_code_3 
_pdbx_validate_rmsd_angle.label_alt_id_3 
_pdbx_validate_rmsd_angle.angle_value 
_pdbx_validate_rmsd_angle.angle_target_value 
_pdbx_validate_rmsd_angle.angle_deviation 
_pdbx_validate_rmsd_angle.angle_standard_deviation 
_pdbx_validate_rmsd_angle.linker_flag 
1 1 CG1 A VAL 13  ? ? CB A VAL 13  ? ? CG2 A VAL 13  ? ? 121.48 110.90 10.58  1.60 N 
2 1 OE1 A GLN 47  ? ? CD A GLN 47  ? ? NE2 A GLN 47  ? ? 88.56  121.90 -33.34 2.30 N 
3 1 CA  A GLU 53  ? ? CB A GLU 53  ? ? CG  A GLU 53  ? ? 127.76 113.40 14.36  2.20 N 
4 1 CA  A GLU 54  ? ? CB A GLU 54  ? ? CG  A GLU 54  ? ? 127.97 113.40 14.57  2.20 N 
5 1 NE  A ARG 102 ? ? CZ A ARG 102 ? ? NH1 A ARG 102 ? ? 114.53 120.30 -5.77  0.50 N 
6 1 NE  A ARG 102 ? ? CZ A ARG 102 ? ? NH2 A ARG 102 ? ? 125.24 120.30 4.94   0.50 N 
7 1 CG  A MET 143 ? ? SD A MET 143 ? ? CE  A MET 143 ? ? 110.20 100.20 10.00  1.60 N 
# 
_pdbx_validate_torsion.id              1 
_pdbx_validate_torsion.PDB_model_num   1 
_pdbx_validate_torsion.auth_comp_id    ILE 
_pdbx_validate_torsion.auth_asym_id    A 
_pdbx_validate_torsion.auth_seq_id     113 
_pdbx_validate_torsion.PDB_ins_code    ? 
_pdbx_validate_torsion.label_alt_id    ? 
_pdbx_validate_torsion.phi             80.02 
_pdbx_validate_torsion.psi             -48.89 
# 
_pdbx_validate_planes.id              1 
_pdbx_validate_planes.PDB_model_num   1 
_pdbx_validate_planes.auth_comp_id    GLN 
_pdbx_validate_planes.auth_asym_id    A 
_pdbx_validate_planes.auth_seq_id     47 
_pdbx_validate_planes.PDB_ins_code    ? 
_pdbx_validate_planes.label_alt_id    ? 
_pdbx_validate_planes.rmsd            0.182 
_pdbx_validate_planes.type            'SIDE CHAIN' 
# 
loop_
_pdbx_struct_special_symmetry.id 
_pdbx_struct_special_symmetry.PDB_model_num 
_pdbx_struct_special_symmetry.auth_asym_id 
_pdbx_struct_special_symmetry.auth_comp_id 
_pdbx_struct_special_symmetry.auth_seq_id 
_pdbx_struct_special_symmetry.PDB_ins_code 
_pdbx_struct_special_symmetry.label_asym_id 
_pdbx_struct_special_symmetry.label_comp_id 
_pdbx_struct_special_symmetry.label_seq_id 
1 1 A HOH 2029 ? B HOH . 
2 1 A HOH 2030 ? B HOH . 
# 
loop_
_chem_comp_atom.comp_id 
_chem_comp_atom.atom_id 
_chem_comp_atom.type_symbol 
_chem_comp_atom.pdbx_aromatic_flag 
_chem_comp_atom.pdbx_stereo_config 
_chem_comp_atom.pdbx_ordinal 
ALA N    N N N 1   
ALA CA   C N S 2   
ALA C    C N N 3   
ALA O    O N N 4   
ALA CB   C N N 5   
ALA OXT  O N N 6   
ALA H    H N N 7   
ALA H2   H N N 8   
ALA HA   H N N 9   
ALA HB1  H N N 10  
ALA HB2  H N N 11  
ALA HB3  H N N 12  
ALA HXT  H N N 13  
ARG N    N N N 14  
ARG CA   C N S 15  
ARG C    C N N 16  
ARG O    O N N 17  
ARG CB   C N N 18  
ARG CG   C N N 19  
ARG CD   C N N 20  
ARG NE   N N N 21  
ARG CZ   C N N 22  
ARG NH1  N N N 23  
ARG NH2  N N N 24  
ARG OXT  O N N 25  
ARG H    H N N 26  
ARG H2   H N N 27  
ARG HA   H N N 28  
ARG HB2  H N N 29  
ARG HB3  H N N 30  
ARG HG2  H N N 31  
ARG HG3  H N N 32  
ARG HD2  H N N 33  
ARG HD3  H N N 34  
ARG HE   H N N 35  
ARG HH11 H N N 36  
ARG HH12 H N N 37  
ARG HH21 H N N 38  
ARG HH22 H N N 39  
ARG HXT  H N N 40  
ASN N    N N N 41  
ASN CA   C N S 42  
ASN C    C N N 43  
ASN O    O N N 44  
ASN CB   C N N 45  
ASN CG   C N N 46  
ASN OD1  O N N 47  
ASN ND2  N N N 48  
ASN OXT  O N N 49  
ASN H    H N N 50  
ASN H2   H N N 51  
ASN HA   H N N 52  
ASN HB2  H N N 53  
ASN HB3  H N N 54  
ASN HD21 H N N 55  
ASN HD22 H N N 56  
ASN HXT  H N N 57  
ASP N    N N N 58  
ASP CA   C N S 59  
ASP C    C N N 60  
ASP O    O N N 61  
ASP CB   C N N 62  
ASP CG   C N N 63  
ASP OD1  O N N 64  
ASP OD2  O N N 65  
ASP OXT  O N N 66  
ASP H    H N N 67  
ASP H2   H N N 68  
ASP HA   H N N 69  
ASP HB2  H N N 70  
ASP HB3  H N N 71  
ASP HD2  H N N 72  
ASP HXT  H N N 73  
GLN N    N N N 74  
GLN CA   C N S 75  
GLN C    C N N 76  
GLN O    O N N 77  
GLN CB   C N N 78  
GLN CG   C N N 79  
GLN CD   C N N 80  
GLN OE1  O N N 81  
GLN NE2  N N N 82  
GLN OXT  O N N 83  
GLN H    H N N 84  
GLN H2   H N N 85  
GLN HA   H N N 86  
GLN HB2  H N N 87  
GLN HB3  H N N 88  
GLN HG2  H N N 89  
GLN HG3  H N N 90  
GLN HE21 H N N 91  
GLN HE22 H N N 92  
GLN HXT  H N N 93  
GLU N    N N N 94  
GLU CA   C N S 95  
GLU C    C N N 96  
GLU O    O N N 97  
GLU CB   C N N 98  
GLU CG   C N N 99  
GLU CD   C N N 100 
GLU OE1  O N N 101 
GLU OE2  O N N 102 
GLU OXT  O N N 103 
GLU H    H N N 104 
GLU H2   H N N 105 
GLU HA   H N N 106 
GLU HB2  H N N 107 
GLU HB3  H N N 108 
GLU HG2  H N N 109 
GLU HG3  H N N 110 
GLU HE2  H N N 111 
GLU HXT  H N N 112 
GLY N    N N N 113 
GLY CA   C N N 114 
GLY C    C N N 115 
GLY O    O N N 116 
GLY OXT  O N N 117 
GLY H    H N N 118 
GLY H2   H N N 119 
GLY HA2  H N N 120 
GLY HA3  H N N 121 
GLY HXT  H N N 122 
HIS N    N N N 123 
HIS CA   C N S 124 
HIS C    C N N 125 
HIS O    O N N 126 
HIS CB   C N N 127 
HIS CG   C Y N 128 
HIS ND1  N Y N 129 
HIS CD2  C Y N 130 
HIS CE1  C Y N 131 
HIS NE2  N Y N 132 
HIS OXT  O N N 133 
HIS H    H N N 134 
HIS H2   H N N 135 
HIS HA   H N N 136 
HIS HB2  H N N 137 
HIS HB3  H N N 138 
HIS HD1  H N N 139 
HIS HD2  H N N 140 
HIS HE1  H N N 141 
HIS HE2  H N N 142 
HIS HXT  H N N 143 
HOH O    O N N 144 
HOH H1   H N N 145 
HOH H2   H N N 146 
ILE N    N N N 147 
ILE CA   C N S 148 
ILE C    C N N 149 
ILE O    O N N 150 
ILE CB   C N S 151 
ILE CG1  C N N 152 
ILE CG2  C N N 153 
ILE CD1  C N N 154 
ILE OXT  O N N 155 
ILE H    H N N 156 
ILE H2   H N N 157 
ILE HA   H N N 158 
ILE HB   H N N 159 
ILE HG12 H N N 160 
ILE HG13 H N N 161 
ILE HG21 H N N 162 
ILE HG22 H N N 163 
ILE HG23 H N N 164 
ILE HD11 H N N 165 
ILE HD12 H N N 166 
ILE HD13 H N N 167 
ILE HXT  H N N 168 
LEU N    N N N 169 
LEU CA   C N S 170 
LEU C    C N N 171 
LEU O    O N N 172 
LEU CB   C N N 173 
LEU CG   C N N 174 
LEU CD1  C N N 175 
LEU CD2  C N N 176 
LEU OXT  O N N 177 
LEU H    H N N 178 
LEU H2   H N N 179 
LEU HA   H N N 180 
LEU HB2  H N N 181 
LEU HB3  H N N 182 
LEU HG   H N N 183 
LEU HD11 H N N 184 
LEU HD12 H N N 185 
LEU HD13 H N N 186 
LEU HD21 H N N 187 
LEU HD22 H N N 188 
LEU HD23 H N N 189 
LEU HXT  H N N 190 
LYS N    N N N 191 
LYS CA   C N S 192 
LYS C    C N N 193 
LYS O    O N N 194 
LYS CB   C N N 195 
LYS CG   C N N 196 
LYS CD   C N N 197 
LYS CE   C N N 198 
LYS NZ   N N N 199 
LYS OXT  O N N 200 
LYS H    H N N 201 
LYS H2   H N N 202 
LYS HA   H N N 203 
LYS HB2  H N N 204 
LYS HB3  H N N 205 
LYS HG2  H N N 206 
LYS HG3  H N N 207 
LYS HD2  H N N 208 
LYS HD3  H N N 209 
LYS HE2  H N N 210 
LYS HE3  H N N 211 
LYS HZ1  H N N 212 
LYS HZ2  H N N 213 
LYS HZ3  H N N 214 
LYS HXT  H N N 215 
MET N    N N N 216 
MET CA   C N S 217 
MET C    C N N 218 
MET O    O N N 219 
MET CB   C N N 220 
MET CG   C N N 221 
MET SD   S N N 222 
MET CE   C N N 223 
MET OXT  O N N 224 
MET H    H N N 225 
MET H2   H N N 226 
MET HA   H N N 227 
MET HB2  H N N 228 
MET HB3  H N N 229 
MET HG2  H N N 230 
MET HG3  H N N 231 
MET HE1  H N N 232 
MET HE2  H N N 233 
MET HE3  H N N 234 
MET HXT  H N N 235 
PHE N    N N N 236 
PHE CA   C N S 237 
PHE C    C N N 238 
PHE O    O N N 239 
PHE CB   C N N 240 
PHE CG   C Y N 241 
PHE CD1  C Y N 242 
PHE CD2  C Y N 243 
PHE CE1  C Y N 244 
PHE CE2  C Y N 245 
PHE CZ   C Y N 246 
PHE OXT  O N N 247 
PHE H    H N N 248 
PHE H2   H N N 249 
PHE HA   H N N 250 
PHE HB2  H N N 251 
PHE HB3  H N N 252 
PHE HD1  H N N 253 
PHE HD2  H N N 254 
PHE HE1  H N N 255 
PHE HE2  H N N 256 
PHE HZ   H N N 257 
PHE HXT  H N N 258 
PRO N    N N N 259 
PRO CA   C N S 260 
PRO C    C N N 261 
PRO O    O N N 262 
PRO CB   C N N 263 
PRO CG   C N N 264 
PRO CD   C N N 265 
PRO OXT  O N N 266 
PRO H    H N N 267 
PRO HA   H N N 268 
PRO HB2  H N N 269 
PRO HB3  H N N 270 
PRO HG2  H N N 271 
PRO HG3  H N N 272 
PRO HD2  H N N 273 
PRO HD3  H N N 274 
PRO HXT  H N N 275 
SER N    N N N 276 
SER CA   C N S 277 
SER C    C N N 278 
SER O    O N N 279 
SER CB   C N N 280 
SER OG   O N N 281 
SER OXT  O N N 282 
SER H    H N N 283 
SER H2   H N N 284 
SER HA   H N N 285 
SER HB2  H N N 286 
SER HB3  H N N 287 
SER HG   H N N 288 
SER HXT  H N N 289 
THR N    N N N 290 
THR CA   C N S 291 
THR C    C N N 292 
THR O    O N N 293 
THR CB   C N R 294 
THR OG1  O N N 295 
THR CG2  C N N 296 
THR OXT  O N N 297 
THR H    H N N 298 
THR H2   H N N 299 
THR HA   H N N 300 
THR HB   H N N 301 
THR HG1  H N N 302 
THR HG21 H N N 303 
THR HG22 H N N 304 
THR HG23 H N N 305 
THR HXT  H N N 306 
TRP N    N N N 307 
TRP CA   C N S 308 
TRP C    C N N 309 
TRP O    O N N 310 
TRP CB   C N N 311 
TRP CG   C Y N 312 
TRP CD1  C Y N 313 
TRP CD2  C Y N 314 
TRP NE1  N Y N 315 
TRP CE2  C Y N 316 
TRP CE3  C Y N 317 
TRP CZ2  C Y N 318 
TRP CZ3  C Y N 319 
TRP CH2  C Y N 320 
TRP OXT  O N N 321 
TRP H    H N N 322 
TRP H2   H N N 323 
TRP HA   H N N 324 
TRP HB2  H N N 325 
TRP HB3  H N N 326 
TRP HD1  H N N 327 
TRP HE1  H N N 328 
TRP HE3  H N N 329 
TRP HZ2  H N N 330 
TRP HZ3  H N N 331 
TRP HH2  H N N 332 
TRP HXT  H N N 333 
TYR N    N N N 334 
TYR CA   C N S 335 
TYR C    C N N 336 
TYR O    O N N 337 
TYR CB   C N N 338 
TYR CG   C Y N 339 
TYR CD1  C Y N 340 
TYR CD2  C Y N 341 
TYR CE1  C Y N 342 
TYR CE2  C Y N 343 
TYR CZ   C Y N 344 
TYR OH   O N N 345 
TYR OXT  O N N 346 
TYR H    H N N 347 
TYR H2   H N N 348 
TYR HA   H N N 349 
TYR HB2  H N N 350 
TYR HB3  H N N 351 
TYR HD1  H N N 352 
TYR HD2  H N N 353 
TYR HE1  H N N 354 
TYR HE2  H N N 355 
TYR HH   H N N 356 
TYR HXT  H N N 357 
VAL N    N N N 358 
VAL CA   C N S 359 
VAL C    C N N 360 
VAL O    O N N 361 
VAL CB   C N N 362 
VAL CG1  C N N 363 
VAL CG2  C N N 364 
VAL OXT  O N N 365 
VAL H    H N N 366 
VAL H2   H N N 367 
VAL HA   H N N 368 
VAL HB   H N N 369 
VAL HG11 H N N 370 
VAL HG12 H N N 371 
VAL HG13 H N N 372 
VAL HG21 H N N 373 
VAL HG22 H N N 374 
VAL HG23 H N N 375 
VAL HXT  H N N 376 
# 
loop_
_chem_comp_bond.comp_id 
_chem_comp_bond.atom_id_1 
_chem_comp_bond.atom_id_2 
_chem_comp_bond.value_order 
_chem_comp_bond.pdbx_aromatic_flag 
_chem_comp_bond.pdbx_stereo_config 
_chem_comp_bond.pdbx_ordinal 
ALA N   CA   sing N N 1   
ALA N   H    sing N N 2   
ALA N   H2   sing N N 3   
ALA CA  C    sing N N 4   
ALA CA  CB   sing N N 5   
ALA CA  HA   sing N N 6   
ALA C   O    doub N N 7   
ALA C   OXT  sing N N 8   
ALA CB  HB1  sing N N 9   
ALA CB  HB2  sing N N 10  
ALA CB  HB3  sing N N 11  
ALA OXT HXT  sing N N 12  
ARG N   CA   sing N N 13  
ARG N   H    sing N N 14  
ARG N   H2   sing N N 15  
ARG CA  C    sing N N 16  
ARG CA  CB   sing N N 17  
ARG CA  HA   sing N N 18  
ARG C   O    doub N N 19  
ARG C   OXT  sing N N 20  
ARG CB  CG   sing N N 21  
ARG CB  HB2  sing N N 22  
ARG CB  HB3  sing N N 23  
ARG CG  CD   sing N N 24  
ARG CG  HG2  sing N N 25  
ARG CG  HG3  sing N N 26  
ARG CD  NE   sing N N 27  
ARG CD  HD2  sing N N 28  
ARG CD  HD3  sing N N 29  
ARG NE  CZ   sing N N 30  
ARG NE  HE   sing N N 31  
ARG CZ  NH1  sing N N 32  
ARG CZ  NH2  doub N N 33  
ARG NH1 HH11 sing N N 34  
ARG NH1 HH12 sing N N 35  
ARG NH2 HH21 sing N N 36  
ARG NH2 HH22 sing N N 37  
ARG OXT HXT  sing N N 38  
ASN N   CA   sing N N 39  
ASN N   H    sing N N 40  
ASN N   H2   sing N N 41  
ASN CA  C    sing N N 42  
ASN CA  CB   sing N N 43  
ASN CA  HA   sing N N 44  
ASN C   O    doub N N 45  
ASN C   OXT  sing N N 46  
ASN CB  CG   sing N N 47  
ASN CB  HB2  sing N N 48  
ASN CB  HB3  sing N N 49  
ASN CG  OD1  doub N N 50  
ASN CG  ND2  sing N N 51  
ASN ND2 HD21 sing N N 52  
ASN ND2 HD22 sing N N 53  
ASN OXT HXT  sing N N 54  
ASP N   CA   sing N N 55  
ASP N   H    sing N N 56  
ASP N   H2   sing N N 57  
ASP CA  C    sing N N 58  
ASP CA  CB   sing N N 59  
ASP CA  HA   sing N N 60  
ASP C   O    doub N N 61  
ASP C   OXT  sing N N 62  
ASP CB  CG   sing N N 63  
ASP CB  HB2  sing N N 64  
ASP CB  HB3  sing N N 65  
ASP CG  OD1  doub N N 66  
ASP CG  OD2  sing N N 67  
ASP OD2 HD2  sing N N 68  
ASP OXT HXT  sing N N 69  
GLN N   CA   sing N N 70  
GLN N   H    sing N N 71  
GLN N   H2   sing N N 72  
GLN CA  C    sing N N 73  
GLN CA  CB   sing N N 74  
GLN CA  HA   sing N N 75  
GLN C   O    doub N N 76  
GLN C   OXT  sing N N 77  
GLN CB  CG   sing N N 78  
GLN CB  HB2  sing N N 79  
GLN CB  HB3  sing N N 80  
GLN CG  CD   sing N N 81  
GLN CG  HG2  sing N N 82  
GLN CG  HG3  sing N N 83  
GLN CD  OE1  doub N N 84  
GLN CD  NE2  sing N N 85  
GLN NE2 HE21 sing N N 86  
GLN NE2 HE22 sing N N 87  
GLN OXT HXT  sing N N 88  
GLU N   CA   sing N N 89  
GLU N   H    sing N N 90  
GLU N   H2   sing N N 91  
GLU CA  C    sing N N 92  
GLU CA  CB   sing N N 93  
GLU CA  HA   sing N N 94  
GLU C   O    doub N N 95  
GLU C   OXT  sing N N 96  
GLU CB  CG   sing N N 97  
GLU CB  HB2  sing N N 98  
GLU CB  HB3  sing N N 99  
GLU CG  CD   sing N N 100 
GLU CG  HG2  sing N N 101 
GLU CG  HG3  sing N N 102 
GLU CD  OE1  doub N N 103 
GLU CD  OE2  sing N N 104 
GLU OE2 HE2  sing N N 105 
GLU OXT HXT  sing N N 106 
GLY N   CA   sing N N 107 
GLY N   H    sing N N 108 
GLY N   H2   sing N N 109 
GLY CA  C    sing N N 110 
GLY CA  HA2  sing N N 111 
GLY CA  HA3  sing N N 112 
GLY C   O    doub N N 113 
GLY C   OXT  sing N N 114 
GLY OXT HXT  sing N N 115 
HIS N   CA   sing N N 116 
HIS N   H    sing N N 117 
HIS N   H2   sing N N 118 
HIS CA  C    sing N N 119 
HIS CA  CB   sing N N 120 
HIS CA  HA   sing N N 121 
HIS C   O    doub N N 122 
HIS C   OXT  sing N N 123 
HIS CB  CG   sing N N 124 
HIS CB  HB2  sing N N 125 
HIS CB  HB3  sing N N 126 
HIS CG  ND1  sing Y N 127 
HIS CG  CD2  doub Y N 128 
HIS ND1 CE1  doub Y N 129 
HIS ND1 HD1  sing N N 130 
HIS CD2 NE2  sing Y N 131 
HIS CD2 HD2  sing N N 132 
HIS CE1 NE2  sing Y N 133 
HIS CE1 HE1  sing N N 134 
HIS NE2 HE2  sing N N 135 
HIS OXT HXT  sing N N 136 
HOH O   H1   sing N N 137 
HOH O   H2   sing N N 138 
ILE N   CA   sing N N 139 
ILE N   H    sing N N 140 
ILE N   H2   sing N N 141 
ILE CA  C    sing N N 142 
ILE CA  CB   sing N N 143 
ILE CA  HA   sing N N 144 
ILE C   O    doub N N 145 
ILE C   OXT  sing N N 146 
ILE CB  CG1  sing N N 147 
ILE CB  CG2  sing N N 148 
ILE CB  HB   sing N N 149 
ILE CG1 CD1  sing N N 150 
ILE CG1 HG12 sing N N 151 
ILE CG1 HG13 sing N N 152 
ILE CG2 HG21 sing N N 153 
ILE CG2 HG22 sing N N 154 
ILE CG2 HG23 sing N N 155 
ILE CD1 HD11 sing N N 156 
ILE CD1 HD12 sing N N 157 
ILE CD1 HD13 sing N N 158 
ILE OXT HXT  sing N N 159 
LEU N   CA   sing N N 160 
LEU N   H    sing N N 161 
LEU N   H2   sing N N 162 
LEU CA  C    sing N N 163 
LEU CA  CB   sing N N 164 
LEU CA  HA   sing N N 165 
LEU C   O    doub N N 166 
LEU C   OXT  sing N N 167 
LEU CB  CG   sing N N 168 
LEU CB  HB2  sing N N 169 
LEU CB  HB3  sing N N 170 
LEU CG  CD1  sing N N 171 
LEU CG  CD2  sing N N 172 
LEU CG  HG   sing N N 173 
LEU CD1 HD11 sing N N 174 
LEU CD1 HD12 sing N N 175 
LEU CD1 HD13 sing N N 176 
LEU CD2 HD21 sing N N 177 
LEU CD2 HD22 sing N N 178 
LEU CD2 HD23 sing N N 179 
LEU OXT HXT  sing N N 180 
LYS N   CA   sing N N 181 
LYS N   H    sing N N 182 
LYS N   H2   sing N N 183 
LYS CA  C    sing N N 184 
LYS CA  CB   sing N N 185 
LYS CA  HA   sing N N 186 
LYS C   O    doub N N 187 
LYS C   OXT  sing N N 188 
LYS CB  CG   sing N N 189 
LYS CB  HB2  sing N N 190 
LYS CB  HB3  sing N N 191 
LYS CG  CD   sing N N 192 
LYS CG  HG2  sing N N 193 
LYS CG  HG3  sing N N 194 
LYS CD  CE   sing N N 195 
LYS CD  HD2  sing N N 196 
LYS CD  HD3  sing N N 197 
LYS CE  NZ   sing N N 198 
LYS CE  HE2  sing N N 199 
LYS CE  HE3  sing N N 200 
LYS NZ  HZ1  sing N N 201 
LYS NZ  HZ2  sing N N 202 
LYS NZ  HZ3  sing N N 203 
LYS OXT HXT  sing N N 204 
MET N   CA   sing N N 205 
MET N   H    sing N N 206 
MET N   H2   sing N N 207 
MET CA  C    sing N N 208 
MET CA  CB   sing N N 209 
MET CA  HA   sing N N 210 
MET C   O    doub N N 211 
MET C   OXT  sing N N 212 
MET CB  CG   sing N N 213 
MET CB  HB2  sing N N 214 
MET CB  HB3  sing N N 215 
MET CG  SD   sing N N 216 
MET CG  HG2  sing N N 217 
MET CG  HG3  sing N N 218 
MET SD  CE   sing N N 219 
MET CE  HE1  sing N N 220 
MET CE  HE2  sing N N 221 
MET CE  HE3  sing N N 222 
MET OXT HXT  sing N N 223 
PHE N   CA   sing N N 224 
PHE N   H    sing N N 225 
PHE N   H2   sing N N 226 
PHE CA  C    sing N N 227 
PHE CA  CB   sing N N 228 
PHE CA  HA   sing N N 229 
PHE C   O    doub N N 230 
PHE C   OXT  sing N N 231 
PHE CB  CG   sing N N 232 
PHE CB  HB2  sing N N 233 
PHE CB  HB3  sing N N 234 
PHE CG  CD1  doub Y N 235 
PHE CG  CD2  sing Y N 236 
PHE CD1 CE1  sing Y N 237 
PHE CD1 HD1  sing N N 238 
PHE CD2 CE2  doub Y N 239 
PHE CD2 HD2  sing N N 240 
PHE CE1 CZ   doub Y N 241 
PHE CE1 HE1  sing N N 242 
PHE CE2 CZ   sing Y N 243 
PHE CE2 HE2  sing N N 244 
PHE CZ  HZ   sing N N 245 
PHE OXT HXT  sing N N 246 
PRO N   CA   sing N N 247 
PRO N   CD   sing N N 248 
PRO N   H    sing N N 249 
PRO CA  C    sing N N 250 
PRO CA  CB   sing N N 251 
PRO CA  HA   sing N N 252 
PRO C   O    doub N N 253 
PRO C   OXT  sing N N 254 
PRO CB  CG   sing N N 255 
PRO CB  HB2  sing N N 256 
PRO CB  HB3  sing N N 257 
PRO CG  CD   sing N N 258 
PRO CG  HG2  sing N N 259 
PRO CG  HG3  sing N N 260 
PRO CD  HD2  sing N N 261 
PRO CD  HD3  sing N N 262 
PRO OXT HXT  sing N N 263 
SER N   CA   sing N N 264 
SER N   H    sing N N 265 
SER N   H2   sing N N 266 
SER CA  C    sing N N 267 
SER CA  CB   sing N N 268 
SER CA  HA   sing N N 269 
SER C   O    doub N N 270 
SER C   OXT  sing N N 271 
SER CB  OG   sing N N 272 
SER CB  HB2  sing N N 273 
SER CB  HB3  sing N N 274 
SER OG  HG   sing N N 275 
SER OXT HXT  sing N N 276 
THR N   CA   sing N N 277 
THR N   H    sing N N 278 
THR N   H2   sing N N 279 
THR CA  C    sing N N 280 
THR CA  CB   sing N N 281 
THR CA  HA   sing N N 282 
THR C   O    doub N N 283 
THR C   OXT  sing N N 284 
THR CB  OG1  sing N N 285 
THR CB  CG2  sing N N 286 
THR CB  HB   sing N N 287 
THR OG1 HG1  sing N N 288 
THR CG2 HG21 sing N N 289 
THR CG2 HG22 sing N N 290 
THR CG2 HG23 sing N N 291 
THR OXT HXT  sing N N 292 
TRP N   CA   sing N N 293 
TRP N   H    sing N N 294 
TRP N   H2   sing N N 295 
TRP CA  C    sing N N 296 
TRP CA  CB   sing N N 297 
TRP CA  HA   sing N N 298 
TRP C   O    doub N N 299 
TRP C   OXT  sing N N 300 
TRP CB  CG   sing N N 301 
TRP CB  HB2  sing N N 302 
TRP CB  HB3  sing N N 303 
TRP CG  CD1  doub Y N 304 
TRP CG  CD2  sing Y N 305 
TRP CD1 NE1  sing Y N 306 
TRP CD1 HD1  sing N N 307 
TRP CD2 CE2  doub Y N 308 
TRP CD2 CE3  sing Y N 309 
TRP NE1 CE2  sing Y N 310 
TRP NE1 HE1  sing N N 311 
TRP CE2 CZ2  sing Y N 312 
TRP CE3 CZ3  doub Y N 313 
TRP CE3 HE3  sing N N 314 
TRP CZ2 CH2  doub Y N 315 
TRP CZ2 HZ2  sing N N 316 
TRP CZ3 CH2  sing Y N 317 
TRP CZ3 HZ3  sing N N 318 
TRP CH2 HH2  sing N N 319 
TRP OXT HXT  sing N N 320 
TYR N   CA   sing N N 321 
TYR N   H    sing N N 322 
TYR N   H2   sing N N 323 
TYR CA  C    sing N N 324 
TYR CA  CB   sing N N 325 
TYR CA  HA   sing N N 326 
TYR C   O    doub N N 327 
TYR C   OXT  sing N N 328 
TYR CB  CG   sing N N 329 
TYR CB  HB2  sing N N 330 
TYR CB  HB3  sing N N 331 
TYR CG  CD1  doub Y N 332 
TYR CG  CD2  sing Y N 333 
TYR CD1 CE1  sing Y N 334 
TYR CD1 HD1  sing N N 335 
TYR CD2 CE2  doub Y N 336 
TYR CD2 HD2  sing N N 337 
TYR CE1 CZ   doub Y N 338 
TYR CE1 HE1  sing N N 339 
TYR CE2 CZ   sing Y N 340 
TYR CE2 HE2  sing N N 341 
TYR CZ  OH   sing N N 342 
TYR OH  HH   sing N N 343 
TYR OXT HXT  sing N N 344 
VAL N   CA   sing N N 345 
VAL N   H    sing N N 346 
VAL N   H2   sing N N 347 
VAL CA  C    sing N N 348 
VAL CA  CB   sing N N 349 
VAL CA  HA   sing N N 350 
VAL C   O    doub N N 351 
VAL C   OXT  sing N N 352 
VAL CB  CG1  sing N N 353 
VAL CB  CG2  sing N N 354 
VAL CB  HB   sing N N 355 
VAL CG1 HG11 sing N N 356 
VAL CG1 HG12 sing N N 357 
VAL CG1 HG13 sing N N 358 
VAL CG2 HG21 sing N N 359 
VAL CG2 HG22 sing N N 360 
VAL CG2 HG23 sing N N 361 
VAL OXT HXT  sing N N 362 
# 
_atom_sites.entry_id                    2VU5 
_atom_sites.fract_transf_matrix[1][1]   0.00910749 
_atom_sites.fract_transf_matrix[1][2]   0.00491407 
_atom_sites.fract_transf_matrix[1][3]   0.00286736 
_atom_sites.fract_transf_matrix[2][1]   0.00937358 
_atom_sites.fract_transf_matrix[2][2]   -0.00323748 
_atom_sites.fract_transf_matrix[2][3]   -0.00411817 
_atom_sites.fract_transf_matrix[3][1]   -0.00209726 
_atom_sites.fract_transf_matrix[3][2]   0.01232697 
_atom_sites.fract_transf_matrix[3][3]   -0.01446450 
_atom_sites.fract_transf_vector[1]      0.245242 
_atom_sites.fract_transf_vector[2]      0.457061 
_atom_sites.fract_transf_vector[3]      0.025836 
# 
loop_
_atom_type.symbol 
C 
N 
O 
S 
# 
loop_
_atom_site.group_PDB 
_atom_site.id 
_atom_site.type_symbol 
_atom_site.label_atom_id 
_atom_site.label_alt_id 
_atom_site.label_comp_id 
_atom_site.label_asym_id 
_atom_site.label_entity_id 
_atom_site.label_seq_id 
_atom_site.pdbx_PDB_ins_code 
_atom_site.Cartn_x 
_atom_site.Cartn_y 
_atom_site.Cartn_z 
_atom_site.occupancy 
_atom_site.B_iso_or_equiv 
_atom_site.pdbx_formal_charge 
_atom_site.auth_seq_id 
_atom_site.auth_comp_id 
_atom_site.auth_asym_id 
_atom_site.auth_atom_id 
_atom_site.pdbx_PDB_model_num 
ATOM   1    N N   . MET A 1 1   ? -11.820 -12.722 -5.794  1.00   43.50 ? 1    MET A N   1 
ATOM   2    C CA  . MET A 1 1   ? -10.334 -12.862 -5.669  1.00   43.37 ? 1    MET A CA  1 
ATOM   3    C C   . MET A 1 1   ? -9.801  -11.939 -4.541  1.00   40.25 ? 1    MET A C   1 
ATOM   4    O O   . MET A 1 1   ? -10.430 -10.912 -4.203  1.00   40.63 ? 1    MET A O   1 
ATOM   5    C CB  . MET A 1 1   ? -9.660  -12.587 -7.016  1.00   42.98 ? 1    MET A CB  1 
ATOM   6    C CG  . MET A 1 1   ? -8.291  -13.199 -7.179  1.00   45.23 ? 1    MET A CG  1 
ATOM   7    S SD  . MET A 1 1   ? -7.937  -13.722 -8.892  1.00   49.93 ? 1    MET A SD  1 
ATOM   8    C CE  . MET A 1 1   ? -8.255  -12.204 -9.819  1.00   47.25 ? 1    MET A CE  1 
ATOM   9    N N   . GLU A 1 2   ? -8.666  -12.343 -3.954  1.00   36.21 ? 2    GLU A N   1 
ATOM   10   C CA  . GLU A 1 2   ? -7.987  -11.626 -2.866  1.00   32.09 ? 2    GLU A CA  1 
ATOM   11   C C   . GLU A 1 2   ? -7.542  -10.178 -3.203  1.00   29.40 ? 2    GLU A C   1 
ATOM   12   O O   . GLU A 1 2   ? -7.192  -9.881  -4.336  1.00   26.53 ? 2    GLU A O   1 
ATOM   13   C CB  . GLU A 1 2   ? -6.820  -12.499 -2.417  1.00   32.53 ? 2    GLU A CB  1 
ATOM   14   C CG  . GLU A 1 2   ? -6.017  -12.006 -1.248  1.00   31.95 ? 2    GLU A CG  1 
ATOM   15   C CD  . GLU A 1 2   ? -5.090  -13.087 -0.729  1.00   32.20 ? 2    GLU A CD  1 
ATOM   16   O OE1 . GLU A 1 2   ? -5.575  -14.181 -0.389  1.00   36.12 ? 2    GLU A OE1 1 
ATOM   17   O OE2 . GLU A 1 2   ? -3.878  -12.863 -0.634  1.00   30.58 ? 2    GLU A OE2 1 
ATOM   18   N N   . LYS A 1 3   ? -7.619  -9.281  -2.215  1.00   26.83 ? 3    LYS A N   1 
ATOM   19   C CA  . LYS A 1 3   ? -7.304  -7.869  -2.403  1.00   26.29 ? 3    LYS A CA  1 
ATOM   20   C C   . LYS A 1 3   ? -6.439  -7.410  -1.254  1.00   24.76 ? 3    LYS A C   1 
ATOM   21   O O   . LYS A 1 3   ? -6.666  -7.826  -0.100  1.00   23.87 ? 3    LYS A O   1 
ATOM   22   C CB  . LYS A 1 3   ? -8.568  -6.981  -2.415  1.00   25.93 ? 3    LYS A CB  1 
ATOM   23   C CG  . LYS A 1 3   ? -9.519  -7.196  -3.564  1.00   27.52 ? 3    LYS A CG  1 
ATOM   24   C CD  . LYS A 1 3   ? -10.689 -6.199  -3.479  1.00   29.87 ? 3    LYS A CD  1 
ATOM   25   C CE  . LYS A 1 3   ? -11.695 -6.420  -4.623  1.00   35.83 ? 3    LYS A CE  1 
ATOM   26   N NZ  . LYS A 1 3   ? -12.278 -7.816  -4.587  1.00   35.52 ? 3    LYS A NZ  1 
ATOM   27   N N   . THR A 1 4   ? -5.468  -6.546  -1.562  1.00   21.53 ? 4    THR A N   1 
ATOM   28   C CA  . THR A 1 4   ? -4.664  -5.906  -0.530  1.00   20.46 ? 4    THR A CA  1 
ATOM   29   C C   . THR A 1 4   ? -4.660  -4.382  -0.681  1.00   19.89 ? 4    THR A C   1 
ATOM   30   O O   . THR A 1 4   ? -4.908  -3.850  -1.775  1.00   19.16 ? 4    THR A O   1 
ATOM   31   C CB  . THR A 1 4   ? -3.222  -6.485  -0.405  1.00   19.48 ? 4    THR A CB  1 
ATOM   32   O OG1 . THR A 1 4   ? -2.692  -6.077  0.845   1.00   20.34 ? 4    THR A OG1 1 
ATOM   33   C CG2 . THR A 1 4   ? -2.234  -5.962  -1.506  1.00   18.15 ? 4    THR A CG2 1 
ATOM   34   N N   . PHE A 1 5   ? -4.401  -3.703  0.427   1.00   18.81 ? 5    PHE A N   1 
ATOM   35   C CA  . PHE A 1 5   ? -4.193  -2.287  0.444   1.00   18.42 ? 5    PHE A CA  1 
ATOM   36   C C   . PHE A 1 5   ? -2.707  -1.934  0.452   1.00   18.82 ? 5    PHE A C   1 
ATOM   37   O O   . PHE A 1 5   ? -1.937  -2.454  1.278   1.00   18.83 ? 5    PHE A O   1 
ATOM   38   C CB  . PHE A 1 5   ? -4.920  -1.655  1.643   1.00   18.94 ? 5    PHE A CB  1 
ATOM   39   C CG  . PHE A 1 5   ? -4.712  -0.188  1.766   1.00   17.81 ? 5    PHE A CG  1 
ATOM   40   C CD1 . PHE A 1 5   ? -5.409  0.706   0.934   1.00   19.05 ? 5    PHE A CD1 1 
ATOM   41   C CD2 . PHE A 1 5   ? -3.845  0.316   2.728   1.00   16.73 ? 5    PHE A CD2 1 
ATOM   42   C CE1 . PHE A 1 5   ? -5.229  2.063   1.081   1.00   19.34 ? 5    PHE A CE1 1 
ATOM   43   C CE2 . PHE A 1 5   ? -3.631  1.685   2.866   1.00   18.21 ? 5    PHE A CE2 1 
ATOM   44   C CZ  . PHE A 1 5   ? -4.329  2.554   2.054   1.00   19.99 ? 5    PHE A CZ  1 
ATOM   45   N N   . LEU A 1 6   ? -2.322  -1.060  -0.481  1.00   17.41 ? 6    LEU A N   1 
ATOM   46   C CA  . LEU A 1 6   ? -0.946  -0.593  -0.616  1.00   19.35 ? 6    LEU A CA  1 
ATOM   47   C C   . LEU A 1 6   ? -0.985  0.911   -0.666  1.00   19.66 ? 6    LEU A C   1 
ATOM   48   O O   . LEU A 1 6   ? -1.879  1.482   -1.286  1.00   19.76 ? 6    LEU A O   1 
ATOM   49   C CB  . LEU A 1 6   ? -0.285  -1.145  -1.898  1.00   19.06 ? 6    LEU A CB  1 
ATOM   50   C CG  . LEU A 1 6   ? 0.029   -2.643  -1.911  1.00   24.45 ? 6    LEU A CG  1 
ATOM   51   C CD1 . LEU A 1 6   ? 0.469   -3.065  -3.306  1.00   28.43 ? 6    LEU A CD1 1 
ATOM   52   C CD2 . LEU A 1 6   ? 1.141   -2.934  -0.911  1.00   25.57 ? 6    LEU A CD2 1 
ATOM   53   N N   . MET A 1 7   ? -0.017  1.552   -0.027  1.00   19.27 ? 7    MET A N   1 
ATOM   54   C CA  . MET A 1 7   ? -0.003  3.000   0.021   1.00   21.23 ? 7    MET A CA  1 
ATOM   55   C C   . MET A 1 7   ? 1.423   3.498   -0.125  1.00   19.44 ? 7    MET A C   1 
ATOM   56   O O   . MET A 1 7   ? 2.321   3.067   0.621   1.00   19.64 ? 7    MET A O   1 
ATOM   57   C CB  . MET A 1 7   ? -0.595  3.487   1.354   1.00   20.34 ? 7    MET A CB  1 
ATOM   58   C CG  . MET A 1 7   ? -0.888  4.974   1.436   1.00   23.07 ? 7    MET A CG  1 
ATOM   59   S SD  . MET A 1 7   ? -1.252  5.433   3.183   1.00   29.64 ? 7    MET A SD  1 
ATOM   60   C CE  . MET A 1 7   ? 0.377   5.507   3.764   1.00   27.67 ? 7    MET A CE  1 
ATOM   61   N N   . VAL A 1 8   ? 1.651   4.366   -1.101  1.00   18.31 ? 8    VAL A N   1 
ATOM   62   C CA  . VAL A 1 8   ? 2.933   5.053   -1.176  1.00   17.35 ? 8    VAL A CA  1 
ATOM   63   C C   . VAL A 1 8   ? 2.904   6.157   -0.132  1.00   17.29 ? 8    VAL A C   1 
ATOM   64   O O   . VAL A 1 8   ? 1.991   6.998   -0.144  1.00   18.27 ? 8    VAL A O   1 
ATOM   65   C CB  . VAL A 1 8   ? 3.192   5.647   -2.566  1.00   17.18 ? 8    VAL A CB  1 
ATOM   66   C CG1 . VAL A 1 8   ? 4.691   5.926   -2.730  1.00   15.38 ? 8    VAL A CG1 1 
ATOM   67   C CG2 . VAL A 1 8   ? 2.690   4.643   -3.689  1.00   18.44 ? 8    VAL A CG2 1 
ATOM   68   N N   . LYS A 1 9   ? 3.859   6.125   0.798   1.00   17.38 ? 9    LYS A N   1 
ATOM   69   C CA  . LYS A 1 9   ? 3.939   7.092   1.927   1.00   16.27 ? 9    LYS A CA  1 
ATOM   70   C C   . LYS A 1 9   ? 4.392   8.459   1.384   1.00   17.42 ? 9    LYS A C   1 
ATOM   71   O O   . LYS A 1 9   ? 4.814   8.530   0.210   1.00   16.33 ? 9    LYS A O   1 
ATOM   72   C CB  . LYS A 1 9   ? 4.878   6.527   2.998   1.00   15.36 ? 9    LYS A CB  1 
ATOM   73   C CG  . LYS A 1 9   ? 4.314   5.292   3.711   1.00   16.58 ? 9    LYS A CG  1 
ATOM   74   C CD  . LYS A 1 9   ? 5.257   4.837   4.824   1.00   16.79 ? 9    LYS A CD  1 
ATOM   75   C CE  . LYS A 1 9   ? 4.692   3.604   5.505   1.00   19.71 ? 9    LYS A CE  1 
ATOM   76   N NZ  . LYS A 1 9   ? 5.605   3.176   6.568   1.00   16.87 ? 9    LYS A NZ  1 
ATOM   77   N N   . PRO A 1 10  ? 4.254   9.566   2.187   1.00   17.40 ? 10   PRO A N   1 
ATOM   78   C CA  . PRO A 1 10  ? 4.609   10.878  1.626   1.00   17.61 ? 10   PRO A CA  1 
ATOM   79   C C   . PRO A 1 10  ? 6.026   10.975  1.085   1.00   17.52 ? 10   PRO A C   1 
ATOM   80   O O   . PRO A 1 10  ? 6.261   11.707  0.138   1.00   17.63 ? 10   PRO A O   1 
ATOM   81   C CB  . PRO A 1 10  ? 4.405   11.869  2.815   1.00   16.54 ? 10   PRO A CB  1 
ATOM   82   C CG  . PRO A 1 10  ? 3.330   11.202  3.633   1.00   18.38 ? 10   PRO A CG  1 
ATOM   83   C CD  . PRO A 1 10  ? 3.691   9.693   3.547   1.00   17.61 ? 10   PRO A CD  1 
ATOM   84   N N   . ASP A 1 11  ? 6.952   10.220  1.670   1.00   17.76 ? 11   ASP A N   1 
ATOM   85   C CA  . ASP A 1 11  ? 8.309   10.194  1.173   1.00   17.86 ? 11   ASP A CA  1 
ATOM   86   C C   . ASP A 1 11  ? 8.437   9.580   -0.238  1.00   17.90 ? 11   ASP A C   1 
ATOM   87   O O   . ASP A 1 11  ? 9.225   10.059  -1.041  1.00   17.99 ? 11   ASP A O   1 
ATOM   88   C CB  . ASP A 1 11  ? 9.233   9.518   2.182   1.00   17.43 ? 11   ASP A CB  1 
ATOM   89   C CG  . ASP A 1 11  ? 8.825   8.100   2.508   1.00   17.85 ? 11   ASP A CG  1 
ATOM   90   O OD1 . ASP A 1 11  ? 7.640   7.808   2.769   1.00   18.13 ? 11   ASP A OD1 1 
ATOM   91   O OD2 . ASP A 1 11  ? 9.724   7.253   2.493   1.00   18.72 ? 11   ASP A OD2 1 
ATOM   92   N N   . GLY A 1 12  ? 7.657   8.546   -0.545  1.00   18.15 ? 12   GLY A N   1 
ATOM   93   C CA  . GLY A 1 12  ? 7.677   7.968   -1.898  1.00   17.69 ? 12   GLY A CA  1 
ATOM   94   C C   . GLY A 1 12  ? 7.089   8.949   -2.909  1.00   18.97 ? 12   GLY A C   1 
ATOM   95   O O   . GLY A 1 12  ? 7.526   9.023   -4.054  1.00   17.92 ? 12   GLY A O   1 
ATOM   96   N N   . VAL A 1 13  ? 6.089   9.705   -2.475  1.00   17.87 ? 13   VAL A N   1 
ATOM   97   C CA  . VAL A 1 13  ? 5.491   10.754  -3.313  1.00   20.06 ? 13   VAL A CA  1 
ATOM   98   C C   . VAL A 1 13  ? 6.574   11.810  -3.669  0.0000 16.76 ? 13   VAL A C   1 
ATOM   99   O O   . VAL A 1 13  ? 6.747   12.212  -4.828  0.0000 16.24 ? 13   VAL A O   1 
ATOM   100  C CB  . VAL A 1 13  ? 4.050   11.158  -2.781  1.00   19.94 ? 13   VAL A CB  1 
ATOM   101  C CG1 . VAL A 1 13  ? 3.612   12.335  -3.766  0.0000 21.05 ? 13   VAL A CG1 1 
ATOM   102  C CG2 . VAL A 1 13  ? 3.148   9.894   -2.562  0.0000 17.09 ? 13   VAL A CG2 1 
ATOM   103  N N   . GLN A 1 14  ? 7.232   12.297  -2.645  1.00   16.08 ? 14   GLN A N   1 
ATOM   104  C CA  . GLN A 1 14  ? 8.174   13.445  -2.705  1.00   16.67 ? 14   GLN A CA  1 
ATOM   105  C C   . GLN A 1 14  ? 9.384   13.042  -3.525  1.00   17.40 ? 14   GLN A C   1 
ATOM   106  O O   . GLN A 1 14  ? 9.941   13.838  -4.253  1.00   18.37 ? 14   GLN A O   1 
ATOM   107  C CB  . GLN A 1 14  ? 8.597   13.958  -1.299  1.00   15.98 ? 14   GLN A CB  1 
ATOM   108  C CG  . GLN A 1 14  ? 7.476   14.632  -0.513  1.00   17.33 ? 14   GLN A CG  1 
ATOM   109  C CD  . GLN A 1 14  ? 7.224   16.076  -0.998  1.00   20.78 ? 14   GLN A CD  1 
ATOM   110  O OE1 . GLN A 1 14  ? 8.090   16.693  -1.635  1.00   20.48 ? 14   GLN A OE1 1 
ATOM   111  N NE2 . GLN A 1 14  ? 6.039   16.590  -0.722  1.00   21.56 ? 14   GLN A NE2 1 
ATOM   112  N N   . ARG A 1 15  ? 9.807   11.795  -3.383  1.00   18.85 ? 15   ARG A N   1 
ATOM   113  C CA  . ARG A 1 15  ? 10.989  11.300  -4.092  1.00   18.65 ? 15   ARG A CA  1 
ATOM   114  C C   . ARG A 1 15  ? 10.628  10.758  -5.493  1.00   19.56 ? 15   ARG A C   1 
ATOM   115  O O   . ARG A 1 15  ? 11.507  10.251  -6.213  1.00   20.06 ? 15   ARG A O   1 
ATOM   116  C CB  . ARG A 1 15  ? 11.690  10.234  -3.255  1.00   18.52 ? 15   ARG A CB  1 
ATOM   117  C CG  . ARG A 1 15  ? 12.425  10.836  -2.035  1.00   19.10 ? 15   ARG A CG  1 
ATOM   118  C CD  . ARG A 1 15  ? 13.088  9.767   -1.207  1.00   17.55 ? 15   ARG A CD  1 
ATOM   119  N NE  . ARG A 1 15  ? 14.192  9.118   -1.933  1.00   18.04 ? 15   ARG A NE  1 
ATOM   120  C CZ  . ARG A 1 15  ? 14.637  7.900   -1.630  1.00   20.90 ? 15   ARG A CZ  1 
ATOM   121  N NH1 . ARG A 1 15  ? 14.091  7.239   -0.618  1.00   20.16 ? 15   ARG A NH1 1 
ATOM   122  N NH2 . ARG A 1 15  ? 15.630  7.344   -2.328  1.00   23.77 ? 15   ARG A NH2 1 
ATOM   123  N N   . ALA A 1 16  ? 9.347   10.871  -5.875  1.00   18.62 ? 16   ALA A N   1 
ATOM   124  C CA  . ALA A 1 16  ? 8.942   10.640  -7.282  1.00   18.31 ? 16   ALA A CA  1 
ATOM   125  C C   . ALA A 1 16  ? 9.062   9.157   -7.666  1.00   17.92 ? 16   ALA A C   1 
ATOM   126  O O   . ALA A 1 16  ? 9.601   8.821   -8.728  1.00   19.52 ? 16   ALA A O   1 
ATOM   127  C CB  . ALA A 1 16  ? 9.741   11.532  -8.268  1.00   17.43 ? 16   ALA A CB  1 
ATOM   128  N N   . PHE A 1 17  ? 8.539   8.276   -6.810  1.00   17.51 ? 17   PHE A N   1 
ATOM   129  C CA  . PHE A 1 17  ? 8.567   6.836   -7.046  1.00   17.72 ? 17   PHE A CA  1 
ATOM   130  C C   . PHE A 1 17  ? 7.195   6.219   -7.357  1.00   17.45 ? 17   PHE A C   1 
ATOM   131  O O   . PHE A 1 17  ? 7.084   4.994   -7.419  1.00   18.49 ? 17   PHE A O   1 
ATOM   132  C CB  . PHE A 1 17  ? 9.119   6.095   -5.815  1.00   17.77 ? 17   PHE A CB  1 
ATOM   133  C CG  . PHE A 1 17  ? 10.620  6.269   -5.581  1.00   20.43 ? 17   PHE A CG  1 
ATOM   134  C CD1 . PHE A 1 17  ? 11.091  6.550   -4.308  1.00   21.91 ? 17   PHE A CD1 1 
ATOM   135  C CD2 . PHE A 1 17  ? 11.538  6.077   -6.594  1.00   22.68 ? 17   PHE A CD2 1 
ATOM   136  C CE1 . PHE A 1 17  ? 12.446  6.673   -4.060  1.00   23.92 ? 17   PHE A CE1 1 
ATOM   137  C CE2 . PHE A 1 17  ? 12.896  6.200   -6.344  1.00   24.88 ? 17   PHE A CE2 1 
ATOM   138  C CZ  . PHE A 1 17  ? 13.345  6.509   -5.068  1.00   21.75 ? 17   PHE A CZ  1 
ATOM   139  N N   . ILE A 1 18  ? 6.147   7.027   -7.509  1.00   16.47 ? 18   ILE A N   1 
ATOM   140  C CA  . ILE A 1 18  ? 4.808   6.433   -7.661  1.00   16.83 ? 18   ILE A CA  1 
ATOM   141  C C   . ILE A 1 18  ? 4.784   5.502   -8.887  1.00   16.27 ? 18   ILE A C   1 
ATOM   142  O O   . ILE A 1 18  ? 4.386   4.341   -8.760  1.00   16.23 ? 18   ILE A O   1 
ATOM   143  C CB  . ILE A 1 18  ? 3.700   7.498   -7.814  1.00   15.50 ? 18   ILE A CB  1 
ATOM   144  C CG1 . ILE A 1 18  ? 3.639   8.374   -6.540  1.00   17.37 ? 18   ILE A CG1 1 
ATOM   145  C CG2 . ILE A 1 18  ? 2.354   6.816   -8.104  1.00   16.76 ? 18   ILE A CG2 1 
ATOM   146  C CD1 . ILE A 1 18  ? 2.693   9.605   -6.687  1.00   17.48 ? 18   ILE A CD1 1 
ATOM   147  N N   . GLY A 1 19  ? 5.255   6.018   -10.034 1.00   15.95 ? 19   GLY A N   1 
ATOM   148  C CA  . GLY A 1 19  ? 5.230   5.278   -11.319 1.00   15.99 ? 19   GLY A CA  1 
ATOM   149  C C   . GLY A 1 19  ? 6.021   3.973   -11.231 1.00   16.52 ? 19   GLY A C   1 
ATOM   150  O O   . GLY A 1 19  ? 5.551   2.925   -11.652 1.00   16.18 ? 19   GLY A O   1 
ATOM   151  N N   . GLU A 1 20  ? 7.217   4.039   -10.656 1.00   16.11 ? 20   GLU A N   1 
ATOM   152  C CA  . GLU A 1 20  ? 8.082   2.878   -10.546 1.00   17.51 ? 20   GLU A CA  1 
ATOM   153  C C   . GLU A 1 20  ? 7.414   1.799   -9.710  1.00   16.36 ? 20   GLU A C   1 
ATOM   154  O O   . GLU A 1 20  ? 7.495   0.623   -10.028 1.00   15.66 ? 20   GLU A O   1 
ATOM   155  C CB  . GLU A 1 20  ? 9.377   3.283   -9.841  1.00   19.04 ? 20   GLU A CB  1 
ATOM   156  C CG  . GLU A 1 20  ? 10.621  2.703   -10.456 1.00   30.98 ? 20   GLU A CG  1 
ATOM   157  C CD  . GLU A 1 20  ? 11.278  3.710   -11.374 1.00   40.92 ? 20   GLU A CD  1 
ATOM   158  O OE1 . GLU A 1 20  ? 12.371  4.244   -11.005 1.00   40.75 ? 20   GLU A OE1 1 
ATOM   159  O OE2 . GLU A 1 20  ? 10.661  3.992   -12.444 1.00   45.11 ? 20   GLU A OE2 1 
ATOM   160  N N   . ILE A 1 21  ? 6.780   2.203   -8.613  1.00   15.27 ? 21   ILE A N   1 
ATOM   161  C CA  . ILE A 1 21  ? 6.103   1.246   -7.743  1.00   16.09 ? 21   ILE A CA  1 
ATOM   162  C C   . ILE A 1 21  ? 4.893   0.584   -8.428  1.00   15.78 ? 21   ILE A C   1 
ATOM   163  O O   . ILE A 1 21  ? 4.712   -0.621  -8.361  1.00   16.42 ? 21   ILE A O   1 
ATOM   164  C CB  . ILE A 1 21  ? 5.735   1.916   -6.385  1.00   16.32 ? 21   ILE A CB  1 
ATOM   165  C CG1 . ILE A 1 21  ? 7.029   2.063   -5.543  1.00   17.05 ? 21   ILE A CG1 1 
ATOM   166  C CG2 . ILE A 1 21  ? 4.659   1.115   -5.652  1.00   17.28 ? 21   ILE A CG2 1 
ATOM   167  C CD1 . ILE A 1 21  ? 6.899   3.142   -4.440  1.00   17.83 ? 21   ILE A CD1 1 
ATOM   168  N N   . VAL A 1 22  ? 4.048   1.388   -9.060  1.00   15.18 ? 22   VAL A N   1 
ATOM   169  C CA  . VAL A 1 22  ? 2.896   0.855   -9.809  1.00   14.90 ? 22   VAL A CA  1 
ATOM   170  C C   . VAL A 1 22  ? 3.367   -0.133  -10.897 1.00   14.91 ? 22   VAL A C   1 
ATOM   171  O O   . VAL A 1 22  ? 2.836   -1.244  -10.997 1.00   14.66 ? 22   VAL A O   1 
ATOM   172  C CB  . VAL A 1 22  ? 2.035   1.994   -10.426 1.00   14.56 ? 22   VAL A CB  1 
ATOM   173  C CG1 . VAL A 1 22  ? 1.220   1.518   -11.645 1.00   14.31 ? 22   VAL A CG1 1 
ATOM   174  C CG2 . VAL A 1 22  ? 1.078   2.628   -9.366  1.00   16.70 ? 22   VAL A CG2 1 
ATOM   175  N N   . ALA A 1 23  ? 4.388   0.265   -11.668 1.00   15.83 ? 23   ALA A N   1 
ATOM   176  C CA  . ALA A 1 23  ? 4.962   -0.603  -12.708 1.00   15.70 ? 23   ALA A CA  1 
ATOM   177  C C   . ALA A 1 23  ? 5.387   -1.952  -12.196 1.00   15.35 ? 23   ALA A C   1 
ATOM   178  O O   . ALA A 1 23  ? 5.203   -2.928  -12.895 1.00   16.61 ? 23   ALA A O   1 
ATOM   179  C CB  . ALA A 1 23  ? 6.131   0.069   -13.469 1.00   16.07 ? 23   ALA A CB  1 
ATOM   180  N N   . ARG A 1 24  ? 5.982   -2.034  -11.005 1.00   15.83 ? 24   ARG A N   1 
ATOM   181  C CA  . ARG A 1 24  ? 6.384   -3.337  -10.489 1.00   15.40 ? 24   ARG A CA  1 
ATOM   182  C C   . ARG A 1 24  ? 5.189   -4.280  -10.283 1.00   15.19 ? 24   ARG A C   1 
ATOM   183  O O   . ARG A 1 24  ? 5.266   -5.449  -10.611 1.00   15.64 ? 24   ARG A O   1 
ATOM   184  C CB  . ARG A 1 24  ? 7.178   -3.203  -9.170  1.00   15.01 ? 24   ARG A CB  1 
ATOM   185  C CG  . ARG A 1 24  ? 8.564   -2.593  -9.371  1.00   17.28 ? 24   ARG A CG  1 
ATOM   186  C CD  . ARG A 1 24  ? 9.386   -2.662  -8.109  1.00   20.38 ? 24   ARG A CD  1 
ATOM   187  N NE  . ARG A 1 24  ? 10.695  -2.045  -8.308  1.00   22.16 ? 24   ARG A NE  1 
ATOM   188  C CZ  . ARG A 1 24  ? 11.795  -2.391  -7.647  1.00   20.71 ? 24   ARG A CZ  1 
ATOM   189  N NH1 . ARG A 1 24  ? 12.927  -1.755  -7.892  1.00   22.26 ? 24   ARG A NH1 1 
ATOM   190  N NH2 . ARG A 1 24  ? 11.752  -3.345  -6.730  1.00   16.68 ? 24   ARG A NH2 1 
ATOM   191  N N   . PHE A 1 25  ? 4.102   -3.770  -9.710  1.00   15.37 ? 25   PHE A N   1 
ATOM   192  C CA  . PHE A 1 25  ? 2.874   -4.571  -9.516  1.00   15.59 ? 25   PHE A CA  1 
ATOM   193  C C   . PHE A 1 25  ? 2.159   -4.902  -10.824 1.00   15.55 ? 25   PHE A C   1 
ATOM   194  O O   . PHE A 1 25  ? 1.602   -5.991  -10.969 1.00   15.46 ? 25   PHE A O   1 
ATOM   195  C CB  . PHE A 1 25  ? 1.975   -3.901  -8.445  1.00   16.01 ? 25   PHE A CB  1 
ATOM   196  C CG  . PHE A 1 25  ? 2.560   -4.026  -7.055  1.00   18.55 ? 25   PHE A CG  1 
ATOM   197  C CD1 . PHE A 1 25  ? 2.333   -5.164  -6.302  1.00   21.81 ? 25   PHE A CD1 1 
ATOM   198  C CD2 . PHE A 1 25  ? 3.383   -3.029  -6.531  1.00   20.26 ? 25   PHE A CD2 1 
ATOM   199  C CE1 . PHE A 1 25  ? 2.923   -5.314  -5.029  1.00   20.49 ? 25   PHE A CE1 1 
ATOM   200  C CE2 . PHE A 1 25  ? 3.934   -3.151  -5.251  1.00   20.13 ? 25   PHE A CE2 1 
ATOM   201  C CZ  . PHE A 1 25  ? 3.727   -4.309  -4.531  1.00   18.36 ? 25   PHE A CZ  1 
ATOM   202  N N   . GLU A 1 26  ? 2.199   -3.983  -11.784 1.00   15.91 ? 26   GLU A N   1 
ATOM   203  C CA  . GLU A 1 26  ? 1.666   -4.241  -13.134 1.00   15.89 ? 26   GLU A CA  1 
ATOM   204  C C   . GLU A 1 26  ? 2.444   -5.343  -13.887 1.00   16.19 ? 26   GLU A C   1 
ATOM   205  O O   . GLU A 1 26  ? 1.839   -6.222  -14.484 1.00   16.07 ? 26   GLU A O   1 
ATOM   206  C CB  . GLU A 1 26  ? 1.656   -2.962  -13.956 1.00   16.34 ? 26   GLU A CB  1 
ATOM   207  C CG  . GLU A 1 26  ? 0.474   -2.049  -13.685 1.00   15.46 ? 26   GLU A CG  1 
ATOM   208  C CD  . GLU A 1 26  ? 0.502   -0.834  -14.586 1.00   19.07 ? 26   GLU A CD  1 
ATOM   209  O OE1 . GLU A 1 26  ? 1.510   -0.099  -14.555 1.00   17.68 ? 26   GLU A OE1 1 
ATOM   210  O OE2 . GLU A 1 26  ? -0.490  -0.600  -15.324 1.00   18.11 ? 26   GLU A OE2 1 
ATOM   211  N N   . LYS A 1 27  ? 3.777   -5.295  -13.856 1.00   16.17 ? 27   LYS A N   1 
ATOM   212  C CA  . LYS A 1 27  ? 4.603   -6.308  -14.519 1.00   16.58 ? 27   LYS A CA  1 
ATOM   213  C C   . LYS A 1 27  ? 4.455   -7.672  -13.855 1.00   17.01 ? 27   LYS A C   1 
ATOM   214  O O   . LYS A 1 27  ? 4.577   -8.700  -14.516 1.00   17.14 ? 27   LYS A O   1 
ATOM   215  C CB  . LYS A 1 27  ? 6.114   -5.926  -14.512 1.00   17.53 ? 27   LYS A CB  1 
ATOM   216  C CG  . LYS A 1 27  ? 6.769   -5.999  -15.802 0.0000 20.00 ? 27   LYS A CG  1 
ATOM   217  C CD  . LYS A 1 27  ? 6.231   -4.946  -16.773 0.0000 20.00 ? 27   LYS A CD  1 
ATOM   218  C CE  . LYS A 1 27  ? 7.247   -4.545  -17.841 0.0000 20.00 ? 27   LYS A CE  1 
ATOM   219  N NZ  . LYS A 1 27  ? 6.968   -3.229  -18.434 0.0000 20.00 ? 27   LYS A NZ  1 
ATOM   220  N N   . LYS A 1 28  ? 4.219   -7.683  -12.544 1.00   18.35 ? 28   LYS A N   1 
ATOM   221  C CA  . LYS A 1 28  ? 4.029   -8.933  -11.802 1.00   17.94 ? 28   LYS A CA  1 
ATOM   222  C C   . LYS A 1 28  ? 2.759   -9.661  -12.273 1.00   19.19 ? 28   LYS A C   1 
ATOM   223  O O   . LYS A 1 28  ? 2.706   -10.891 -12.270 1.00   20.84 ? 28   LYS A O   1 
ATOM   224  C CB  . LYS A 1 28  ? 3.988   -8.632  -10.291 1.00   17.78 ? 28   LYS A CB  1 
ATOM   225  C CG  . LYS A 1 28  ? 3.645   -9.848  -9.390  1.00   17.44 ? 28   LYS A CG  1 
ATOM   226  C CD  . LYS A 1 28  ? 4.848   -10.809 -9.336  1.00   16.32 ? 28   LYS A CD  1 
ATOM   227  C CE  . LYS A 1 28  ? 4.714   -11.773 -8.157  1.00   15.27 ? 28   LYS A CE  1 
ATOM   228  N NZ  . LYS A 1 28  ? 5.747   -12.824 -8.268  1.00   14.64 ? 28   LYS A NZ  1 
ATOM   229  N N   . GLY A 1 29  ? 1.755   -8.896  -12.703 1.00   18.24 ? 29   GLY A N   1 
ATOM   230  C CA  . GLY A 1 29  ? 0.535   -9.472  -13.216 1.00   18.44 ? 29   GLY A CA  1 
ATOM   231  C C   . GLY A 1 29  ? -0.666  -9.210  -12.323 1.00   18.66 ? 29   GLY A C   1 
ATOM   232  O O   . GLY A 1 29  ? -1.751  -9.715  -12.600 1.00   19.24 ? 29   GLY A O   1 
ATOM   233  N N   . PHE A 1 30  ? -0.485  -8.409  -11.270 1.00   17.52 ? 30   PHE A N   1 
ATOM   234  C CA  . PHE A 1 30  ? -1.622  -8.087  -10.395 1.00   18.14 ? 30   PHE A CA  1 
ATOM   235  C C   . PHE A 1 30  ? -2.538  -7.057  -11.042 1.00   19.09 ? 30   PHE A C   1 
ATOM   236  O O   . PHE A 1 30  ? -2.153  -6.381  -12.003 1.00   19.01 ? 30   PHE A O   1 
ATOM   237  C CB  . PHE A 1 30  ? -1.178  -7.682  -8.967  1.00   17.22 ? 30   PHE A CB  1 
ATOM   238  C CG  . PHE A 1 30  ? -0.612  -8.841  -8.168  1.00   18.49 ? 30   PHE A CG  1 
ATOM   239  C CD1 . PHE A 1 30  ? -1.321  -10.034 -8.057  1.00   19.63 ? 30   PHE A CD1 1 
ATOM   240  C CD2 . PHE A 1 30  ? 0.639   -8.743  -7.551  1.00   19.05 ? 30   PHE A CD2 1 
ATOM   241  C CE1 . PHE A 1 30  ? -0.779  -11.125 -7.337  1.00   19.44 ? 30   PHE A CE1 1 
ATOM   242  C CE2 . PHE A 1 30  ? 1.169   -9.805  -6.815  1.00   18.78 ? 30   PHE A CE2 1 
ATOM   243  C CZ  . PHE A 1 30  ? 0.489   -11.003 -6.736  1.00   18.10 ? 30   PHE A CZ  1 
ATOM   244  N N   . GLN A 1 31  ? -3.767  -6.986  -10.558 1.00   18.20 ? 31   GLN A N   1 
ATOM   245  C CA  . GLN A 1 31  ? -4.762  -6.124  -11.173 1.00   18.94 ? 31   GLN A CA  1 
ATOM   246  C C   . GLN A 1 31  ? -5.120  -4.951  -10.275 1.00   18.20 ? 31   GLN A C   1 
ATOM   247  O O   . GLN A 1 31  ? -5.534  -5.148  -9.150  1.00   17.74 ? 31   GLN A O   1 
ATOM   248  C CB  . GLN A 1 31  ? -6.022  -6.944  -11.520 1.00   17.42 ? 31   GLN A CB  1 
ATOM   249  C CG  . GLN A 1 31  ? -7.190  -6.073  -12.094 1.00   19.12 ? 31   GLN A CG  1 
ATOM   250  C CD  . GLN A 1 31  ? -8.404  -6.918  -12.530 1.00   21.44 ? 31   GLN A CD  1 
ATOM   251  O OE1 . GLN A 1 31  ? -9.501  -6.387  -12.792 1.00   25.04 ? 31   GLN A OE1 1 
ATOM   252  N NE2 . GLN A 1 31  ? -8.211  -8.216  -12.609 1.00   21.64 ? 31   GLN A NE2 1 
ATOM   253  N N   . LEU A 1 32  ? -4.998  -3.736  -10.813 1.00   18.74 ? 32   LEU A N   1 
ATOM   254  C CA  . LEU A 1 32  ? -5.274  -2.523  -10.080 1.00   18.31 ? 32   LEU A CA  1 
ATOM   255  C C   . LEU A 1 32  ? -6.773  -2.236  -10.065 1.00   18.73 ? 32   LEU A C   1 
ATOM   256  O O   . LEU A 1 32  ? -7.378  -2.072  -11.126 1.00   18.59 ? 32   LEU A O   1 
ATOM   257  C CB  . LEU A 1 32  ? -4.520  -1.331  -10.682 1.00   18.74 ? 32   LEU A CB  1 
ATOM   258  C CG  . LEU A 1 32  ? -4.670  0.007   -9.935  1.00   17.96 ? 32   LEU A CG  1 
ATOM   259  C CD1 . LEU A 1 32  ? -4.031  -0.009  -8.498  1.00   18.28 ? 32   LEU A CD1 1 
ATOM   260  C CD2 . LEU A 1 32  ? -4.114  1.131   -10.816 1.00   17.91 ? 32   LEU A CD2 1 
ATOM   261  N N   . VAL A 1 33  ? -7.362  -2.183  -8.869  1.00   17.95 ? 33   VAL A N   1 
ATOM   262  C CA  . VAL A 1 33  ? -8.829  -1.988  -8.762  1.00   18.60 ? 33   VAL A CA  1 
ATOM   263  C C   . VAL A 1 33  ? -9.286  -0.714  -8.031  1.00   18.64 ? 33   VAL A C   1 
ATOM   264  O O   . VAL A 1 33  ? -10.470 -0.370  -8.052  1.00   20.58 ? 33   VAL A O   1 
ATOM   265  C CB  . VAL A 1 33  ? -9.599  -3.249  -8.287  1.00   17.49 ? 33   VAL A CB  1 
ATOM   266  C CG1 . VAL A 1 33  ? -9.310  -4.461  -9.250  1.00   18.12 ? 33   VAL A CG1 1 
ATOM   267  C CG2 . VAL A 1 33  ? -9.303  -3.590  -6.839  1.00   16.57 ? 33   VAL A CG2 1 
ATOM   268  N N   . GLY A 1 34  ? -8.353  0.004   -7.449  1.00   18.45 ? 34   GLY A N   1 
ATOM   269  C CA  . GLY A 1 34  ? -8.636  1.275   -6.819  1.00   19.10 ? 34   GLY A CA  1 
ATOM   270  C C   . GLY A 1 34  ? -7.325  2.042   -6.721  1.00   19.70 ? 34   GLY A C   1 
ATOM   271  O O   . GLY A 1 34  ? -6.271  1.455   -6.438  1.00   19.54 ? 34   GLY A O   1 
ATOM   272  N N   . ALA A 1 35  ? -7.384  3.341   -6.965  1.00   19.29 ? 35   ALA A N   1 
ATOM   273  C CA  . ALA A 1 35  ? -6.203  4.188   -6.846  1.00   20.77 ? 35   ALA A CA  1 
ATOM   274  C C   . ALA A 1 35  ? -6.611  5.643   -6.705  1.00   21.22 ? 35   ALA A C   1 
ATOM   275  O O   . ALA A 1 35  ? -7.449  6.158   -7.476  1.00   22.93 ? 35   ALA A O   1 
ATOM   276  C CB  . ALA A 1 35  ? -5.231  4.006   -8.068  1.00   19.45 ? 35   ALA A CB  1 
ATOM   277  N N   . LYS A 1 36  ? -6.051  6.312   -5.704  1.00   21.21 ? 36   LYS A N   1 
ATOM   278  C CA  . LYS A 1 36  ? -6.224  7.763   -5.600  1.00   21.56 ? 36   LYS A CA  1 
ATOM   279  C C   . LYS A 1 36  ? -5.086  8.433   -4.863  1.00   20.41 ? 36   LYS A C   1 
ATOM   280  O O   . LYS A 1 36  ? -4.512  7.880   -3.922  1.00   19.38 ? 36   LYS A O   1 
ATOM   281  C CB  . LYS A 1 36  ? -7.569  8.129   -4.960  1.00   21.72 ? 36   LYS A CB  1 
ATOM   282  C CG  . LYS A 1 36  ? -7.802  7.541   -3.599  1.00   25.44 ? 36   LYS A CG  1 
ATOM   283  C CD  . LYS A 1 36  ? -9.144  8.035   -3.044  1.00   28.82 ? 36   LYS A CD  1 
ATOM   284  C CE  . LYS A 1 36  ? -9.504  7.284   -1.799  1.00   26.55 ? 36   LYS A CE  1 
ATOM   285  N NZ  . LYS A 1 36  ? -10.879 7.614   -1.316  1.00   25.93 ? 36   LYS A NZ  1 
ATOM   286  N N   . LEU A 1 37  ? -4.762  9.638   -5.313  1.00   20.52 ? 37   LEU A N   1 
ATOM   287  C CA  . LEU A 1 37  ? -3.879  10.510  -4.581  1.00   21.03 ? 37   LEU A CA  1 
ATOM   288  C C   . LEU A 1 37  ? -4.772  11.232  -3.584  1.00   22.16 ? 37   LEU A C   1 
ATOM   289  O O   . LEU A 1 37  ? -5.847  11.735  -3.940  1.00   21.54 ? 37   LEU A O   1 
ATOM   290  C CB  . LEU A 1 37  ? -3.218  11.537  -5.513  1.00   20.29 ? 37   LEU A CB  1 
ATOM   291  C CG  . LEU A 1 37  ? -2.112  12.442  -4.915  1.00   21.73 ? 37   LEU A CG  1 
ATOM   292  C CD1 . LEU A 1 37  ? -0.773  11.686  -4.713  1.00   20.59 ? 37   LEU A CD1 1 
ATOM   293  C CD2 . LEU A 1 37  ? -1.883  13.646  -5.818  1.00   20.43 ? 37   LEU A CD2 1 
ATOM   294  N N   . MET A 1 38  ? -4.328  11.325  -2.338  1.00   23.20 ? 38   MET A N   1 
ATOM   295  C CA  . MET A 1 38  ? -5.220  11.908  -1.310  1.00   24.58 ? 38   MET A CA  1 
ATOM   296  C C   . MET A 1 38  ? -4.420  12.396  -0.119  1.00   24.85 ? 38   MET A C   1 
ATOM   297  O O   . MET A 1 38  ? -3.285  11.956  0.112   1.00   21.86 ? 38   MET A O   1 
ATOM   298  C CB  . MET A 1 38  ? -6.220  10.862  -0.832  1.00   24.36 ? 38   MET A CB  1 
ATOM   299  C CG  . MET A 1 38  ? -5.564  9.684   -0.167  1.00   25.96 ? 38   MET A CG  1 
ATOM   300  S SD  . MET A 1 38  ? -6.749  8.450   0.386   1.00   30.16 ? 38   MET A SD  1 
ATOM   301  C CE  . MET A 1 38  ? -7.783  9.438   1.486   1.00   34.07 ? 38   MET A CE  1 
ATOM   302  N N   . GLN A 1 39  ? -5.059  13.270  0.654   1.00   25.25 ? 39   GLN A N   1 
ATOM   303  C CA  . GLN A 1 39  ? -4.493  13.778  1.881   1.00   26.83 ? 39   GLN A CA  1 
ATOM   304  C C   . GLN A 1 39  ? -5.090  12.977  3.035   1.00   26.12 ? 39   GLN A C   1 
ATOM   305  O O   . GLN A 1 39  ? -6.294  12.747  3.057   1.00   26.05 ? 39   GLN A O   1 
ATOM   306  C CB  . GLN A 1 39  ? -4.850  15.266  1.997   1.00   27.67 ? 39   GLN A CB  1 
ATOM   307  C CG  . GLN A 1 39  ? -4.175  15.976  3.132   1.00   33.19 ? 39   GLN A CG  1 
ATOM   308  C CD  . GLN A 1 39  ? -2.643  16.058  2.965   1.00   40.77 ? 39   GLN A CD  1 
ATOM   309  O OE1 . GLN A 1 39  ? -1.890  15.849  3.927   1.00   44.90 ? 39   GLN A OE1 1 
ATOM   310  N NE2 . GLN A 1 39  ? -2.185  16.357  1.754   1.00   41.19 ? 39   GLN A NE2 1 
ATOM   311  N N   . VAL A 1 40  ? -4.259  12.525  3.975   1.00   26.12 ? 40   VAL A N   1 
ATOM   312  C CA  . VAL A 1 40  ? -4.787  11.892  5.178   1.00   26.34 ? 40   VAL A CA  1 
ATOM   313  C C   . VAL A 1 40  ? -5.318  13.002  6.119   1.00   27.70 ? 40   VAL A C   1 
ATOM   314  O O   . VAL A 1 40  ? -4.624  13.980  6.384   1.00   27.36 ? 40   VAL A O   1 
ATOM   315  C CB  . VAL A 1 40  ? -3.750  11.007  5.873   1.00   25.90 ? 40   VAL A CB  1 
ATOM   316  C CG1 . VAL A 1 40  ? -4.263  10.486  7.206   1.00   25.35 ? 40   VAL A CG1 1 
ATOM   317  C CG2 . VAL A 1 40  ? -3.350  9.809   4.965   1.00   27.14 ? 40   VAL A CG2 1 
ATOM   318  N N   . THR A 1 41  ? -6.557  12.840  6.591   1.00   28.86 ? 41   THR A N   1 
ATOM   319  C CA  . THR A 1 41  ? -7.248  13.848  7.420   1.00   30.68 ? 41   THR A CA  1 
ATOM   320  C C   . THR A 1 41  ? -7.376  13.368  8.855   1.00   30.63 ? 41   THR A C   1 
ATOM   321  O O   . THR A 1 41  ? -7.200  12.184  9.112   1.00   29.94 ? 41   THR A O   1 
ATOM   322  C CB  . THR A 1 41  ? -8.676  14.078  6.909   1.00   30.53 ? 41   THR A CB  1 
ATOM   323  O OG1 . THR A 1 41  ? -9.361  12.815  6.883   1.00   33.68 ? 41   THR A OG1 1 
ATOM   324  C CG2 . THR A 1 41  ? -8.654  14.673  5.517   1.00   32.15 ? 41   THR A CG2 1 
ATOM   325  N N   . PRO A 1 42  ? -7.710  14.286  9.793   1.00   31.60 ? 42   PRO A N   1 
ATOM   326  C CA  . PRO A 1 42  ? -7.939  13.853  11.171  1.00   32.40 ? 42   PRO A CA  1 
ATOM   327  C C   . PRO A 1 42  ? -9.058  12.845  11.287  1.00   32.09 ? 42   PRO A C   1 
ATOM   328  O O   . PRO A 1 42  ? -8.947  11.932  12.088  1.00   32.27 ? 42   PRO A O   1 
ATOM   329  C CB  . PRO A 1 42  ? -8.296  15.171  11.896  1.00   33.15 ? 42   PRO A CB  1 
ATOM   330  C CG  . PRO A 1 42  ? -7.598  16.216  11.081  1.00   32.88 ? 42   PRO A CG  1 
ATOM   331  C CD  . PRO A 1 42  ? -7.858  15.751  9.675   1.00   31.42 ? 42   PRO A CD  1 
ATOM   332  N N   . GLU A 1 43  ? -10.106 12.995  10.477  1.00   33.29 ? 43   GLU A N   1 
ATOM   333  C CA  . GLU A 1 43  ? -11.242 12.070  10.483  1.00   34.69 ? 43   GLU A CA  1 
ATOM   334  C C   . GLU A 1 43  ? -10.824 10.637  10.146  1.00   35.36 ? 43   GLU A C   1 
ATOM   335  O O   . GLU A 1 43  ? -11.235 9.699   10.850  1.00   35.82 ? 43   GLU A O   1 
ATOM   336  C CB  . GLU A 1 43  ? -12.348 12.543  9.533   1.00   35.14 ? 43   GLU A CB  1 
ATOM   337  C CG  . GLU A 1 43  ? -13.442 13.401  10.302  0.0000 20.00 ? 43   GLU A CG  1 
ATOM   338  C CD  . GLU A 1 43  ? -14.598 13.795  9.383   0.0000 20.00 ? 43   GLU A CD  1 
ATOM   339  O OE1 . GLU A 1 43  ? -14.523 13.561  8.119   0.0000 20.00 ? 43   GLU A OE1 1 
ATOM   340  O OE2 . GLU A 1 43  ? -15.644 14.365  9.871   0.0000 20.00 ? 43   GLU A OE2 1 
ATOM   341  N N   . ILE A 1 44  ? -10.000 10.470  9.097   1.00   35.27 ? 44   ILE A N   1 
ATOM   342  C CA  . ILE A 1 44  ? -9.422  9.154   8.734   1.00   35.52 ? 44   ILE A CA  1 
ATOM   343  C C   . ILE A 1 44  ? -8.512  8.623   9.832   1.00   34.96 ? 44   ILE A C   1 
ATOM   344  O O   . ILE A 1 44  ? -8.665  7.490   10.254  1.00   34.70 ? 44   ILE A O   1 
ATOM   345  C CB  . ILE A 1 44  ? -8.627  9.182   7.383   1.00   35.09 ? 44   ILE A CB  1 
ATOM   346  C CG1 . ILE A 1 44  ? -9.584  9.217   6.200   1.00   36.81 ? 44   ILE A CG1 1 
ATOM   347  C CG2 . ILE A 1 44  ? -7.744  7.934   7.221   1.00   35.59 ? 44   ILE A CG2 1 
ATOM   348  C CD1 . ILE A 1 44  ? -8.994  9.922   4.962   1.00   37.02 ? 44   ILE A CD1 1 
ATOM   349  N N   . ALA A 1 45  ? -7.561  9.437   10.284  1.00   35.21 ? 45   ALA A N   1 
ATOM   350  C CA  . ALA A 1 45  ? -6.609  9.020   11.321  1.00   36.16 ? 45   ALA A CA  1 
ATOM   351  C C   . ALA A 1 45  ? -7.240  8.694   12.709  1.00   36.51 ? 45   ALA A C   1 
ATOM   352  O O   . ALA A 1 45  ? -6.780  7.793   13.420  1.00   36.11 ? 45   ALA A O   1 
ATOM   353  C CB  . ALA A 1 45  ? -5.496  10.068  11.459  1.00   36.30 ? 45   ALA A CB  1 
ATOM   354  N N   . GLY A 1 46  ? -8.296  9.415   13.086  1.00   37.43 ? 46   GLY A N   1 
ATOM   355  C CA  . GLY A 1 46  ? -8.993  9.165   14.364  1.00   39.11 ? 46   GLY A CA  1 
ATOM   356  C C   . GLY A 1 46  ? -9.810  7.871   14.407  1.00   40.94 ? 46   GLY A C   1 
ATOM   357  O O   . GLY A 1 46  ? -9.939  7.249   15.459  1.00   41.28 ? 46   GLY A O   1 
ATOM   358  N N   . GLN A 1 47  ? -10.344 7.451   13.262  1.00   42.29 ? 47   GLN A N   1 
ATOM   359  C CA  . GLN A 1 47  ? -11.145 6.231   13.173  1.00   43.79 ? 47   GLN A CA  1 
ATOM   360  C C   . GLN A 1 47  ? -10.544 5.093   14.006  1.00   44.65 ? 47   GLN A C   1 
ATOM   361  O O   . GLN A 1 47  ? -11.252 4.471   14.813  1.00   45.51 ? 47   GLN A O   1 
ATOM   362  C CB  . GLN A 1 47  ? -11.294 5.788   11.715  1.00   43.69 ? 47   GLN A CB  1 
ATOM   363  C CG  . GLN A 1 47  ? -12.136 6.767   10.853  0.0000 20.00 ? 47   GLN A CG  1 
ATOM   364  C CD  . GLN A 1 47  ? -12.306 6.266   9.418   0.0000 20.00 ? 47   GLN A CD  1 
ATOM   365  O OE1 . GLN A 1 47  ? -12.925 6.945   8.601   0.0000 20.00 ? 47   GLN A OE1 1 
ATOM   366  N NE2 . GLN A 1 47  ? -13.111 5.173   9.066   1.00   43.61 ? 47   GLN A NE2 1 
ATOM   367  N N   . HIS A 1 48  ? -9.243  4.849   13.840  1.00   44.89 ? 48   HIS A N   1 
ATOM   368  C CA  . HIS A 1 48  ? -8.587  3.738   14.527  1.00   45.48 ? 48   HIS A CA  1 
ATOM   369  C C   . HIS A 1 48  ? -7.351  4.081   15.357  1.00   44.96 ? 48   HIS A C   1 
ATOM   370  O O   . HIS A 1 48  ? -6.534  3.197   15.655  1.00   44.52 ? 48   HIS A O   1 
ATOM   371  C CB  . HIS A 1 48  ? -8.276  2.639   13.523  1.00   46.10 ? 48   HIS A CB  1 
ATOM   372  C CG  . HIS A 1 48  ? -9.497  1.935   13.025  1.00   48.69 ? 48   HIS A CG  1 
ATOM   373  N ND1 . HIS A 1 48  ? -9.977  0.777   13.603  1.00   51.06 ? 48   HIS A ND1 1 
ATOM   374  C CD2 . HIS A 1 48  ? -10.349 2.233   12.013  1.00   51.73 ? 48   HIS A CD2 1 
ATOM   375  C CE1 . HIS A 1 48  ? -11.065 0.386   12.962  1.00   52.18 ? 48   HIS A CE1 1 
ATOM   376  N NE2 . HIS A 1 48  ? -11.308 1.248   11.989  1.00   53.96 ? 48   HIS A NE2 1 
ATOM   377  N N   . TYR A 1 49  ? -7.203  5.350   15.734  1.00   44.74 ? 49   TYR A N   1 
ATOM   378  C CA  . TYR A 1 49  ? -6.002  5.750   16.469  1.00   44.65 ? 49   TYR A CA  1 
ATOM   379  C C   . TYR A 1 49  ? -5.908  5.070   17.834  1.00   44.90 ? 49   TYR A C   1 
ATOM   380  O O   . TYR A 1 49  ? -4.808  4.834   18.326  1.00   44.57 ? 49   TYR A O   1 
ATOM   381  C CB  . TYR A 1 49  ? -5.830  7.276   16.585  1.00   44.50 ? 49   TYR A CB  1 
ATOM   382  C CG  . TYR A 1 49  ? -4.625  7.636   17.429  1.00   44.26 ? 49   TYR A CG  1 
ATOM   383  C CD1 . TYR A 1 49  ? -3.327  7.491   16.918  1.00   42.47 ? 49   TYR A CD1 1 
ATOM   384  C CD2 . TYR A 1 49  ? -4.778  8.061   18.767  1.00   43.69 ? 49   TYR A CD2 1 
ATOM   385  C CE1 . TYR A 1 49  ? -2.219  7.784   17.689  1.00   44.03 ? 49   TYR A CE1 1 
ATOM   386  C CE2 . TYR A 1 49  ? -3.670  8.367   19.561  1.00   43.85 ? 49   TYR A CE2 1 
ATOM   387  C CZ  . TYR A 1 49  ? -2.392  8.228   19.013  1.00   44.50 ? 49   TYR A CZ  1 
ATOM   388  O OH  . TYR A 1 49  ? -1.290  8.517   19.777  1.00   44.74 ? 49   TYR A OH  1 
ATOM   389  N N   . ALA A 1 50  ? -7.053  4.733   18.426  1.00   45.50 ? 50   ALA A N   1 
ATOM   390  C CA  . ALA A 1 50  ? -7.068  4.005   19.700  1.00   46.66 ? 50   ALA A CA  1 
ATOM   391  C C   . ALA A 1 50  ? -6.357  2.643   19.616  1.00   47.20 ? 50   ALA A C   1 
ATOM   392  O O   . ALA A 1 50  ? -5.909  2.114   20.629  1.00   47.59 ? 50   ALA A O   1 
ATOM   393  C CB  . ALA A 1 50  ? -8.496  3.831   20.208  1.00   46.41 ? 50   ALA A CB  1 
ATOM   394  N N   . GLU A 1 51  ? -6.234  2.098   18.407  1.00   47.79 ? 51   GLU A N   1 
ATOM   395  C CA  . GLU A 1 51  ? -5.631  0.777   18.209  1.00   48.43 ? 51   GLU A CA  1 
ATOM   396  C C   . GLU A 1 51  ? -4.145  0.831   17.845  1.00   47.83 ? 51   GLU A C   1 
ATOM   397  O O   . GLU A 1 51  ? -3.571  -0.183  17.441  1.00   47.95 ? 51   GLU A O   1 
ATOM   398  C CB  . GLU A 1 51  ? -6.415  -0.001  17.150  1.00   49.03 ? 51   GLU A CB  1 
ATOM   399  C CG  . GLU A 1 51  ? -7.843  -0.327  17.581  1.00   52.26 ? 51   GLU A CG  1 
ATOM   400  C CD  . GLU A 1 51  ? -8.793  -0.489  16.401  1.00   56.97 ? 51   GLU A CD  1 
ATOM   401  O OE1 . GLU A 1 51  ? -8.564  -1.399  15.562  1.00   59.31 ? 51   GLU A OE1 1 
ATOM   402  O OE2 . GLU A 1 51  ? -9.777  0.286   16.319  1.00   58.12 ? 51   GLU A OE2 1 
ATOM   403  N N   . HIS A 1 52  ? -3.525  2.002   18.002  1.00   46.94 ? 52   HIS A N   1 
ATOM   404  C CA  . HIS A 1 52  ? -2.147  2.225   17.532  1.00   46.37 ? 52   HIS A CA  1 
ATOM   405  C C   . HIS A 1 52  ? -1.083  1.416   18.284  1.00   46.67 ? 52   HIS A C   1 
ATOM   406  O O   . HIS A 1 52  ? -0.007  1.153   17.729  1.00   46.19 ? 52   HIS A O   1 
ATOM   407  C CB  . HIS A 1 52  ? -1.779  3.726   17.532  1.00   45.70 ? 52   HIS A CB  1 
ATOM   408  C CG  . HIS A 1 52  ? -1.435  4.268   18.890  1.00   44.77 ? 52   HIS A CG  1 
ATOM   409  N ND1 . HIS A 1 52  ? -2.389  4.732   19.774  1.00   43.15 ? 52   HIS A ND1 1 
ATOM   410  C CD2 . HIS A 1 52  ? -0.242  4.415   19.513  1.00   42.75 ? 52   HIS A CD2 1 
ATOM   411  C CE1 . HIS A 1 52  ? -1.794  5.147   20.879  1.00   42.10 ? 52   HIS A CE1 1 
ATOM   412  N NE2 . HIS A 1 52  ? -0.493  4.960   20.748  1.00   41.64 ? 52   HIS A NE2 1 
ATOM   413  N N   . GLU A 1 53  ? -1.373  1.044   19.539  1.00   46.80 ? 53   GLU A N   1 
ATOM   414  C CA  . GLU A 1 53  ? -0.456  0.215   20.333  1.00   47.51 ? 53   GLU A CA  1 
ATOM   415  C C   . GLU A 1 53  ? -0.260  -1.167  19.673  1.00   47.76 ? 53   GLU A C   1 
ATOM   416  O O   . GLU A 1 53  ? 0.887   -1.580  19.424  1.00   48.33 ? 53   GLU A O   1 
ATOM   417  C CB  . GLU A 1 53  ? -0.911  0.101   21.803  1.00   47.53 ? 53   GLU A CB  1 
ATOM   418  C CG  . GLU A 1 53  ? -1.252  1.298   22.826  0.0000 20.00 ? 53   GLU A CG  1 
ATOM   419  C CD  . GLU A 1 53  ? -1.710  1.098   24.270  0.0000 20.00 ? 53   GLU A CD  1 
ATOM   420  O OE1 . GLU A 1 53  ? -2.053  -0.076  24.681  0.0000 20.00 ? 53   GLU A OE1 1 
ATOM   421  O OE2 . GLU A 1 53  ? -1.758  2.100   25.077  0.0000 20.00 ? 53   GLU A OE2 1 
ATOM   422  N N   . GLU A 1 54  ? -1.373  -1.843  19.360  1.00   47.63 ? 54   GLU A N   1 
ATOM   423  C CA  . GLU A 1 54  ? -1.364  -3.139  18.654  1.00   47.20 ? 54   GLU A CA  1 
ATOM   424  C C   . GLU A 1 54  ? -1.082  -3.062  17.126  1.00   47.28 ? 54   GLU A C   1 
ATOM   425  O O   . GLU A 1 54  ? -0.589  -4.050  16.523  1.00   47.46 ? 54   GLU A O   1 
ATOM   426  C CB  . GLU A 1 54  ? -2.674  -3.899  18.926  1.00   47.39 ? 54   GLU A CB  1 
ATOM   427  C CG  . GLU A 1 54  ? -3.227  -4.257  20.175  0.0000 20.00 ? 54   GLU A CG  1 
ATOM   428  C CD  . GLU A 1 54  ? -2.762  -3.226  21.204  0.0000 20.00 ? 54   GLU A CD  1 
ATOM   429  O OE1 . GLU A 1 54  ? -2.107  -3.606  22.246  0.0000 20.00 ? 54   GLU A OE1 1 
ATOM   430  O OE2 . GLU A 1 54  ? -3.030  -1.979  21.031  0.0000 20.00 ? 54   GLU A OE2 1 
ATOM   431  N N   . LYS A 1 55  ? -1.393  -1.911  16.506  1.00   46.15 ? 55   LYS A N   1 
ATOM   432  C CA  . LYS A 1 55  ? -1.134  -1.687  15.069  1.00   44.70 ? 55   LYS A CA  1 
ATOM   433  C C   . LYS A 1 55  ? -0.527  -0.298  14.802  1.00   43.76 ? 55   LYS A C   1 
ATOM   434  O O   . LYS A 1 55  ? -1.264  0.685   14.672  1.00   44.02 ? 55   LYS A O   1 
ATOM   435  C CB  . LYS A 1 55  ? -2.413  -1.923  14.239  1.00   44.86 ? 55   LYS A CB  1 
ATOM   436  C CG  . LYS A 1 55  ? -3.180  -3.151  14.746  0.0000 20.00 ? 55   LYS A CG  1 
ATOM   437  C CD  . LYS A 1 55  ? -2.556  -4.462  14.263  0.0000 20.00 ? 55   LYS A CD  1 
ATOM   438  C CE  . LYS A 1 55  ? -2.871  -4.770  12.798  0.0000 20.00 ? 55   LYS A CE  1 
ATOM   439  N NZ  . LYS A 1 55  ? -2.259  -6.022  12.329  0.0000 20.00 ? 55   LYS A NZ  1 
ATOM   440  N N   . PRO A 1 56  ? 0.822   -0.217  14.713  1.00   42.53 ? 56   PRO A N   1 
ATOM   441  C CA  . PRO A 1 56  ? 1.599   1.036   14.595  1.00   41.23 ? 56   PRO A CA  1 
ATOM   442  C C   . PRO A 1 56  ? 1.328   1.885   13.349  1.00   39.70 ? 56   PRO A C   1 
ATOM   443  O O   . PRO A 1 56  ? 1.650   3.070   13.347  1.00   39.00 ? 56   PRO A O   1 
ATOM   444  C CB  . PRO A 1 56  ? 3.059   0.551   14.591  1.00   41.09 ? 56   PRO A CB  1 
ATOM   445  C CG  . PRO A 1 56  ? 2.994   -0.809  15.212  1.00   42.41 ? 56   PRO A CG  1 
ATOM   446  C CD  . PRO A 1 56  ? 1.716   -1.391  14.735  1.00   42.44 ? 56   PRO A CD  1 
ATOM   447  N N   . PHE A 1 57  ? 0.740   1.281   12.319  1.00   38.39 ? 57   PHE A N   1 
ATOM   448  C CA  . PHE A 1 57  ? 0.322   1.997   11.115  1.00   37.04 ? 57   PHE A CA  1 
ATOM   449  C C   . PHE A 1 57  ? -0.690  3.106   11.474  1.00   36.52 ? 57   PHE A C   1 
ATOM   450  O O   . PHE A 1 57  ? -0.574  4.230   11.007  1.00   35.81 ? 57   PHE A O   1 
ATOM   451  C CB  . PHE A 1 57  ? -0.265  1.025   10.079  1.00   36.14 ? 57   PHE A CB  1 
ATOM   452  C CG  . PHE A 1 57  ? -0.793  1.699   8.834   1.00   35.03 ? 57   PHE A CG  1 
ATOM   453  C CD1 . PHE A 1 57  ? 0.049   2.454   8.021   1.00   35.46 ? 57   PHE A CD1 1 
ATOM   454  C CD2 . PHE A 1 57  ? -2.133  1.566   8.472   1.00   34.48 ? 57   PHE A CD2 1 
ATOM   455  C CE1 . PHE A 1 57  ? -0.430  3.080   6.858   1.00   34.50 ? 57   PHE A CE1 1 
ATOM   456  C CE2 . PHE A 1 57  ? -2.637  2.184   7.300   1.00   35.80 ? 57   PHE A CE2 1 
ATOM   457  C CZ  . PHE A 1 57  ? -1.773  2.943   6.492   1.00   34.73 ? 57   PHE A CZ  1 
ATOM   458  N N   . PHE A 1 58  ? -1.649  2.775   12.336  1.00   36.02 ? 58   PHE A N   1 
ATOM   459  C CA  . PHE A 1 58  ? -2.621  3.748   12.808  1.00   36.35 ? 58   PHE A CA  1 
ATOM   460  C C   . PHE A 1 58  ? -2.000  4.898   13.598  1.00   35.28 ? 58   PHE A C   1 
ATOM   461  O O   . PHE A 1 58  ? -2.637  5.927   13.785  1.00   35.53 ? 58   PHE A O   1 
ATOM   462  C CB  . PHE A 1 58  ? -3.745  3.059   13.580  1.00   37.11 ? 58   PHE A CB  1 
ATOM   463  C CG  . PHE A 1 58  ? -4.596  2.168   12.717  1.00   38.58 ? 58   PHE A CG  1 
ATOM   464  C CD1 . PHE A 1 58  ? -4.896  0.870   13.113  1.00   40.60 ? 58   PHE A CD1 1 
ATOM   465  C CD2 . PHE A 1 58  ? -5.076  2.629   11.487  1.00   39.95 ? 58   PHE A CD2 1 
ATOM   466  C CE1 . PHE A 1 58  ? -5.678  0.052   12.310  1.00   40.30 ? 58   PHE A CE1 1 
ATOM   467  C CE2 . PHE A 1 58  ? -5.847  1.821   10.667  1.00   40.19 ? 58   PHE A CE2 1 
ATOM   468  C CZ  . PHE A 1 58  ? -6.151  0.516   11.079  1.00   40.00 ? 58   PHE A CZ  1 
ATOM   469  N N   . GLY A 1 59  ? -0.766  4.708   14.052  1.00   33.99 ? 59   GLY A N   1 
ATOM   470  C CA  . GLY A 1 59  ? 0.031   5.775   14.632  1.00   32.44 ? 59   GLY A CA  1 
ATOM   471  C C   . GLY A 1 59  ? 0.643   6.641   13.553  1.00   32.28 ? 59   GLY A C   1 
ATOM   472  O O   . GLY A 1 59  ? 0.581   7.870   13.629  1.00   32.44 ? 59   GLY A O   1 
ATOM   473  N N   . GLU A 1 60  ? 1.224   6.000   12.532  1.00   30.72 ? 60   GLU A N   1 
ATOM   474  C CA  . GLU A 1 60  ? 1.851   6.696   11.409  1.00   29.78 ? 60   GLU A CA  1 
ATOM   475  C C   . GLU A 1 60  ? 0.865   7.557   10.652  1.00   27.31 ? 60   GLU A C   1 
ATOM   476  O O   . GLU A 1 60  ? 1.245   8.585   10.104  1.00   26.66 ? 60   GLU A O   1 
ATOM   477  C CB  . GLU A 1 60  ? 2.392   5.681   10.383  1.00   30.65 ? 60   GLU A CB  1 
ATOM   478  C CG  . GLU A 1 60  ? 3.806   5.288   10.531  1.00   34.10 ? 60   GLU A CG  1 
ATOM   479  C CD  . GLU A 1 60  ? 4.264   4.497   9.328   1.00   37.41 ? 60   GLU A CD  1 
ATOM   480  O OE1 . GLU A 1 60  ? 3.777   3.357   9.174   1.00   38.76 ? 60   GLU A OE1 1 
ATOM   481  O OE2 . GLU A 1 60  ? 5.091   5.026   8.545   1.00   37.49 ? 60   GLU A OE2 1 
ATOM   482  N N   . LEU A 1 61  ? -0.368  7.075   10.535  1.00   26.64 ? 61   LEU A N   1 
ATOM   483  C CA  . LEU A 1 61  ? -1.414  7.843   9.871   1.00   27.12 ? 61   LEU A CA  1 
ATOM   484  C C   . LEU A 1 61  ? -1.505  9.255   10.435  1.00   26.87 ? 61   LEU A C   1 
ATOM   485  O O   . LEU A 1 61  ? -1.656  10.216  9.686   1.00   26.35 ? 61   LEU A O   1 
ATOM   486  C CB  . LEU A 1 61  ? -2.772  7.146   9.958   1.00   27.31 ? 61   LEU A CB  1 
ATOM   487  C CG  . LEU A 1 61  ? -3.019  6.002   8.977   1.00   29.63 ? 61   LEU A CG  1 
ATOM   488  C CD1 . LEU A 1 61  ? -4.458  5.484   9.125   1.00   30.64 ? 61   LEU A CD1 1 
ATOM   489  C CD2 . LEU A 1 61  ? -2.724  6.449   7.536   1.00   29.42 ? 61   LEU A CD2 1 
ATOM   490  N N   . VAL A 1 62  ? -1.397  9.371   11.762  1.00   26.75 ? 62   VAL A N   1 
ATOM   491  C CA  . VAL A 1 62  ? -1.462  10.687  12.414  1.00   26.09 ? 62   VAL A CA  1 
ATOM   492  C C   . VAL A 1 62  ? -0.346  11.583  11.893  1.00   25.82 ? 62   VAL A C   1 
ATOM   493  O O   . VAL A 1 62  ? -0.595  12.718  11.527  1.00   26.09 ? 62   VAL A O   1 
ATOM   494  C CB  . VAL A 1 62  ? -1.491  10.585  13.981  1.00   25.52 ? 62   VAL A CB  1 
ATOM   495  C CG1 . VAL A 1 62  ? -1.386  11.987  14.645  1.00   26.18 ? 62   VAL A CG1 1 
ATOM   496  C CG2 . VAL A 1 62  ? -2.768  9.914   14.438  1.00   24.26 ? 62   VAL A CG2 1 
ATOM   497  N N   . ASP A 1 63  ? 0.873   11.068  11.805  1.00   25.64 ? 63   ASP A N   1 
ATOM   498  C CA  . ASP A 1 63  ? 1.954   11.857  11.248  1.00   25.67 ? 63   ASP A CA  1 
ATOM   499  C C   . ASP A 1 63  ? 1.710   12.315  9.804   1.00   26.06 ? 63   ASP A C   1 
ATOM   500  O O   . ASP A 1 63  ? 2.191   13.377  9.401   1.00   27.04 ? 63   ASP A O   1 
ATOM   501  C CB  . ASP A 1 63  ? 3.257   11.077  11.288  1.00   27.02 ? 63   ASP A CB  1 
ATOM   502  C CG  . ASP A 1 63  ? 4.488   11.981  11.592  0.0000 20.00 ? 63   ASP A CG  1 
ATOM   503  O OD1 . ASP A 1 63  ? 4.461   13.225  11.265  0.0000 20.00 ? 63   ASP A OD1 1 
ATOM   504  O OD2 . ASP A 1 63  ? 5.533   11.483  12.158  0.0000 20.00 ? 63   ASP A OD2 1 
ATOM   505  N N   . PHE A 1 64  ? 0.964   11.546  9.025   1.00   25.15 ? 64   PHE A N   1 
ATOM   506  C CA  . PHE A 1 64  ? 0.777   11.909  7.629   1.00   25.21 ? 64   PHE A CA  1 
ATOM   507  C C   . PHE A 1 64  ? -0.161  13.088  7.411   1.00   25.67 ? 64   PHE A C   1 
ATOM   508  O O   . PHE A 1 64  ? -0.096  13.721  6.367   1.00   24.95 ? 64   PHE A O   1 
ATOM   509  C CB  . PHE A 1 64  ? 0.302   10.715  6.805   1.00   24.98 ? 64   PHE A CB  1 
ATOM   510  C CG  . PHE A 1 64  ? 1.284   9.578   6.759   1.00   24.45 ? 64   PHE A CG  1 
ATOM   511  C CD1 . PHE A 1 64  ? 2.638   9.784   7.020   1.00   25.75 ? 64   PHE A CD1 1 
ATOM   512  C CD2 . PHE A 1 64  ? 0.845   8.303   6.453   1.00   25.83 ? 64   PHE A CD2 1 
ATOM   513  C CE1 . PHE A 1 64  ? 3.546   8.709   6.992   1.00   28.29 ? 64   PHE A CE1 1 
ATOM   514  C CE2 . PHE A 1 64  ? 1.748   7.220   6.417   1.00   28.64 ? 64   PHE A CE2 1 
ATOM   515  C CZ  . PHE A 1 64  ? 3.088   7.433   6.681   1.00   26.48 ? 64   PHE A CZ  1 
ATOM   516  N N   . ILE A 1 65  ? -1.028  13.372  8.386   1.00   25.38 ? 65   ILE A N   1 
ATOM   517  C CA  . ILE A 1 65  ? -1.949  14.503  8.307   1.00   25.93 ? 65   ILE A CA  1 
ATOM   518  C C   . ILE A 1 65  ? -1.207  15.796  7.932   1.00   27.45 ? 65   ILE A C   1 
ATOM   519  O O   . ILE A 1 65  ? -1.658  16.555  7.066   1.00   27.39 ? 65   ILE A O   1 
ATOM   520  C CB  . ILE A 1 65  ? -2.714  14.702  9.632   1.00   25.85 ? 65   ILE A CB  1 
ATOM   521  C CG1 . ILE A 1 65  ? -3.546  13.454  9.962   1.00   23.63 ? 65   ILE A CG1 1 
ATOM   522  C CG2 . ILE A 1 65  ? -3.597  15.934  9.581   1.00   25.63 ? 65   ILE A CG2 1 
ATOM   523  C CD1 . ILE A 1 65  ? -4.201  13.559  11.358  1.00   25.91 ? 65   ILE A CD1 1 
ATOM   524  N N   . THR A 1 66  ? -0.054  16.035  8.540   1.00   28.19 ? 66   THR A N   1 
ATOM   525  C CA  . THR A 1 66  ? 0.630   17.283  8.259   1.00   30.14 ? 66   THR A CA  1 
ATOM   526  C C   . THR A 1 66  ? 1.823   17.150  7.338   1.00   31.57 ? 66   THR A C   1 
ATOM   527  O O   . THR A 1 66  ? 2.510   18.145  7.115   1.00   31.99 ? 66   THR A O   1 
ATOM   528  C CB  . THR A 1 66  ? 1.078   18.008  9.561   1.00   30.06 ? 66   THR A CB  1 
ATOM   529  O OG1 . THR A 1 66  ? 2.014   17.182  10.262  1.00   30.54 ? 66   THR A OG1 1 
ATOM   530  C CG2 . THR A 1 66  ? -0.126  18.310  10.453  1.00   28.94 ? 66   THR A CG2 1 
ATOM   531  N N   . SER A 1 67  ? 2.084   15.960  6.788   1.00   32.71 ? 67   SER A N   1 
ATOM   532  C CA  . SER A 1 67  ? 3.325   15.804  6.024   1.00   34.22 ? 67   SER A CA  1 
ATOM   533  C C   . SER A 1 67  ? 3.266   15.727  4.493   1.00   34.16 ? 67   SER A C   1 
ATOM   534  O O   . SER A 1 67  ? 4.321   15.690  3.852   1.00   36.31 ? 67   SER A O   1 
ATOM   535  C CB  . SER A 1 67  ? 4.201   14.684  6.572   1.00   34.46 ? 67   SER A CB  1 
ATOM   536  O OG  . SER A 1 67  ? 3.687   13.457  6.169   1.00   38.13 ? 67   SER A OG  1 
ATOM   537  N N   . GLY A 1 68  ? 2.093   15.754  3.880   1.00   32.18 ? 68   GLY A N   1 
ATOM   538  C CA  . GLY A 1 68  ? 2.075   15.515  2.428   1.00   29.61 ? 68   GLY A CA  1 
ATOM   539  C C   . GLY A 1 68  ? 1.137   14.402  2.022   1.00   27.24 ? 68   GLY A C   1 
ATOM   540  O O   . GLY A 1 68  ? 0.793   13.531  2.854   1.00   27.07 ? 68   GLY A O   1 
ATOM   541  N N   . PRO A 1 69  ? 0.696   14.420  0.747   1.00   25.79 ? 69   PRO A N   1 
ATOM   542  C CA  . PRO A 1 69  ? -0.246  13.397  0.326   1.00   24.20 ? 69   PRO A CA  1 
ATOM   543  C C   . PRO A 1 69  ? 0.380   12.016  0.170   1.00   22.55 ? 69   PRO A C   1 
ATOM   544  O O   . PRO A 1 69  ? 1.622   11.871  0.093   1.00   23.10 ? 69   PRO A O   1 
ATOM   545  C CB  . PRO A 1 69  ? -0.762  13.910  -1.030  1.00   25.22 ? 69   PRO A CB  1 
ATOM   546  C CG  . PRO A 1 69  ? 0.355   14.771  -1.554  1.00   25.04 ? 69   PRO A CG  1 
ATOM   547  C CD  . PRO A 1 69  ? 1.018   15.378  -0.337  1.00   24.91 ? 69   PRO A CD  1 
ATOM   548  N N   . VAL A 1 70  ? -0.499  11.025  0.136   1.00   20.47 ? 70   VAL A N   1 
ATOM   549  C CA  . VAL A 1 70  ? -0.144  9.619   -0.028  1.00   19.36 ? 70   VAL A CA  1 
ATOM   550  C C   . VAL A 1 70  ? -0.827  9.119   -1.306  1.00   19.19 ? 70   VAL A C   1 
ATOM   551  O O   . VAL A 1 70  ? -1.766  9.751   -1.778  1.00   17.96 ? 70   VAL A O   1 
ATOM   552  C CB  . VAL A 1 70  ? -0.595  8.768   1.204   1.00   19.18 ? 70   VAL A CB  1 
ATOM   553  C CG1 . VAL A 1 70  ? 0.150   9.215   2.470   1.00   19.73 ? 70   VAL A CG1 1 
ATOM   554  C CG2 . VAL A 1 70  ? -2.150  8.837   1.432   1.00   17.39 ? 70   VAL A CG2 1 
ATOM   555  N N   . PHE A 1 71  ? -0.347  8.014   -1.865  1.00   17.53 ? 71   PHE A N   1 
ATOM   556  C CA  . PHE A 1 71  ? -0.995  7.438   -3.038  1.00   18.40 ? 71   PHE A CA  1 
ATOM   557  C C   . PHE A 1 71  ? -1.498  6.057   -2.597  1.00   17.89 ? 71   PHE A C   1 
ATOM   558  O O   . PHE A 1 71  ? -0.703  5.126   -2.272  1.00   17.80 ? 71   PHE A O   1 
ATOM   559  C CB  . PHE A 1 71  ? -0.029  7.407   -4.257  1.00   17.93 ? 71   PHE A CB  1 
ATOM   560  C CG  . PHE A 1 71  ? -0.670  6.891   -5.545  1.00   19.32 ? 71   PHE A CG  1 
ATOM   561  C CD1 . PHE A 1 71  ? -0.457  5.575   -5.975  1.00   18.26 ? 71   PHE A CD1 1 
ATOM   562  C CD2 . PHE A 1 71  ? -1.505  7.711   -6.305  1.00   19.30 ? 71   PHE A CD2 1 
ATOM   563  C CE1 . PHE A 1 71  ? -1.049  5.087   -7.169  1.00   19.75 ? 71   PHE A CE1 1 
ATOM   564  C CE2 . PHE A 1 71  ? -2.121  7.216   -7.496  1.00   24.09 ? 71   PHE A CE2 1 
ATOM   565  C CZ  . PHE A 1 71  ? -1.885  5.901   -7.918  1.00   16.89 ? 71   PHE A CZ  1 
ATOM   566  N N   . ALA A 1 72  ? -2.823  5.945   -2.521  1.00   17.52 ? 72   ALA A N   1 
ATOM   567  C CA  . ALA A 1 72  ? -3.496  4.764   -1.960  1.00   18.12 ? 72   ALA A CA  1 
ATOM   568  C C   . ALA A 1 72  ? -3.980  3.905   -3.091  1.00   18.40 ? 72   ALA A C   1 
ATOM   569  O O   . ALA A 1 72  ? -4.518  4.447   -4.055  1.00   19.45 ? 72   ALA A O   1 
ATOM   570  C CB  . ALA A 1 72  ? -4.705  5.212   -1.094  1.00   17.04 ? 72   ALA A CB  1 
ATOM   571  N N   . MET A 1 73  ? -3.826  2.588   -2.974  1.00   18.15 ? 73   MET A N   1 
ATOM   572  C CA  . MET A 1 73  ? -4.118  1.654   -4.055  1.00   18.31 ? 73   MET A CA  1 
ATOM   573  C C   . MET A 1 73  ? -4.739  0.401   -3.491  1.00   18.47 ? 73   MET A C   1 
ATOM   574  O O   . MET A 1 73  ? -4.443  0.027   -2.358  1.00   18.70 ? 73   MET A O   1 
ATOM   575  C CB  . MET A 1 73  ? -2.826  1.190   -4.738  1.00   18.21 ? 73   MET A CB  1 
ATOM   576  C CG  . MET A 1 73  ? -2.012  2.315   -5.386  1.00   20.92 ? 73   MET A CG  1 
ATOM   577  S SD  . MET A 1 73  ? -0.398  1.736   -5.962  1.00   19.44 ? 73   MET A SD  1 
ATOM   578  C CE  . MET A 1 73  ? 0.566   1.866   -4.453  1.00   20.17 ? 73   MET A CE  1 
ATOM   579  N N   . VAL A 1 74  ? -5.581  -0.251  -4.294  1.00   18.00 ? 74   VAL A N   1 
ATOM   580  C CA  . VAL A 1 74  ? -6.065  -1.592  -3.980  1.00   18.34 ? 74   VAL A CA  1 
ATOM   581  C C   . VAL A 1 74  ? -5.696  -2.504  -5.133  1.00   18.61 ? 74   VAL A C   1 
ATOM   582  O O   . VAL A 1 74  ? -6.045  -2.215  -6.281  1.00   18.93 ? 74   VAL A O   1 
ATOM   583  C CB  . VAL A 1 74  ? -7.607  -1.595  -3.746  1.00   18.85 ? 74   VAL A CB  1 
ATOM   584  C CG1 . VAL A 1 74  ? -8.100  -2.995  -3.375  1.00   17.96 ? 74   VAL A CG1 1 
ATOM   585  C CG2 . VAL A 1 74  ? -7.969  -0.573  -2.652  1.00   17.68 ? 74   VAL A CG2 1 
ATOM   586  N N   . TRP A 1 75  ? -4.952  -3.571  -4.841  1.00   17.65 ? 75   TRP A N   1 
ATOM   587  C CA  . TRP A 1 75  ? -4.559  -4.530  -5.860  1.00   19.78 ? 75   TRP A CA  1 
ATOM   588  C C   . TRP A 1 75  ? -5.245  -5.864  -5.630  1.00   20.52 ? 75   TRP A C   1 
ATOM   589  O O   . TRP A 1 75  ? -5.477  -6.274  -4.497  1.00   21.13 ? 75   TRP A O   1 
ATOM   590  C CB  . TRP A 1 75  ? -3.036  -4.728  -5.876  1.00   18.68 ? 75   TRP A CB  1 
ATOM   591  C CG  . TRP A 1 75  ? -2.286  -3.510  -6.370  1.00   19.31 ? 75   TRP A CG  1 
ATOM   592  C CD1 . TRP A 1 75  ? -1.900  -2.407  -5.630  1.00   19.28 ? 75   TRP A CD1 1 
ATOM   593  C CD2 . TRP A 1 75  ? -1.843  -3.264  -7.717  1.00   20.37 ? 75   TRP A CD2 1 
ATOM   594  N NE1 . TRP A 1 75  ? -1.213  -1.508  -6.440  1.00   19.28 ? 75   TRP A NE1 1 
ATOM   595  C CE2 . TRP A 1 75  ? -1.170  -2.011  -7.722  1.00   19.61 ? 75   TRP A CE2 1 
ATOM   596  C CE3 . TRP A 1 75  ? -1.940  -3.989  -8.921  1.00   18.87 ? 75   TRP A CE3 1 
ATOM   597  C CZ2 . TRP A 1 75  ? -0.605  -1.470  -8.884  1.00   16.73 ? 75   TRP A CZ2 1 
ATOM   598  C CZ3 . TRP A 1 75  ? -1.360  -3.438  -10.078 1.00   19.08 ? 75   TRP A CZ3 1 
ATOM   599  C CH2 . TRP A 1 75  ? -0.716  -2.198  -10.044 1.00   17.56 ? 75   TRP A CH2 1 
ATOM   600  N N   . GLN A 1 76  ? -5.538  -6.546  -6.721  1.00   21.74 ? 76   GLN A N   1 
ATOM   601  C CA  . GLN A 1 76  ? -6.233  -7.824  -6.658  1.00   22.49 ? 76   GLN A CA  1 
ATOM   602  C C   . GLN A 1 76  ? -5.458  -8.915  -7.361  1.00   22.15 ? 76   GLN A C   1 
ATOM   603  O O   . GLN A 1 76  ? -4.889  -8.716  -8.465  1.00   21.86 ? 76   GLN A O   1 
ATOM   604  C CB  . GLN A 1 76  ? -7.621  -7.652  -7.269  1.00   22.99 ? 76   GLN A CB  1 
ATOM   605  C CG  . GLN A 1 76  ? -8.458  -8.888  -7.408  1.00   26.96 ? 76   GLN A CG  1 
ATOM   606  C CD  . GLN A 1 76  ? -9.828  -8.510  -7.926  1.00   32.74 ? 76   GLN A CD  1 
ATOM   607  O OE1 . GLN A 1 76  ? -10.098 -8.572  -9.123  1.00   34.10 ? 76   GLN A OE1 1 
ATOM   608  N NE2 . GLN A 1 76  ? -10.665 -8.036  -7.037  1.00   33.49 ? 76   GLN A NE2 1 
ATOM   609  N N   . GLY A 1 77  ? -5.415  -10.072 -6.716  1.00   22.40 ? 77   GLY A N   1 
ATOM   610  C CA  . GLY A 1 77  ? -4.897  -11.285 -7.354  1.00   22.99 ? 77   GLY A CA  1 
ATOM   611  C C   . GLY A 1 77  ? -4.667  -12.419 -6.382  1.00   23.22 ? 77   GLY A C   1 
ATOM   612  O O   . GLY A 1 77  ? -4.829  -12.272 -5.156  1.00   23.38 ? 77   GLY A O   1 
ATOM   613  N N   . GLU A 1 78  ? -4.281  -13.562 -6.925  1.00   23.55 ? 78   GLU A N   1 
ATOM   614  C CA  . GLU A 1 78  ? -4.072  -14.742 -6.099  1.00   24.35 ? 78   GLU A CA  1 
ATOM   615  C C   . GLU A 1 78  ? -2.873  -14.534 -5.192  1.00   23.57 ? 78   GLU A C   1 
ATOM   616  O O   . GLU A 1 78  ? -1.780  -14.159 -5.649  1.00   23.77 ? 78   GLU A O   1 
ATOM   617  C CB  . GLU A 1 78  ? -3.883  -15.969 -6.969  1.00   25.41 ? 78   GLU A CB  1 
ATOM   618  C CG  . GLU A 1 78  ? -3.669  -17.289 -6.213  1.00   30.80 ? 78   GLU A CG  1 
ATOM   619  C CD  . GLU A 1 78  ? -3.345  -18.405 -7.187  1.00   36.96 ? 78   GLU A CD  1 
ATOM   620  O OE1 . GLU A 1 78  ? -4.178  -18.680 -8.078  1.00   38.92 ? 78   GLU A OE1 1 
ATOM   621  O OE2 . GLU A 1 78  ? -2.231  -18.963 -7.097  1.00   40.94 ? 78   GLU A OE2 1 
ATOM   622  N N   . GLY A 1 79  ? -3.100  -14.743 -3.902  1.00   22.18 ? 79   GLY A N   1 
ATOM   623  C CA  . GLY A 1 79  ? -2.067  -14.560 -2.879  1.00   20.92 ? 79   GLY A CA  1 
ATOM   624  C C   . GLY A 1 79  ? -1.469  -13.159 -2.822  1.00   20.76 ? 79   GLY A C   1 
ATOM   625  O O   . GLY A 1 79  ? -0.334  -13.009 -2.373  1.00   19.65 ? 79   GLY A O   1 
ATOM   626  N N   . VAL A 1 80  ? -2.219  -12.129 -3.237  1.00   20.04 ? 80   VAL A N   1 
ATOM   627  C CA  . VAL A 1 80  ? -1.649  -10.758 -3.338  1.00   20.30 ? 80   VAL A CA  1 
ATOM   628  C C   . VAL A 1 80  ? -1.178  -10.146 -1.986  1.00   20.10 ? 80   VAL A C   1 
ATOM   629  O O   . VAL A 1 80  ? -0.217  -9.377  -1.953  1.00   19.66 ? 80   VAL A O   1 
ATOM   630  C CB  . VAL A 1 80  ? -2.578  -9.763  -4.114  1.00   20.87 ? 80   VAL A CB  1 
ATOM   631  C CG1 . VAL A 1 80  ? -3.833  -9.384  -3.275  1.00   21.15 ? 80   VAL A CG1 1 
ATOM   632  C CG2 . VAL A 1 80  ? -1.786  -8.497  -4.583  1.00   21.01 ? 80   VAL A CG2 1 
ATOM   633  N N   . VAL A 1 81  ? -1.852  -10.465 -0.881  1.00   19.80 ? 81   VAL A N   1 
ATOM   634  C CA  . VAL A 1 81  ? -1.464  -9.900  0.416   1.00   20.13 ? 81   VAL A CA  1 
ATOM   635  C C   . VAL A 1 81  ? -0.039  -10.306 0.765   1.00   20.59 ? 81   VAL A C   1 
ATOM   636  O O   . VAL A 1 81  ? 0.819   -9.437  1.026   1.00   20.50 ? 81   VAL A O   1 
ATOM   637  C CB  . VAL A 1 81  ? -2.423  -10.304 1.553   1.00   20.59 ? 81   VAL A CB  1 
ATOM   638  C CG1 . VAL A 1 81  ? -1.855  -9.847  2.918   1.00   19.27 ? 81   VAL A CG1 1 
ATOM   639  C CG2 . VAL A 1 81  ? -3.848  -9.742  1.281   1.00   16.66 ? 81   VAL A CG2 1 
ATOM   640  N N   . ASP A 1 82  ? 0.234   -11.608 0.756   1.00   20.95 ? 82   ASP A N   1 
ATOM   641  C CA  . ASP A 1 82  ? 1.565   -12.053 1.143   1.00   22.54 ? 82   ASP A CA  1 
ATOM   642  C C   . ASP A 1 82  ? 2.638   -11.756 0.119   1.00   21.44 ? 82   ASP A C   1 
ATOM   643  O O   . ASP A 1 82  ? 3.781   -11.448 0.482   1.00   20.81 ? 82   ASP A O   1 
ATOM   644  C CB  . ASP A 1 82  ? 1.567   -13.529 1.483   1.00   24.18 ? 82   ASP A CB  1 
ATOM   645  C CG  . ASP A 1 82  ? 1.130   -13.776 2.929   1.00   30.77 ? 82   ASP A CG  1 
ATOM   646  O OD1 . ASP A 1 82  ? 0.899   -14.948 3.254   1.00   38.21 ? 82   ASP A OD1 1 
ATOM   647  O OD2 . ASP A 1 82  ? 1.017   -12.801 3.735   1.00   36.63 ? 82   ASP A OD2 1 
ATOM   648  N N   . THR A 1 83  ? 2.268   -11.856 -1.145  1.00   20.20 ? 83   THR A N   1 
ATOM   649  C CA  . THR A 1 83  ? 3.197   -11.582 -2.237  1.00   20.44 ? 83   THR A CA  1 
ATOM   650  C C   . THR A 1 83  ? 3.613   -10.105 -2.244  1.00   19.22 ? 83   THR A C   1 
ATOM   651  O O   . THR A 1 83  ? 4.778   -9.807  -2.425  1.00   18.19 ? 83   THR A O   1 
ATOM   652  C CB  . THR A 1 83  ? 2.594   -12.033 -3.595  1.00   19.91 ? 83   THR A CB  1 
ATOM   653  O OG1 . THR A 1 83  ? 2.437   -13.448 -3.528  1.00   23.91 ? 83   THR A OG1 1 
ATOM   654  C CG2 . THR A 1 83  ? 3.546   -11.719 -4.779  1.00   21.98 ? 83   THR A CG2 1 
ATOM   655  N N   . ALA A 1 84  ? 2.665   -9.200  -1.990  1.00   18.24 ? 84   ALA A N   1 
ATOM   656  C CA  . ALA A 1 84  ? 2.982   -7.786  -1.975  1.00   18.74 ? 84   ALA A CA  1 
ATOM   657  C C   . ALA A 1 84  ? 3.949   -7.502  -0.819  1.00   18.60 ? 84   ALA A C   1 
ATOM   658  O O   . ALA A 1 84  ? 4.842   -6.684  -0.962  1.00   17.29 ? 84   ALA A O   1 
ATOM   659  C CB  . ALA A 1 84  ? 1.717   -6.911  -1.882  1.00   17.95 ? 84   ALA A CB  1 
ATOM   660  N N   . ARG A 1 85  ? 3.818   -8.231  0.295   1.00   19.05 ? 85   ARG A N   1 
ATOM   661  C CA  . ARG A 1 85  ? 4.756   -8.050  1.415   1.00   20.68 ? 85   ARG A CA  1 
ATOM   662  C C   . ARG A 1 85  ? 6.156   -8.465  0.996   1.00   19.89 ? 85   ARG A C   1 
ATOM   663  O O   . ARG A 1 85  ? 7.129   -7.805  1.318   1.00   20.11 ? 85   ARG A O   1 
ATOM   664  C CB  . ARG A 1 85  ? 4.310   -8.856  2.644   1.00   20.94 ? 85   ARG A CB  1 
ATOM   665  C CG  . ARG A 1 85  ? 2.893   -8.458  3.110   1.00   27.51 ? 85   ARG A CG  1 
ATOM   666  C CD  . ARG A 1 85  ? 2.826   -8.202  4.603   1.00   38.98 ? 85   ARG A CD  1 
ATOM   667  N NE  . ARG A 1 85  ? 3.307   -9.324  5.403   1.00   43.23 ? 85   ARG A NE  1 
ATOM   668  C CZ  . ARG A 1 85  ? 3.860   -9.199  6.607   1.00   47.42 ? 85   ARG A CZ  1 
ATOM   669  N NH1 . ARG A 1 85  ? 4.012   -7.995  7.168   1.00   48.43 ? 85   ARG A NH1 1 
ATOM   670  N NH2 . ARG A 1 85  ? 4.266   -10.282 7.252   1.00   48.81 ? 85   ARG A NH2 1 
ATOM   671  N N   . ASN A 1 86  ? 6.234   -9.586  0.288   1.00   19.74 ? 86   ASN A N   1 
ATOM   672  C CA  . ASN A 1 86  ? 7.467   -10.063 -0.290  1.00   20.70 ? 86   ASN A CA  1 
ATOM   673  C C   . ASN A 1 86  ? 8.141   -9.040  -1.205  1.00   19.52 ? 86   ASN A C   1 
ATOM   674  O O   . ASN A 1 86  ? 9.347   -8.789  -1.101  1.00   17.94 ? 86   ASN A O   1 
ATOM   675  C CB  . ASN A 1 86  ? 7.147   -11.233 -1.165  1.00   21.87 ? 86   ASN A CB  1 
ATOM   676  C CG  . ASN A 1 86  ? 7.615   -12.473 -0.604  1.00   30.98 ? 86   ASN A CG  1 
ATOM   677  O OD1 . ASN A 1 86  ? 8.541   -13.096 -1.177  1.00   41.16 ? 86   ASN A OD1 1 
ATOM   678  N ND2 . ASN A 1 86  ? 7.042   -12.875 0.542   1.00   30.68 ? 86   ASN A ND2 1 
ATOM   679  N N   . MET A 1 87  ? 7.337   -8.468  -2.087  1.00   18.09 ? 87   MET A N   1 
ATOM   680  C CA  . MET A 1 87  ? 7.830   -7.453  -3.049  1.00   18.96 ? 87   MET A CA  1 
ATOM   681  C C   . MET A 1 87  ? 8.276   -6.146  -2.403  1.00   18.89 ? 87   MET A C   1 
ATOM   682  O O   . MET A 1 87  ? 9.176   -5.504  -2.932  1.00   17.99 ? 87   MET A O   1 
ATOM   683  C CB  . MET A 1 87  ? 6.784   -7.174  -4.127  1.00   18.07 ? 87   MET A CB  1 
ATOM   684  C CG  . MET A 1 87  ? 6.611   -8.376  -5.106  1.00   19.59 ? 87   MET A CG  1 
ATOM   685  S SD  . MET A 1 87  ? 5.137   -8.168  -6.092  1.00   22.84 ? 87   MET A SD  1 
ATOM   686  C CE  . MET A 1 87  ? 5.674   -6.921  -7.289  1.00   22.44 ? 87   MET A CE  1 
ATOM   687  N N   . MET A 1 88  ? 7.630   -5.744  -1.298  1.00   18.80 ? 88   MET A N   1 
ATOM   688  C CA  . MET A 1 88  ? 8.027   -4.545  -0.539  1.00   19.71 ? 88   MET A CA  1 
ATOM   689  C C   . MET A 1 88  ? 9.347   -4.754  0.199   1.00   18.99 ? 88   MET A C   1 
ATOM   690  O O   . MET A 1 88  ? 10.152  -3.834  0.298   1.00   18.88 ? 88   MET A O   1 
ATOM   691  C CB  . MET A 1 88  ? 6.945   -4.168  0.485   1.00   19.49 ? 88   MET A CB  1 
ATOM   692  C CG  . MET A 1 88  ? 5.631   -3.608  -0.120  1.00   21.42 ? 88   MET A CG  1 
ATOM   693  S SD  . MET A 1 88  ? 4.517   -3.033  1.197   1.00   23.96 ? 88   MET A SD  1 
ATOM   694  C CE  . MET A 1 88  ? 4.210   -4.541  2.131   1.00   25.25 ? 88   MET A CE  1 
ATOM   695  N N   . GLY A 1 89  ? 9.578   -5.970  0.703   1.00   19.62 ? 89   GLY A N   1 
ATOM   696  C CA  . GLY A 1 89  ? 10.772  -6.261  1.503   1.00   20.34 ? 89   GLY A CA  1 
ATOM   697  C C   . GLY A 1 89  ? 10.486  -5.966  2.968   1.00   21.96 ? 89   GLY A C   1 
ATOM   698  O O   . GLY A 1 89  ? 9.410   -5.459  3.299   1.00   21.70 ? 89   GLY A O   1 
ATOM   699  N N   . LYS A 1 90  ? 11.442  -6.303  3.837   1.00   22.38 ? 90   LYS A N   1 
ATOM   700  C CA  . LYS A 1 90  ? 11.390  -6.023  5.276   1.00   24.14 ? 90   LYS A CA  1 
ATOM   701  C C   . LYS A 1 90  ? 11.072  -4.560  5.548   1.00   23.97 ? 90   LYS A C   1 
ATOM   702  O O   . LYS A 1 90  ? 11.493  -3.655  4.805   1.00   23.39 ? 90   LYS A O   1 
ATOM   703  C CB  . LYS A 1 90  ? 12.740  -6.338  5.951   1.00   24.13 ? 90   LYS A CB  1 
ATOM   704  C CG  . LYS A 1 90  ? 13.094  -7.821  6.023   1.00   29.41 ? 90   LYS A CG  1 
ATOM   705  C CD  . LYS A 1 90  ? 11.917  -8.611  6.538   1.00   35.99 ? 90   LYS A CD  1 
ATOM   706  C CE  . LYS A 1 90  ? 12.395  -9.800  7.361   1.00   42.98 ? 90   LYS A CE  1 
ATOM   707  N NZ  . LYS A 1 90  ? 13.641  -10.392 6.767   1.00   45.83 ? 90   LYS A NZ  1 
ATOM   708  N N   . THR A 1 91  ? 10.345  -4.342  6.631   1.00   24.67 ? 91   THR A N   1 
ATOM   709  C CA  . THR A 1 91  ? 9.944   -3.001  7.068   1.00   26.16 ? 91   THR A CA  1 
ATOM   710  C C   . THR A 1 91  ? 11.120  -2.054  7.251   1.00   25.91 ? 91   THR A C   1 
ATOM   711  O O   . THR A 1 91  ? 11.066  -0.890  6.842   1.00   24.30 ? 91   THR A O   1 
ATOM   712  C CB  . THR A 1 91  ? 9.128   -3.094  8.375   1.00   27.28 ? 91   THR A CB  1 
ATOM   713  O OG1 . THR A 1 91  ? 7.960   -3.883  8.108   1.00   29.59 ? 91   THR A OG1 1 
ATOM   714  C CG2 . THR A 1 91  ? 8.698   -1.718  8.807   1.00   27.07 ? 91   THR A CG2 1 
ATOM   715  N N   . ARG A 1 92  ? 12.185  -2.559  7.872   1.00   26.45 ? 92   ARG A N   1 
ATOM   716  C CA  . ARG A 1 92  ? 13.430  -1.806  7.993   1.00   28.93 ? 92   ARG A CA  1 
ATOM   717  C C   . ARG A 1 92  ? 14.235  -1.953  6.720   1.00   27.84 ? 92   ARG A C   1 
ATOM   718  O O   . ARG A 1 92  ? 14.652  -3.062  6.381   1.00   28.88 ? 92   ARG A O   1 
ATOM   719  C CB  . ARG A 1 92  ? 14.197  -2.275  9.243   1.00   29.30 ? 92   ARG A CB  1 
ATOM   720  C CG  . ARG A 1 92  ? 13.238  -2.321  10.477  1.00   31.92 ? 92   ARG A CG  1 
ATOM   721  C CD  . ARG A 1 92  ? 13.915  -2.721  11.791  1.00   34.51 ? 92   ARG A CD  1 
ATOM   722  N NE  . ARG A 1 92  ? 13.083  -2.349  12.941  1.00   46.05 ? 92   ARG A NE  1 
ATOM   723  C CZ  . ARG A 1 92  ? 13.232  -1.237  13.678  1.00   50.82 ? 92   ARG A CZ  1 
ATOM   724  N NH1 . ARG A 1 92  ? 14.191  -0.341  13.407  1.00   52.32 ? 92   ARG A NH1 1 
ATOM   725  N NH2 . ARG A 1 92  ? 12.412  -1.012  14.701  1.00   53.84 ? 92   ARG A NH2 1 
ATOM   726  N N   . PRO A 1 93  ? 14.425  -0.844  5.965   1.00   27.65 ? 93   PRO A N   1 
ATOM   727  C CA  . PRO A 1 93  ? 15.097  -0.998  4.678   1.00   26.85 ? 93   PRO A CA  1 
ATOM   728  C C   . PRO A 1 93  ? 16.528  -1.533  4.764   1.00   27.18 ? 93   PRO A C   1 
ATOM   729  O O   . PRO A 1 93  ? 16.996  -2.154  3.791   1.00   25.29 ? 93   PRO A O   1 
ATOM   730  C CB  . PRO A 1 93  ? 15.065  0.429   4.083   1.00   26.32 ? 93   PRO A CB  1 
ATOM   731  C CG  . PRO A 1 93  ? 13.931  1.085   4.724   1.00   27.24 ? 93   PRO A CG  1 
ATOM   732  C CD  . PRO A 1 93  ? 13.962  0.545   6.157   1.00   27.03 ? 93   PRO A CD  1 
ATOM   733  N N   . HIS A 1 94  ? 17.215  -1.306  5.897   1.00   26.85 ? 94   HIS A N   1 
ATOM   734  C CA  . HIS A 1 94  ? 18.553  -1.925  6.077   1.00   27.90 ? 94   HIS A CA  1 
ATOM   735  C C   . HIS A 1 94  ? 18.484  -3.462  6.008   1.00   28.14 ? 94   HIS A C   1 
ATOM   736  O O   . HIS A 1 94  ? 19.412  -4.107  5.548   1.00   27.10 ? 94   HIS A O   1 
ATOM   737  C CB  . HIS A 1 94  ? 19.275  -1.421  7.366   1.00   28.29 ? 94   HIS A CB  1 
ATOM   738  C CG  . HIS A 1 94  ? 19.138  -2.567  8.371   0.0000 20.00 ? 94   HIS A CG  1 
ATOM   739  N ND1 . HIS A 1 94  ? 18.244  -2.591  9.438   0.0000 20.00 ? 94   HIS A ND1 1 
ATOM   740  C CD2 . HIS A 1 94  ? 19.931  -3.661  8.514   0.0000 20.00 ? 94   HIS A CD2 1 
ATOM   741  C CE1 . HIS A 1 94  ? 18.506  -3.665  10.165  0.0000 20.00 ? 94   HIS A CE1 1 
ATOM   742  N NE2 . HIS A 1 94  ? 19.511  -4.308  9.629   0.0000 20.00 ? 94   HIS A NE2 1 
ATOM   743  N N   . GLU A 1 95  ? 17.347  -4.034  6.401   1.00   28.97 ? 95   GLU A N   1 
ATOM   744  C CA  . GLU A 1 95  ? 17.178  -5.471  6.396   1.00   29.93 ? 95   GLU A CA  1 
ATOM   745  C C   . GLU A 1 95  ? 16.549  -5.980  5.094   1.00   28.76 ? 95   GLU A C   1 
ATOM   746  O O   . GLU A 1 95  ? 16.536  -7.189  4.859   1.00   28.66 ? 95   GLU A O   1 
ATOM   747  C CB  . GLU A 1 95  ? 16.294  -5.903  7.572   1.00   30.11 ? 95   GLU A CB  1 
ATOM   748  C CG  . GLU A 1 95  ? 16.980  -5.872  8.924   1.00   33.28 ? 95   GLU A CG  1 
ATOM   749  C CD  . GLU A 1 95  ? 16.001  -5.993  10.081  1.00   34.64 ? 95   GLU A CD  1 
ATOM   750  O OE1 . GLU A 1 95  ? 16.325  -5.471  11.178  1.00   44.63 ? 95   GLU A OE1 1 
ATOM   751  O OE2 . GLU A 1 95  ? 14.916  -6.609  9.914   1.00   39.95 ? 95   GLU A OE2 1 
ATOM   752  N N   . ALA A 1 96  ? 16.011  -5.071  4.271   1.00   26.78 ? 96   ALA A N   1 
ATOM   753  C CA  . ALA A 1 96  ? 15.334  -5.459  3.023   1.00   24.67 ? 96   ALA A CA  1 
ATOM   754  C C   . ALA A 1 96  ? 16.337  -5.860  1.938   1.00   23.46 ? 96   ALA A C   1 
ATOM   755  O O   . ALA A 1 96  ? 17.391  -5.231  1.767   1.00   23.21 ? 96   ALA A O   1 
ATOM   756  C CB  . ALA A 1 96  ? 14.414  -4.335  2.521   1.00   23.86 ? 96   ALA A CB  1 
ATOM   757  N N   . ALA A 1 97  ? 15.993  -6.915  1.205   1.00   23.25 ? 97   ALA A N   1 
ATOM   758  C CA  . ALA A 1 97  ? 16.805  -7.427  0.109   1.00   22.55 ? 97   ALA A CA  1 
ATOM   759  C C   . ALA A 1 97  ? 16.793  -6.537  -1.130  1.00   22.38 ? 97   ALA A C   1 
ATOM   760  O O   . ALA A 1 97  ? 15.745  -5.974  -1.504  1.00   21.34 ? 97   ALA A O   1 
ATOM   761  C CB  . ALA A 1 97  ? 16.342  -8.843  -0.283  1.00   23.06 ? 97   ALA A CB  1 
ATOM   762  N N   . PRO A 1 98  ? 17.956  -6.447  -1.811  1.00   22.61 ? 98   PRO A N   1 
ATOM   763  C CA  . PRO A 1 98  ? 17.968  -5.758  -3.093  1.00   21.63 ? 98   PRO A CA  1 
ATOM   764  C C   . PRO A 1 98  ? 16.999  -6.488  -4.034  1.00   19.90 ? 98   PRO A C   1 
ATOM   765  O O   . PRO A 1 98  ? 16.845  -7.705  -3.934  1.00   20.17 ? 98   PRO A O   1 
ATOM   766  C CB  . PRO A 1 98  ? 19.434  -5.886  -3.548  1.00   22.86 ? 98   PRO A CB  1 
ATOM   767  C CG  . PRO A 1 98  ? 20.217  -6.136  -2.297  1.00   23.25 ? 98   PRO A CG  1 
ATOM   768  C CD  . PRO A 1 98  ? 19.301  -6.969  -1.448  1.00   22.51 ? 98   PRO A CD  1 
ATOM   769  N N   . GLY A 1 99  ? 16.302  -5.751  -4.885  1.00   18.10 ? 99   GLY A N   1 
ATOM   770  C CA  . GLY A 1 99  ? 15.233  -6.339  -5.705  1.00   17.55 ? 99   GLY A CA  1 
ATOM   771  C C   . GLY A 1 99  ? 13.832  -6.068  -5.158  1.00   16.87 ? 99   GLY A C   1 
ATOM   772  O O   . GLY A 1 99  ? 12.856  -6.072  -5.915  1.00   17.51 ? 99   GLY A O   1 
ATOM   773  N N   . THR A 1 100 ? 13.722  -5.833  -3.851  1.00   16.04 ? 100  THR A N   1 
ATOM   774  C CA  . THR A 1 100 ? 12.457  -5.423  -3.213  1.00   16.43 ? 100  THR A CA  1 
ATOM   775  C C   . THR A 1 100 ? 12.342  -3.900  -3.237  1.00   16.83 ? 100  THR A C   1 
ATOM   776  O O   . THR A 1 100 ? 13.350  -3.209  -3.452  1.00   17.18 ? 100  THR A O   1 
ATOM   777  C CB  . THR A 1 100 ? 12.383  -5.861  -1.691  1.00   16.27 ? 100  THR A CB  1 
ATOM   778  O OG1 . THR A 1 100 ? 13.379  -5.155  -0.917  1.00   17.67 ? 100  THR A OG1 1 
ATOM   779  C CG2 . THR A 1 100 ? 12.547  -7.375  -1.534  1.00   14.83 ? 100  THR A CG2 1 
ATOM   780  N N   . ILE A 1 101 ? 11.151  -3.365  -2.973  1.00   16.54 ? 101  ILE A N   1 
ATOM   781  C CA  . ILE A 1 101 ? 10.951  -1.901  -3.059  1.00   17.48 ? 101  ILE A CA  1 
ATOM   782  C C   . ILE A 1 101 ? 11.741  -1.181  -1.987  1.00   18.08 ? 101  ILE A C   1 
ATOM   783  O O   . ILE A 1 101 ? 12.475  -0.213  -2.275  1.00   18.14 ? 101  ILE A O   1 
ATOM   784  C CB  . ILE A 1 101 ? 9.429   -1.520  -3.020  1.00   17.34 ? 101  ILE A CB  1 
ATOM   785  C CG1 . ILE A 1 101 ? 8.747   -2.048  -4.291  1.00   18.34 ? 101  ILE A CG1 1 
ATOM   786  C CG2 . ILE A 1 101 ? 9.201   -0.007  -2.805  1.00   14.93 ? 101  ILE A CG2 1 
ATOM   787  C CD1 . ILE A 1 101 ? 7.198   -2.179  -4.189  1.00   18.65 ? 101  ILE A CD1 1 
ATOM   788  N N   . ARG A 1 102 ? 11.609  -1.627  -0.739  1.00   18.80 ? 102  ARG A N   1 
ATOM   789  C CA  . ARG A 1 102 ? 12.386  -0.965  0.327   1.00   20.04 ? 102  ARG A CA  1 
ATOM   790  C C   . ARG A 1 102 ? 13.883  -1.197  0.168   1.00   19.80 ? 102  ARG A C   1 
ATOM   791  O O   . ARG A 1 102 ? 14.701  -0.305  0.418   1.00   21.21 ? 102  ARG A O   1 
ATOM   792  C CB  . ARG A 1 102 ? 11.854  -1.338  1.714   1.00   20.42 ? 102  ARG A CB  1 
ATOM   793  C CG  . ARG A 1 102 ? 10.391  -0.909  1.800   1.00   22.12 ? 102  ARG A CG  1 
ATOM   794  C CD  . ARG A 1 102 ? 9.776   -0.718  3.192   1.00   24.35 ? 102  ARG A CD  1 
ATOM   795  N NE  . ARG A 1 102 ? 9.106   -1.940  3.447   1.00   28.31 ? 102  ARG A NE  1 
ATOM   796  C CZ  . ARG A 1 102 ? 7.906   -2.157  3.946   1.00   23.27 ? 102  ARG A CZ  1 
ATOM   797  N NH1 . ARG A 1 102 ? 7.583   -3.419  4.052   1.00   22.55 ? 102  ARG A NH1 1 
ATOM   798  N NH2 . ARG A 1 102 ? 7.057   -1.218  4.332   1.00   25.09 ? 102  ARG A NH2 1 
ATOM   799  N N   . GLY A 1 103 ? 14.235  -2.378  -0.300  1.00   19.53 ? 103  GLY A N   1 
ATOM   800  C CA  . GLY A 1 103 ? 15.631  -2.712  -0.578  1.00   19.38 ? 103  GLY A CA  1 
ATOM   801  C C   . GLY A 1 103 ? 16.298  -1.834  -1.604  1.00   18.91 ? 103  GLY A C   1 
ATOM   802  O O   . GLY A 1 103 ? 17.448  -1.453  -1.428  1.00   17.59 ? 103  GLY A O   1 
ATOM   803  N N   . ASP A 1 104 ? 15.569  -1.493  -2.663  1.00   17.79 ? 104  ASP A N   1 
ATOM   804  C CA  . ASP A 1 104 ? 16.121  -0.697  -3.731  1.00   17.87 ? 104  ASP A CA  1 
ATOM   805  C C   . ASP A 1 104 ? 16.047  0.801   -3.477  1.00   18.78 ? 104  ASP A C   1 
ATOM   806  O O   . ASP A 1 104 ? 16.868  1.544   -4.009  1.00   18.78 ? 104  ASP A O   1 
ATOM   807  C CB  . ASP A 1 104 ? 15.395  -1.001  -5.052  1.00   18.11 ? 104  ASP A CB  1 
ATOM   808  C CG  . ASP A 1 104 ? 15.689  -2.401  -5.587  1.00   20.13 ? 104  ASP A CG  1 
ATOM   809  O OD1 . ASP A 1 104 ? 16.626  -3.073  -5.106  1.00   18.40 ? 104  ASP A OD1 1 
ATOM   810  O OD2 . ASP A 1 104 ? 14.975  -2.828  -6.509  1.00   18.01 ? 104  ASP A OD2 1 
ATOM   811  N N   . PHE A 1 105 ? 15.068  1.252   -2.688  1.00   18.73 ? 105  PHE A N   1 
ATOM   812  C CA  . PHE A 1 105 ? 14.742  2.695   -2.651  1.00   20.00 ? 105  PHE A CA  1 
ATOM   813  C C   . PHE A 1 105 ? 14.827  3.373   -1.275  1.00   20.10 ? 105  PHE A C   1 
ATOM   814  O O   . PHE A 1 105 ? 14.813  4.591   -1.201  1.00   20.53 ? 105  PHE A O   1 
ATOM   815  C CB  . PHE A 1 105 ? 13.341  2.976   -3.210  1.00   20.17 ? 105  PHE A CB  1 
ATOM   816  C CG  . PHE A 1 105 ? 13.116  2.507   -4.644  1.00   24.68 ? 105  PHE A CG  1 
ATOM   817  C CD1 . PHE A 1 105 ? 14.081  2.697   -5.633  1.00   26.72 ? 105  PHE A CD1 1 
ATOM   818  C CD2 . PHE A 1 105 ? 11.909  1.931   -5.002  1.00   27.84 ? 105  PHE A CD2 1 
ATOM   819  C CE1 . PHE A 1 105 ? 13.846  2.294   -6.954  1.00   28.58 ? 105  PHE A CE1 1 
ATOM   820  C CE2 . PHE A 1 105 ? 11.667  1.528   -6.319  1.00   29.03 ? 105  PHE A CE2 1 
ATOM   821  C CZ  . PHE A 1 105 ? 12.637  1.714   -7.289  1.00   28.12 ? 105  PHE A CZ  1 
ATOM   822  N N   . GLY A 1 106 ? 14.842  2.595   -0.199  1.00   20.08 ? 106  GLY A N   1 
ATOM   823  C CA  . GLY A 1 106 ? 14.751  3.178   1.137   1.00   19.98 ? 106  GLY A CA  1 
ATOM   824  C C   . GLY A 1 106 ? 16.033  3.028   1.947   1.00   20.59 ? 106  GLY A C   1 
ATOM   825  O O   . GLY A 1 106 ? 16.817  2.094   1.734   1.00   19.60 ? 106  GLY A O   1 
ATOM   826  N N   . VAL A 1 107 ? 16.214  3.950   2.890   1.00   20.47 ? 107  VAL A N   1 
ATOM   827  C CA  . VAL A 1 107 ? 17.366  3.953   3.793   1.00   21.86 ? 107  VAL A CA  1 
ATOM   828  C C   . VAL A 1 107 ? 16.924  3.701   5.234   1.00   21.68 ? 107  VAL A C   1 
ATOM   829  O O   . VAL A 1 107 ? 17.429  2.788   5.892   1.00   24.21 ? 107  VAL A O   1 
ATOM   830  C CB  . VAL A 1 107 ? 18.250  5.254   3.639   1.00   21.03 ? 107  VAL A CB  1 
ATOM   831  C CG1 . VAL A 1 107 ? 19.405  5.286   4.644   1.00   23.90 ? 107  VAL A CG1 1 
ATOM   832  C CG2 . VAL A 1 107 ? 18.818  5.381   2.244   1.00   21.72 ? 107  VAL A CG2 1 
ATOM   833  N N   . THR A 1 108 ? 15.954  4.461   5.722   1.00   21.51 ? 108  THR A N   1 
ATOM   834  C CA  . THR A 1 108 ? 15.560  4.398   7.135   1.00   21.69 ? 108  THR A CA  1 
ATOM   835  C C   . THR A 1 108 ? 14.153  3.851   7.349   1.00   21.69 ? 108  THR A C   1 
ATOM   836  O O   . THR A 1 108 ? 13.306  3.923   6.455   1.00   21.26 ? 108  THR A O   1 
ATOM   837  C CB  . THR A 1 108 ? 15.600  5.825   7.804   1.00   20.88 ? 108  THR A CB  1 
ATOM   838  O OG1 . THR A 1 108 ? 14.576  6.661   7.222   1.00   23.04 ? 108  THR A OG1 1 
ATOM   839  C CG2 . THR A 1 108 ? 16.957  6.474   7.589   1.00   22.08 ? 108  THR A CG2 1 
ATOM   840  N N   . VAL A 1 109 ? 13.885  3.342   8.549   1.00   22.44 ? 109  VAL A N   1 
ATOM   841  C CA  . VAL A 1 109 ? 12.534  2.849   8.852   1.00   23.38 ? 109  VAL A CA  1 
ATOM   842  C C   . VAL A 1 109 ? 11.509  3.989   8.924   1.00   23.54 ? 109  VAL A C   1 
ATOM   843  O O   . VAL A 1 109 ? 10.358  3.803   8.560   1.00   23.41 ? 109  VAL A O   1 
ATOM   844  C CB  . VAL A 1 109 ? 12.500  1.867   10.076  1.00   24.25 ? 109  VAL A CB  1 
ATOM   845  C CG1 . VAL A 1 109 ? 12.831  2.556   11.371  1.00   25.13 ? 109  VAL A CG1 1 
ATOM   846  C CG2 . VAL A 1 109 ? 11.154  1.185   10.175  1.00   25.78 ? 109  VAL A CG2 1 
ATOM   847  N N   . ALA A 1 110 ? 11.953  5.182   9.313   1.00   23.89 ? 110  ALA A N   1 
ATOM   848  C CA  . ALA A 1 110 ? 11.115  6.385   9.326   1.00   24.93 ? 110  ALA A CA  1 
ATOM   849  C C   . ALA A 1 110 ? 10.542  6.754   7.951   1.00   24.62 ? 110  ALA A C   1 
ATOM   850  O O   . ALA A 1 110 ? 9.377   7.118   7.828   1.00   26.22 ? 110  ALA A O   1 
ATOM   851  C CB  . ALA A 1 110 ? 11.931  7.589   9.889   1.00   25.76 ? 110  ALA A CB  1 
ATOM   852  N N   . LYS A 1 111 ? 11.359  6.606   6.916   1.00   23.52 ? 111  LYS A N   1 
ATOM   853  C CA  . LYS A 1 111 ? 11.009  7.013   5.556   1.00   21.56 ? 111  LYS A CA  1 
ATOM   854  C C   . LYS A 1 111 ? 11.193  5.772   4.699   1.00   20.34 ? 111  LYS A C   1 
ATOM   855  O O   . LYS A 1 111 ? 12.162  5.676   3.922   1.00   19.04 ? 111  LYS A O   1 
ATOM   856  C CB  . LYS A 1 111 ? 11.953  8.144   5.061   1.00   21.12 ? 111  LYS A CB  1 
ATOM   857  C CG  . LYS A 1 111 ? 11.951  9.470   5.858   1.00   22.45 ? 111  LYS A CG  1 
ATOM   858  C CD  . LYS A 1 111 ? 10.567  10.042  5.991   1.00   24.38 ? 111  LYS A CD  1 
ATOM   859  C CE  . LYS A 1 111 ? 10.565  11.543  6.263   1.00   32.32 ? 111  LYS A CE  1 
ATOM   860  N NZ  . LYS A 1 111 ? 11.497  11.994  7.339   1.00   32.27 ? 111  LYS A NZ  1 
ATOM   861  N N   . ASN A 1 112 ? 10.264  4.830   4.835   1.00   19.58 ? 112  ASN A N   1 
ATOM   862  C CA  . ASN A 1 112 ? 10.427  3.510   4.212   1.00   18.83 ? 112  ASN A CA  1 
ATOM   863  C C   . ASN A 1 112 ? 9.439   3.267   3.051   1.00   18.19 ? 112  ASN A C   1 
ATOM   864  O O   . ASN A 1 112 ? 9.100   2.117   2.720   1.00   16.96 ? 112  ASN A O   1 
ATOM   865  C CB  . ASN A 1 112 ? 10.404  2.401   5.272   1.00   19.41 ? 112  ASN A CB  1 
ATOM   866  C CG  . ASN A 1 112 ? 9.013   2.190   5.879   1.00   21.17 ? 112  ASN A CG  1 
ATOM   867  O OD1 . ASN A 1 112 ? 8.128   3.049   5.773   1.00   21.08 ? 112  ASN A OD1 1 
ATOM   868  N ND2 . ASN A 1 112 ? 8.812   1.029   6.500   1.00   19.04 ? 112  ASN A ND2 1 
ATOM   869  N N   . ILE A 1 113 ? 9.012   4.380   2.433   1.00   18.05 ? 113  ILE A N   1 
ATOM   870  C CA  . ILE A 1 113 ? 8.455   4.411   1.070   1.00   17.43 ? 113  ILE A CA  1 
ATOM   871  C C   . ILE A 1 113 ? 6.984   3.989   0.949   1.00   17.13 ? 113  ILE A C   1 
ATOM   872  O O   . ILE A 1 113 ? 6.177   4.692   0.310   1.00   15.97 ? 113  ILE A O   1 
ATOM   873  C CB  . ILE A 1 113 ? 9.331   3.561   0.050   1.00   18.10 ? 113  ILE A CB  1 
ATOM   874  C CG1 . ILE A 1 113 ? 10.816  3.950   0.109   1.00   18.95 ? 113  ILE A CG1 1 
ATOM   875  C CG2 . ILE A 1 113 ? 8.787   3.660   -1.421  1.00   17.20 ? 113  ILE A CG2 1 
ATOM   876  C CD1 . ILE A 1 113 ? 11.057  5.348   -0.327  1.00   21.98 ? 113  ILE A CD1 1 
ATOM   877  N N   . ILE A 1 114 ? 6.639   2.855   1.550   1.00   17.31 ? 114  ILE A N   1 
ATOM   878  C CA  . ILE A 1 114 ? 5.406   2.135   1.202   1.00   18.17 ? 114  ILE A CA  1 
ATOM   879  C C   . ILE A 1 114 ? 4.868   1.385   2.408   1.00   17.98 ? 114  ILE A C   1 
ATOM   880  O O   . ILE A 1 114 ? 5.652   0.938   3.278   1.00   18.49 ? 114  ILE A O   1 
ATOM   881  C CB  . ILE A 1 114 ? 5.673   1.143   0.025   1.00   17.31 ? 114  ILE A CB  1 
ATOM   882  C CG1 . ILE A 1 114 ? 4.370   0.534   -0.544  1.00   19.14 ? 114  ILE A CG1 1 
ATOM   883  C CG2 . ILE A 1 114 ? 6.730   0.086   0.407   1.00   18.87 ? 114  ILE A CG2 1 
ATOM   884  C CD1 . ILE A 1 114 ? 4.493   0.059   -2.010  1.00   19.66 ? 114  ILE A CD1 1 
ATOM   885  N N   . HIS A 1 115 ? 3.540   1.331   2.492   1.00   17.81 ? 115  HIS A N   1 
ATOM   886  C CA  . HIS A 1 115 ? 2.835   0.404   3.393   1.00   18.71 ? 115  HIS A CA  1 
ATOM   887  C C   . HIS A 1 115 ? 2.018   -0.588  2.591   1.00   18.69 ? 115  HIS A C   1 
ATOM   888  O O   . HIS A 1 115 ? 1.426   -0.223  1.577   1.00   19.22 ? 115  HIS A O   1 
ATOM   889  C CB  . HIS A 1 115 ? 1.893   1.190   4.296   1.00   18.71 ? 115  HIS A CB  1 
ATOM   890  C CG  . HIS A 1 115 ? 0.816   0.364   4.934   1.00   19.38 ? 115  HIS A CG  1 
ATOM   891  N ND1 . HIS A 1 115 ? 0.987   -0.278  6.139   1.00   20.46 ? 115  HIS A ND1 1 
ATOM   892  C CD2 . HIS A 1 115 ? -0.453  0.093   4.543   1.00   19.95 ? 115  HIS A CD2 1 
ATOM   893  C CE1 . HIS A 1 115 ? -0.120  -0.922  6.457   1.00   20.68 ? 115  HIS A CE1 1 
ATOM   894  N NE2 . HIS A 1 115 ? -1.009  -0.713  5.500   1.00   20.87 ? 115  HIS A NE2 1 
ATOM   895  N N   . GLY A 1 116 ? 1.971   -1.843  3.046   1.00   18.34 ? 116  GLY A N   1 
ATOM   896  C CA  . GLY A 1 116 ? 0.940   -2.756  2.588   1.00   18.50 ? 116  GLY A CA  1 
ATOM   897  C C   . GLY A 1 116 ? 0.364   -3.542  3.749   1.00   19.58 ? 116  GLY A C   1 
ATOM   898  O O   . GLY A 1 116 ? 1.072   -3.793  4.736   1.00   18.58 ? 116  GLY A O   1 
ATOM   899  N N   . SER A 1 117 ? -0.897  -3.961  3.618   1.00   20.09 ? 117  SER A N   1 
ATOM   900  C CA  . SER A 1 117 ? -1.569  -4.792  4.649   1.00   21.52 ? 117  SER A CA  1 
ATOM   901  C C   . SER A 1 117 ? -0.750  -6.022  5.053   1.00   22.36 ? 117  SER A C   1 
ATOM   902  O O   . SER A 1 117 ? -0.183  -6.698  4.194   1.00   22.64 ? 117  SER A O   1 
ATOM   903  C CB  . SER A 1 117 ? -2.932  -5.253  4.126   1.00   20.70 ? 117  SER A CB  1 
ATOM   904  O OG  . SER A 1 117 ? -3.693  -4.124  3.707   1.00   21.81 ? 117  SER A OG  1 
ATOM   905  N N   . ASP A 1 118 ? -0.722  -6.326  6.357   1.00   24.52 ? 118  ASP A N   1 
ATOM   906  C CA  . ASP A 1 118 ? 0.046   -7.471  6.891   1.00   25.73 ? 118  ASP A CA  1 
ATOM   907  C C   . ASP A 1 118 ? -0.723  -8.795  6.882   1.00   25.34 ? 118  ASP A C   1 
ATOM   908  O O   . ASP A 1 118 ? -0.127  -9.864  7.086   1.00   26.27 ? 118  ASP A O   1 
ATOM   909  C CB  . ASP A 1 118 ? 0.600   -7.171  8.301   1.00   26.96 ? 118  ASP A CB  1 
ATOM   910  C CG  . ASP A 1 118 ? -0.508  -7.071  9.387   1.00   31.56 ? 118  ASP A CG  1 
ATOM   911  O OD1 . ASP A 1 118 ? -0.165  -6.985  10.587  1.00   39.94 ? 118  ASP A OD1 1 
ATOM   912  O OD2 . ASP A 1 118 ? -1.712  -7.097  9.071   1.00   34.87 ? 118  ASP A OD2 1 
ATOM   913  N N   . SER A 1 119 ? -2.036  -8.728  6.671   1.00   24.50 ? 119  SER A N   1 
ATOM   914  C CA  . SER A 1 119 ? -2.887  -9.934  6.651   1.00   24.30 ? 119  SER A CA  1 
ATOM   915  C C   . SER A 1 119 ? -4.166  -9.646  5.876   1.00   24.10 ? 119  SER A C   1 
ATOM   916  O O   . SER A 1 119 ? -4.424  -8.500  5.518   1.00   23.59 ? 119  SER A O   1 
ATOM   917  C CB  . SER A 1 119 ? -3.221  -10.382 8.097   1.00   24.02 ? 119  SER A CB  1 
ATOM   918  O OG  . SER A 1 119 ? -3.858  -9.308  8.771   1.00   23.33 ? 119  SER A OG  1 
ATOM   919  N N   . LEU A 1 120 ? -4.975  -10.668 5.617   1.00   25.47 ? 120  LEU A N   1 
ATOM   920  C CA  . LEU A 1 120 ? -6.265  -10.469 4.939   1.00   27.40 ? 120  LEU A CA  1 
ATOM   921  C C   . LEU A 1 120 ? -7.189  -9.648  5.783   1.00   27.54 ? 120  LEU A C   1 
ATOM   922  O O   . LEU A 1 120 ? -7.968  -8.841  5.282   1.00   27.69 ? 120  LEU A O   1 
ATOM   923  C CB  . LEU A 1 120 ? -6.965  -11.798 4.688   1.00   28.79 ? 120  LEU A CB  1 
ATOM   924  C CG  . LEU A 1 120 ? -6.381  -12.745 3.649   1.00   32.33 ? 120  LEU A CG  1 
ATOM   925  C CD1 . LEU A 1 120 ? -6.966  -14.139 3.879   1.00   35.50 ? 120  LEU A CD1 1 
ATOM   926  C CD2 . LEU A 1 120 ? -6.718  -12.206 2.248   1.00   34.78 ? 120  LEU A CD2 1 
ATOM   927  N N   . GLU A 1 121 ? -7.111  -9.883  7.080   1.00   28.85 ? 121  GLU A N   1 
ATOM   928  C CA  . GLU A 1 121 ? -7.966  -9.205  8.011   1.00   30.68 ? 121  GLU A CA  1 
ATOM   929  C C   . GLU A 1 121 ? -7.646  -7.711  8.034   1.00   29.00 ? 121  GLU A C   1 
ATOM   930  O O   . GLU A 1 121 ? -8.551  -6.891  7.944   1.00   29.23 ? 121  GLU A O   1 
ATOM   931  C CB  . GLU A 1 121 ? -7.865  -9.891  9.384   1.00   32.33 ? 121  GLU A CB  1 
ATOM   932  C CG  . GLU A 1 121 ? -7.268  -9.084  10.511  1.00   39.54 ? 121  GLU A CG  1 
ATOM   933  C CD  . GLU A 1 121 ? -8.330  -8.487  11.395  1.00   47.49 ? 121  GLU A CD  1 
ATOM   934  O OE1 . GLU A 1 121 ? -8.988  -9.272  12.139  1.00   48.98 ? 121  GLU A OE1 1 
ATOM   935  O OE2 . GLU A 1 121 ? -8.478  -7.229  11.354  1.00   52.42 ? 121  GLU A OE2 1 
ATOM   936  N N   . SER A 1 122 ? -6.367  -7.348  8.091   1.00   28.08 ? 122  SER A N   1 
ATOM   937  C CA  . SER A 1 122 ? -6.035  -5.940  8.052   1.00   28.37 ? 122  SER A CA  1 
ATOM   938  C C   . SER A 1 122 ? -6.253  -5.305  6.652   1.00   26.83 ? 122  SER A C   1 
ATOM   939  O O   . SER A 1 122 ? -6.670  -4.156  6.564   1.00   25.67 ? 122  SER A O   1 
ATOM   940  C CB  . SER A 1 122 ? -4.681  -5.627  8.729   1.00   28.48 ? 122  SER A CB  1 
ATOM   941  O OG  . SER A 1 122 ? -3.602  -6.012  7.932   1.00   34.85 ? 122  SER A OG  1 
ATOM   942  N N   . ALA A 1 123 ? -6.051  -6.080  5.579   1.00   25.66 ? 123  ALA A N   1 
ATOM   943  C CA  . ALA A 1 123 ? -6.440  -5.616  4.229   1.00   25.46 ? 123  ALA A CA  1 
ATOM   944  C C   . ALA A 1 123 ? -7.933  -5.203  4.140   1.00   25.44 ? 123  ALA A C   1 
ATOM   945  O O   . ALA A 1 123 ? -8.258  -4.132  3.651   1.00   24.66 ? 123  ALA A O   1 
ATOM   946  C CB  . ALA A 1 123 ? -6.114  -6.651  3.189   1.00   25.13 ? 123  ALA A CB  1 
ATOM   947  N N   . GLU A 1 124 ? -8.843  -6.047  4.626   1.00   25.68 ? 124  GLU A N   1 
ATOM   948  C CA  . GLU A 1 124 ? -10.261 -5.685  4.577   1.00   26.67 ? 124  GLU A CA  1 
ATOM   949  C C   . GLU A 1 124 ? -10.541 -4.393  5.343   1.00   25.18 ? 124  GLU A C   1 
ATOM   950  O O   . GLU A 1 124 ? -11.252 -3.498  4.850   1.00   25.67 ? 124  GLU A O   1 
ATOM   951  C CB  . GLU A 1 124 ? -11.151 -6.843  5.047   1.00   27.87 ? 124  GLU A CB  1 
ATOM   952  C CG  . GLU A 1 124 ? -11.319 -7.918  3.975   1.00   35.87 ? 124  GLU A CG  1 
ATOM   953  C CD  . GLU A 1 124 ? -12.144 -7.439  2.753   1.00   47.40 ? 124  GLU A CD  1 
ATOM   954  O OE1 . GLU A 1 124 ? -11.534 -7.197  1.666   1.00   51.54 ? 124  GLU A OE1 1 
ATOM   955  O OE2 . GLU A 1 124 ? -13.399 -7.297  2.875   1.00   51.25 ? 124  GLU A OE2 1 
ATOM   956  N N   . ARG A 1 125 ? -9.963  -4.267  6.522   1.00   24.45 ? 125  ARG A N   1 
ATOM   957  C CA  . ARG A 1 125 ? -10.152 -3.064  7.341   1.00   26.01 ? 125  ARG A CA  1 
ATOM   958  C C   . ARG A 1 125 ? -9.565  -1.813  6.672   1.00   23.90 ? 125  ARG A C   1 
ATOM   959  O O   . ARG A 1 125 ? -10.205 -0.767  6.622   1.00   21.86 ? 125  ARG A O   1 
ATOM   960  C CB  . ARG A 1 125 ? -9.577  -3.269  8.770   1.00   25.62 ? 125  ARG A CB  1 
ATOM   961  C CG  . ARG A 1 125 ? -9.300  -1.950  9.548   1.00   30.83 ? 125  ARG A CG  1 
ATOM   962  C CD  . ARG A 1 125 ? -8.781  -2.184  10.996  1.00   32.52 ? 125  ARG A CD  1 
ATOM   963  N NE  . ARG A 1 125 ? -7.378  -2.656  11.036  1.00   43.62 ? 125  ARG A NE  1 
ATOM   964  C CZ  . ARG A 1 125 ? -6.950  -3.819  11.555  1.00   44.88 ? 125  ARG A CZ  1 
ATOM   965  N NH1 . ARG A 1 125 ? -7.795  -4.689  12.122  1.00   46.79 ? 125  ARG A NH1 1 
ATOM   966  N NH2 . ARG A 1 125 ? -5.651  -4.103  11.513  1.00   45.84 ? 125  ARG A NH2 1 
ATOM   967  N N   . GLU A 1 126 ? -8.337  -1.920  6.159   1.00   23.31 ? 126  GLU A N   1 
ATOM   968  C CA  . GLU A 1 126 ? -7.671  -0.738  5.570   1.00   23.45 ? 126  GLU A CA  1 
ATOM   969  C C   . GLU A 1 126 ? -8.342  -0.291  4.274   1.00   23.35 ? 126  GLU A C   1 
ATOM   970  O O   . GLU A 1 126 ? -8.491  0.911   4.044   1.00   23.04 ? 126  GLU A O   1 
ATOM   971  C CB  . GLU A 1 126 ? -6.184  -1.019  5.322   1.00   23.36 ? 126  GLU A CB  1 
ATOM   972  C CG  . GLU A 1 126 ? -5.402  -1.064  6.632   1.00   25.93 ? 126  GLU A CG  1 
ATOM   973  C CD  . GLU A 1 126 ? -4.031  -1.657  6.503   1.00   26.29 ? 126  GLU A CD  1 
ATOM   974  O OE1 . GLU A 1 126 ? -3.519  -1.840  5.370   1.00   26.65 ? 126  GLU A OE1 1 
ATOM   975  O OE2 . GLU A 1 126 ? -3.449  -1.942  7.564   1.00   26.63 ? 126  GLU A OE2 1 
ATOM   976  N N   . ILE A 1 127 ? -8.735  -1.251  3.434   1.00   23.48 ? 127  ILE A N   1 
ATOM   977  C CA  . ILE A 1 127 ? -9.519  -0.900  2.230   1.00   25.00 ? 127  ILE A CA  1 
ATOM   978  C C   . ILE A 1 127 ? -10.792 -0.091  2.599   1.00   25.75 ? 127  ILE A C   1 
ATOM   979  O O   . ILE A 1 127 ? -11.053 0.967   2.008   1.00   25.76 ? 127  ILE A O   1 
ATOM   980  C CB  . ILE A 1 127 ? -9.877  -2.120  1.361   1.00   24.43 ? 127  ILE A CB  1 
ATOM   981  C CG1 . ILE A 1 127 ? -8.598  -2.714  0.749   1.00   25.87 ? 127  ILE A CG1 1 
ATOM   982  C CG2 . ILE A 1 127 ? -10.879 -1.703  0.262   1.00   25.99 ? 127  ILE A CG2 1 
ATOM   983  C CD1 . ILE A 1 127 ? -8.698  -4.171  0.288   1.00   26.07 ? 127  ILE A CD1 1 
ATOM   984  N N   . GLY A 1 128 ? -11.548 -0.584  3.593   1.00   26.51 ? 128  GLY A N   1 
ATOM   985  C CA  . GLY A 1 128 ? -12.757 0.091   4.072   1.00   26.24 ? 128  GLY A CA  1 
ATOM   986  C C   . GLY A 1 128 ? -12.490 1.482   4.612   1.00   26.69 ? 128  GLY A C   1 
ATOM   987  O O   . GLY A 1 128 ? -13.348 2.349   4.538   1.00   27.90 ? 128  GLY A O   1 
ATOM   988  N N   . ILE A 1 129 ? -11.319 1.719   5.189   1.00   26.66 ? 129  ILE A N   1 
ATOM   989  C CA  . ILE A 1 129 ? -11.030 3.056   5.702   1.00   27.06 ? 129  ILE A CA  1 
ATOM   990  C C   . ILE A 1 129 ? -10.766 4.055   4.544   1.00   27.22 ? 129  ILE A C   1 
ATOM   991  O O   . ILE A 1 129 ? -11.194 5.228   4.594   1.00   26.74 ? 129  ILE A O   1 
ATOM   992  C CB  . ILE A 1 129 ? -9.839  3.021   6.675   1.00   27.84 ? 129  ILE A CB  1 
ATOM   993  C CG1 . ILE A 1 129 ? -10.247 2.352   7.990   1.00   29.01 ? 129  ILE A CG1 1 
ATOM   994  C CG2 . ILE A 1 129 ? -9.271  4.430   6.913   1.00   27.29 ? 129  ILE A CG2 1 
ATOM   995  C CD1 . ILE A 1 129 ? -9.069  1.965   8.833   1.00   31.48 ? 129  ILE A CD1 1 
ATOM   996  N N   . PHE A 1 130 ? -10.064 3.605   3.503   1.00   25.61 ? 130  PHE A N   1 
ATOM   997  C CA  . PHE A 1 130 ? -9.576  4.570   2.513   1.00   25.78 ? 130  PHE A CA  1 
ATOM   998  C C   . PHE A 1 130 ? -10.454 4.729   1.279   1.00   26.36 ? 130  PHE A C   1 
ATOM   999  O O   . PHE A 1 130 ? -10.406 5.773   0.616   1.00   25.62 ? 130  PHE A O   1 
ATOM   1000 C CB  . PHE A 1 130 ? -8.149  4.217   2.103   1.00   26.12 ? 130  PHE A CB  1 
ATOM   1001 C CG  . PHE A 1 130 ? -7.128  4.610   3.112   1.00   24.23 ? 130  PHE A CG  1 
ATOM   1002 C CD1 . PHE A 1 130 ? -6.787  3.747   4.152   1.00   23.95 ? 130  PHE A CD1 1 
ATOM   1003 C CD2 . PHE A 1 130 ? -6.506  5.848   3.034   1.00   26.52 ? 130  PHE A CD2 1 
ATOM   1004 C CE1 . PHE A 1 130 ? -5.825  4.118   5.090   1.00   26.33 ? 130  PHE A CE1 1 
ATOM   1005 C CE2 . PHE A 1 130 ? -5.551  6.217   3.967   1.00   25.70 ? 130  PHE A CE2 1 
ATOM   1006 C CZ  . PHE A 1 130 ? -5.212  5.356   4.984   1.00   26.32 ? 130  PHE A CZ  1 
ATOM   1007 N N   . PHE A 1 131 ? -11.252 3.697   0.988   1.00   26.75 ? 131  PHE A N   1 
ATOM   1008 C CA  . PHE A 1 131 ? -12.067 3.649   -0.219  1.00   28.16 ? 131  PHE A CA  1 
ATOM   1009 C C   . PHE A 1 131 ? -13.526 3.398   0.124   1.00   30.15 ? 131  PHE A C   1 
ATOM   1010 O O   . PHE A 1 131 ? -13.858 2.566   0.988   1.00   30.43 ? 131  PHE A O   1 
ATOM   1011 C CB  . PHE A 1 131 ? -11.576 2.524   -1.168  1.00   26.99 ? 131  PHE A CB  1 
ATOM   1012 C CG  . PHE A 1 131 ? -10.276 2.853   -1.866  1.00   25.50 ? 131  PHE A CG  1 
ATOM   1013 C CD1 . PHE A 1 131 ? -9.071  2.552   -1.266  1.00   22.46 ? 131  PHE A CD1 1 
ATOM   1014 C CD2 . PHE A 1 131 ? -10.276 3.487   -3.130  1.00   24.52 ? 131  PHE A CD2 1 
ATOM   1015 C CE1 . PHE A 1 131 ? -7.852  2.863   -1.897  1.00   20.92 ? 131  PHE A CE1 1 
ATOM   1016 C CE2 . PHE A 1 131 ? -9.076  3.816   -3.762  1.00   24.30 ? 131  PHE A CE2 1 
ATOM   1017 C CZ  . PHE A 1 131 ? -7.859  3.506   -3.128  1.00   24.13 ? 131  PHE A CZ  1 
ATOM   1018 N N   . LYS A 1 132 ? -14.394 4.134   -0.555  1.00   31.93 ? 132  LYS A N   1 
ATOM   1019 C CA  . LYS A 1 132 ? -15.803 3.797   -0.584  1.00   34.01 ? 132  LYS A CA  1 
ATOM   1020 C C   . LYS A 1 132 ? -15.926 2.708   -1.611  1.00   34.68 ? 132  LYS A C   1 
ATOM   1021 O O   . LYS A 1 132 ? -15.128 2.631   -2.554  1.00   33.34 ? 132  LYS A O   1 
ATOM   1022 C CB  . LYS A 1 132 ? -16.647 5.017   -0.980  1.00   34.44 ? 132  LYS A CB  1 
ATOM   1023 C CG  . LYS A 1 132 ? -16.701 6.076   0.107   1.00   37.70 ? 132  LYS A CG  1 
ATOM   1024 C CD  . LYS A 1 132 ? -16.316 7.436   -0.453  1.00   46.04 ? 132  LYS A CD  1 
ATOM   1025 C CE  . LYS A 1 132 ? -15.889 8.435   0.654   1.00   50.52 ? 132  LYS A CE  1 
ATOM   1026 N NZ  . LYS A 1 132 ? -16.990 8.786   1.641   1.00   53.26 ? 132  LYS A NZ  1 
ATOM   1027 N N   . GLU A 1 133 ? -16.932 1.866   -1.419  1.00   36.01 ? 133  GLU A N   1 
ATOM   1028 C CA  . GLU A 1 133 ? -17.262 0.794   -2.345  1.00   38.50 ? 133  GLU A CA  1 
ATOM   1029 C C   . GLU A 1 133 ? -17.323 1.263   -3.798  1.00   37.89 ? 133  GLU A C   1 
ATOM   1030 O O   . GLU A 1 133 ? -16.914 0.543   -4.709  1.00   38.00 ? 133  GLU A O   1 
ATOM   1031 C CB  . GLU A 1 133 ? -18.597 0.150   -1.945  1.00   39.66 ? 133  GLU A CB  1 
ATOM   1032 C CG  . GLU A 1 133 ? -18.865 -1.197  -2.619  1.00   46.42 ? 133  GLU A CG  1 
ATOM   1033 C CD  . GLU A 1 133 ? -17.983 -2.346  -2.063  1.00   54.79 ? 133  GLU A CD  1 
ATOM   1034 O OE1 . GLU A 1 133 ? -17.056 -2.076  -1.254  1.00   57.50 ? 133  GLU A OE1 1 
ATOM   1035 O OE2 . GLU A 1 133 ? -18.226 -3.529  -2.438  1.00   58.99 ? 133  GLU A OE2 1 
ATOM   1036 N N   . GLU A 1 134 ? -17.824 2.465   -4.023  1.00   37.30 ? 134  GLU A N   1 
ATOM   1037 C CA  . GLU A 1 134 ? -18.009 2.909   -5.398  1.00   37.88 ? 134  GLU A CA  1 
ATOM   1038 C C   . GLU A 1 134 ? -16.733 3.422   -6.062  1.00   36.22 ? 134  GLU A C   1 
ATOM   1039 O O   . GLU A 1 134 ? -16.708 3.650   -7.268  1.00   36.57 ? 134  GLU A O   1 
ATOM   1040 C CB  . GLU A 1 134 ? -19.174 3.909   -5.523  1.00   38.27 ? 134  GLU A CB  1 
ATOM   1041 C CG  . GLU A 1 134 ? -19.050 5.190   -4.705  1.00   43.55 ? 134  GLU A CG  1 
ATOM   1042 C CD  . GLU A 1 134 ? -19.549 5.063   -3.245  1.00   48.70 ? 134  GLU A CD  1 
ATOM   1043 O OE1 . GLU A 1 134 ? -19.838 3.934   -2.759  1.00   49.71 ? 134  GLU A OE1 1 
ATOM   1044 O OE2 . GLU A 1 134 ? -19.625 6.119   -2.571  1.00   50.05 ? 134  GLU A OE2 1 
ATOM   1045 N N   . GLU A 1 135 ? -15.672 3.587   -5.282  1.00   34.32 ? 135  GLU A N   1 
ATOM   1046 C CA  . GLU A 1 135 ? -14.357 3.930   -5.823  1.00   32.34 ? 135  GLU A CA  1 
ATOM   1047 C C   . GLU A 1 135 ? -13.568 2.687   -6.243  1.00   31.36 ? 135  GLU A C   1 
ATOM   1048 O O   . GLU A 1 135 ? -12.505 2.821   -6.846  1.00   32.26 ? 135  GLU A O   1 
ATOM   1049 C CB  . GLU A 1 135 ? -13.540 4.711   -4.809  1.00   31.97 ? 135  GLU A CB  1 
ATOM   1050 C CG  . GLU A 1 135 ? -14.156 6.014   -4.380  1.00   32.63 ? 135  GLU A CG  1 
ATOM   1051 C CD  . GLU A 1 135 ? -13.408 6.628   -3.221  1.00   32.78 ? 135  GLU A CD  1 
ATOM   1052 O OE1 . GLU A 1 135 ? -13.398 6.066   -2.114  1.00   34.67 ? 135  GLU A OE1 1 
ATOM   1053 O OE2 . GLU A 1 135 ? -12.805 7.680   -3.413  1.00   36.34 ? 135  GLU A OE2 1 
ATOM   1054 N N   . LEU A 1 136 ? -14.063 1.487   -5.933  1.00   29.45 ? 136  LEU A N   1 
ATOM   1055 C CA  . LEU A 1 136 ? -13.390 0.275   -6.380  1.00   28.95 ? 136  LEU A CA  1 
ATOM   1056 C C   . LEU A 1 136 ? -14.011 -0.166  -7.701  1.00   29.18 ? 136  LEU A C   1 
ATOM   1057 O O   . LEU A 1 136 ? -15.235 -0.275  -7.803  1.00   29.34 ? 136  LEU A O   1 
ATOM   1058 C CB  . LEU A 1 136 ? -13.473 -0.845  -5.342  1.00   28.28 ? 136  LEU A CB  1 
ATOM   1059 C CG  . LEU A 1 136 ? -12.879 -0.513  -3.976  1.00   30.37 ? 136  LEU A CG  1 
ATOM   1060 C CD1 . LEU A 1 136 ? -13.115 -1.644  -2.965  1.00   32.95 ? 136  LEU A CD1 1 
ATOM   1061 C CD2 . LEU A 1 136 ? -11.382 -0.187  -4.087  1.00   28.15 ? 136  LEU A CD2 1 
ATOM   1062 N N   . VAL A 1 137 ? -13.180 -0.408  -8.710  1.00   28.21 ? 137  VAL A N   1 
ATOM   1063 C CA  . VAL A 1 137 ? -13.699 -0.716  -10.047 1.00   28.07 ? 137  VAL A CA  1 
ATOM   1064 C C   . VAL A 1 137 ? -13.674 -2.226  -10.268 1.00   28.75 ? 137  VAL A C   1 
ATOM   1065 O O   . VAL A 1 137 ? -12.687 -2.901  -9.980  1.00   27.64 ? 137  VAL A O   1 
ATOM   1066 C CB  . VAL A 1 137 ? -12.908 0.023   -11.147 1.00   27.35 ? 137  VAL A CB  1 
ATOM   1067 C CG1 . VAL A 1 137 ? -13.409 -0.389  -12.529 1.00   29.27 ? 137  VAL A CG1 1 
ATOM   1068 C CG2 . VAL A 1 137 ? -13.021 1.527   -10.964 1.00   27.50 ? 137  VAL A CG2 1 
ATOM   1069 N N   . ASP A 1 138 ? -14.771 -2.764  -10.777 1.00   30.09 ? 138  ASP A N   1 
ATOM   1070 C CA  . ASP A 1 138 ? -14.810 -4.185  -11.086 1.00   31.81 ? 138  ASP A CA  1 
ATOM   1071 C C   . ASP A 1 138 ? -14.768 -4.293  -12.610 1.00   31.05 ? 138  ASP A C   1 
ATOM   1072 O O   . ASP A 1 138 ? -15.632 -3.736  -13.323 1.00   31.61 ? 138  ASP A O   1 
ATOM   1073 C CB  . ASP A 1 138 ? -16.045 -4.834  -10.440 1.00   33.85 ? 138  ASP A CB  1 
ATOM   1074 C CG  . ASP A 1 138 ? -16.229 -6.288  -10.841 1.00   40.41 ? 138  ASP A CG  1 
ATOM   1075 O OD1 . ASP A 1 138 ? -17.177 -6.546  -11.635 1.00   47.53 ? 138  ASP A OD1 1 
ATOM   1076 O OD2 . ASP A 1 138 ? -15.439 -7.170  -10.392 1.00   46.01 ? 138  ASP A OD2 1 
ATOM   1077 N N   . TYR A 1 139 ? -13.715 -4.932  -13.117 1.00   28.91 ? 139  TYR A N   1 
ATOM   1078 C CA  . TYR A 1 139 ? -13.534 -5.083  -14.558 1.00   27.61 ? 139  TYR A CA  1 
ATOM   1079 C C   . TYR A 1 139 ? -12.716 -6.323  -14.809 1.00   28.02 ? 139  TYR A C   1 
ATOM   1080 O O   . TYR A 1 139 ? -12.082 -6.844  -13.908 1.00   27.65 ? 139  TYR A O   1 
ATOM   1081 C CB  . TYR A 1 139 ? -12.833 -3.865  -15.160 1.00   26.67 ? 139  TYR A CB  1 
ATOM   1082 C CG  . TYR A 1 139 ? -11.380 -3.648  -14.719 1.00   24.51 ? 139  TYR A CG  1 
ATOM   1083 C CD1 . TYR A 1 139 ? -11.078 -3.192  -13.436 1.00   22.68 ? 139  TYR A CD1 1 
ATOM   1084 C CD2 . TYR A 1 139 ? -10.323 -3.842  -15.617 1.00   24.34 ? 139  TYR A CD2 1 
ATOM   1085 C CE1 . TYR A 1 139 ? -9.725  -2.952  -13.043 1.00   24.46 ? 139  TYR A CE1 1 
ATOM   1086 C CE2 . TYR A 1 139 ? -8.973  -3.623  -15.240 1.00   23.39 ? 139  TYR A CE2 1 
ATOM   1087 C CZ  . TYR A 1 139 ? -8.689  -3.172  -13.954 1.00   25.05 ? 139  TYR A CZ  1 
ATOM   1088 O OH  . TYR A 1 139 ? -7.371  -2.944  -13.601 1.00   22.84 ? 139  TYR A OH  1 
ATOM   1089 N N   . SER A 1 140 ? -12.744 -6.797  -16.040 1.00   28.25 ? 140  SER A N   1 
ATOM   1090 C CA  . SER A 1 140 ? -11.965 -7.955  -16.376 1.00   29.22 ? 140  SER A CA  1 
ATOM   1091 C C   . SER A 1 140 ? -10.728 -7.519  -17.162 1.00   27.71 ? 140  SER A C   1 
ATOM   1092 O O   . SER A 1 140 ? -10.785 -6.678  -18.064 1.00   27.42 ? 140  SER A O   1 
ATOM   1093 C CB  . SER A 1 140 ? -12.811 -8.991  -17.125 1.00   29.79 ? 140  SER A CB  1 
ATOM   1094 O OG  . SER A 1 140 ? -13.339 -8.393  -18.270 1.00   33.55 ? 140  SER A OG  1 
ATOM   1095 N N   . LYS A 1 141 ? -9.601  -8.044  -16.727 1.00   26.63 ? 141  LYS A N   1 
ATOM   1096 C CA  . LYS A 1 141 ? -8.333  -7.774  -17.346 1.00   26.12 ? 141  LYS A CA  1 
ATOM   1097 C C   . LYS A 1 141 ? -8.093  -8.928  -18.313 1.00   24.23 ? 141  LYS A C   1 
ATOM   1098 O O   . LYS A 1 141 ? -7.950  -10.067 -17.893 1.00   23.52 ? 141  LYS A O   1 
ATOM   1099 C CB  . LYS A 1 141 ? -7.285  -7.768  -16.260 1.00   27.38 ? 141  LYS A CB  1 
ATOM   1100 C CG  . LYS A 1 141 ? -6.069  -6.975  -16.564 1.00   30.76 ? 141  LYS A CG  1 
ATOM   1101 C CD  . LYS A 1 141 ? -4.945  -7.628  -15.815 1.00   37.59 ? 141  LYS A CD  1 
ATOM   1102 C CE  . LYS A 1 141 ? -3.594  -7.057  -16.201 1.00   37.55 ? 141  LYS A CE  1 
ATOM   1103 N NZ  . LYS A 1 141 ? -3.558  -5.676  -15.756 1.00   38.35 ? 141  LYS A NZ  1 
ATOM   1104 N N   . LEU A 1 142 ? -8.080  -8.650  -19.600 1.00   23.30 ? 142  LEU A N   1 
ATOM   1105 C CA  . LEU A 1 142 ? -7.962  -9.728  -20.600 1.00   23.65 ? 142  LEU A CA  1 
ATOM   1106 C C   . LEU A 1 142 ? -6.729  -10.601 -20.386 1.00   22.66 ? 142  LEU A C   1 
ATOM   1107 O O   . LEU A 1 142 ? -6.788  -11.817 -20.544 1.00   21.24 ? 142  LEU A O   1 
ATOM   1108 C CB  . LEU A 1 142 ? -7.818  -9.117  -21.984 1.00   24.04 ? 142  LEU A CB  1 
ATOM   1109 C CG  . LEU A 1 142 ? -8.487  -9.709  -23.243 1.00   27.77 ? 142  LEU A CG  1 
ATOM   1110 C CD1 . LEU A 1 142 ? -7.572  -9.514  -24.441 1.00   27.14 ? 142  LEU A CD1 1 
ATOM   1111 C CD2 . LEU A 1 142 ? -9.028  -11.141 -23.137 1.00   27.87 ? 142  LEU A CD2 1 
ATOM   1112 N N   . MET A 1 143 ? -5.594  -9.970  -20.062 1.00   21.25 ? 143  MET A N   1 
ATOM   1113 C CA  . MET A 1 143 ? -4.323  -10.701 -19.923 1.00   20.32 ? 143  MET A CA  1 
ATOM   1114 C C   . MET A 1 143 ? -4.342  -11.744 -18.802 1.00   20.50 ? 143  MET A C   1 
ATOM   1115 O O   . MET A 1 143 ? -3.480  -12.613 -18.758 1.00   19.06 ? 143  MET A O   1 
ATOM   1116 C CB  . MET A 1 143 ? -3.149  -9.706  -19.698 1.00   20.17 ? 143  MET A CB  1 
ATOM   1117 C CG  . MET A 1 143 ? -2.539  -10.040 -18.346 0.0000 20.00 ? 143  MET A CG  1 
ATOM   1118 S SD  . MET A 1 143 ? -2.021  -8.618  -17.413 0.0000 20.00 ? 143  MET A SD  1 
ATOM   1119 C CE  . MET A 1 143 ? -0.501  -8.963  -16.563 0.0000 20.00 ? 143  MET A CE  1 
ATOM   1120 N N   . ASN A 1 144 ? -5.316  -11.665 -17.888 1.00   20.93 ? 144  ASN A N   1 
ATOM   1121 C CA  . ASN A 1 144 ? -5.508  -12.730 -16.864 1.00   21.48 ? 144  ASN A CA  1 
ATOM   1122 C C   . ASN A 1 144 ? -5.603  -14.149 -17.422 1.00   21.51 ? 144  ASN A C   1 
ATOM   1123 O O   . ASN A 1 144 ? -5.257  -15.122 -16.749 1.00   20.12 ? 144  ASN A O   1 
ATOM   1124 C CB  . ASN A 1 144 ? -6.725  -12.436 -15.969 1.00   22.25 ? 144  ASN A CB  1 
ATOM   1125 C CG  . ASN A 1 144 ? -6.432  -11.389 -14.919 1.00   24.63 ? 144  ASN A CG  1 
ATOM   1126 O OD1 . ASN A 1 144 ? -7.343  -10.842 -14.314 1.00   31.15 ? 144  ASN A OD1 1 
ATOM   1127 N ND2 . ASN A 1 144 ? -5.173  -11.093 -14.709 1.00   23.93 ? 144  ASN A ND2 1 
ATOM   1128 N N   . GLU A 1 145 ? -6.047  -14.255 -18.668 1.00   21.83 ? 145  GLU A N   1 
ATOM   1129 C CA  . GLU A 1 145 ? -6.047  -15.518 -19.395 1.00   23.84 ? 145  GLU A CA  1 
ATOM   1130 C C   . GLU A 1 145 ? -4.654  -16.153 -19.507 1.00   23.63 ? 145  GLU A C   1 
ATOM   1131 O O   . GLU A 1 145 ? -4.556  -17.378 -19.667 1.00   22.95 ? 145  GLU A O   1 
ATOM   1132 C CB  . GLU A 1 145 ? -6.582  -15.272 -20.803 1.00   25.17 ? 145  GLU A CB  1 
ATOM   1133 C CG  . GLU A 1 145 ? -6.905  -16.526 -21.545 1.00   34.57 ? 145  GLU A CG  1 
ATOM   1134 C CD  . GLU A 1 145 ? -8.397  -16.774 -21.502 1.00   45.23 ? 145  GLU A CD  1 
ATOM   1135 O OE1 . GLU A 1 145 ? -8.881  -17.374 -20.506 1.00   47.96 ? 145  GLU A OE1 1 
ATOM   1136 O OE2 . GLU A 1 145 ? -9.078  -16.328 -22.464 1.00   48.60 ? 145  GLU A OE2 1 
ATOM   1137 N N   . TRP A 1 146 ? -3.585  -15.326 -19.469 1.00   21.61 ? 146  TRP A N   1 
ATOM   1138 C CA  . TRP A 1 146 ? -2.223  -15.854 -19.522 1.00   20.95 ? 146  TRP A CA  1 
ATOM   1139 C C   . TRP A 1 146 ? -1.482  -15.730 -18.207 1.00   20.91 ? 146  TRP A C   1 
ATOM   1140 O O   . TRP A 1 146 ? -0.297  -16.059 -18.131 1.00   20.95 ? 146  TRP A O   1 
ATOM   1141 C CB  . TRP A 1 146 ? -1.416  -15.212 -20.680 1.00   20.97 ? 146  TRP A CB  1 
ATOM   1142 C CG  . TRP A 1 146 ? -1.862  -15.769 -22.008 1.00   21.66 ? 146  TRP A CG  1 
ATOM   1143 C CD1 . TRP A 1 146 ? -2.655  -15.148 -22.939 1.00   21.30 ? 146  TRP A CD1 1 
ATOM   1144 C CD2 . TRP A 1 146 ? -1.622  -17.099 -22.503 1.00   20.11 ? 146  TRP A CD2 1 
ATOM   1145 N NE1 . TRP A 1 146 ? -2.893  -16.011 -24.008 1.00   21.27 ? 146  TRP A NE1 1 
ATOM   1146 C CE2 . TRP A 1 146 ? -2.249  -17.198 -23.769 1.00   22.57 ? 146  TRP A CE2 1 
ATOM   1147 C CE3 . TRP A 1 146 ? -0.901  -18.204 -22.020 1.00   22.47 ? 146  TRP A CE3 1 
ATOM   1148 C CZ2 . TRP A 1 146 ? -2.197  -18.377 -24.542 1.00   23.30 ? 146  TRP A CZ2 1 
ATOM   1149 C CZ3 . TRP A 1 146 ? -0.821  -19.369 -22.811 1.00   20.98 ? 146  TRP A CZ3 1 
ATOM   1150 C CH2 . TRP A 1 146 ? -1.481  -19.441 -24.037 1.00   21.90 ? 146  TRP A CH2 1 
ATOM   1151 N N   . ILE A 1 147 ? -2.170  -15.249 -17.167 1.00   20.59 ? 147  ILE A N   1 
ATOM   1152 C CA  . ILE A 1 147 ? -1.555  -15.113 -15.846 1.00   20.83 ? 147  ILE A CA  1 
ATOM   1153 C C   . ILE A 1 147 ? -2.004  -16.256 -14.929 1.00   22.15 ? 147  ILE A C   1 
ATOM   1154 O O   . ILE A 1 147 ? -1.216  -16.766 -14.105 1.00   22.38 ? 147  ILE A O   1 
ATOM   1155 C CB  . ILE A 1 147 ? -1.853  -13.702 -15.239 1.00   20.80 ? 147  ILE A CB  1 
ATOM   1156 C CG1 . ILE A 1 147 ? -1.170  -12.603 -16.077 1.00   19.65 ? 147  ILE A CG1 1 
ATOM   1157 C CG2 . ILE A 1 147 ? -1.364  -13.627 -13.796 1.00   20.12 ? 147  ILE A CG2 1 
ATOM   1158 C CD1 . ILE A 1 147 ? -1.726  -11.229 -15.891 1.00   20.66 ? 147  ILE A CD1 1 
ATOM   1159 N N   . TYR A 1 148 ? -3.245  -16.709 -15.127 1.00   23.65 ? 148  TYR A N   1 
ATOM   1160 C CA  . TYR A 1 148 ? -3.851  -17.770 -14.289 1.00   24.52 ? 148  TYR A CA  1 
ATOM   1161 C C   . TYR A 1 148 ? -4.095  -19.093 -15.021 1.00   25.41 ? 148  TYR A C   1 
ATOM   1162 O O   . TYR A 1 148 ? -4.285  -19.065 -16.241 1.00   26.80 ? 148  TYR A O   1 
ATOM   1163 C CB  . TYR A 1 148 ? -5.155  -17.250 -13.665 1.00   25.11 ? 148  TYR A CB  1 
ATOM   1164 C CG  . TYR A 1 148 ? -4.908  -16.149 -12.684 1.00   24.06 ? 148  TYR A CG  1 
ATOM   1165 C CD1 . TYR A 1 148 ? -4.406  -16.432 -11.416 1.00   26.29 ? 148  TYR A CD1 1 
ATOM   1166 C CD2 . TYR A 1 148 ? -5.129  -14.801 -13.032 1.00   24.58 ? 148  TYR A CD2 1 
ATOM   1167 C CE1 . TYR A 1 148 ? -4.120  -15.399 -10.523 1.00   24.66 ? 148  TYR A CE1 1 
ATOM   1168 C CE2 . TYR A 1 148 ? -4.864  -13.775 -12.141 1.00   22.46 ? 148  TYR A CE2 1 
ATOM   1169 C CZ  . TYR A 1 148 ? -4.358  -14.088 -10.893 1.00   24.70 ? 148  TYR A CZ  1 
ATOM   1170 O OH  . TYR A 1 148 ? -4.100  -13.095 -9.985  1.00   25.96 ? 148  TYR A OH  1 
HETATM 1171 O O   . HOH B 2 .   ? -1.930  -13.820 0.784   1.00   23.01 ? 2001 HOH A O   1 
HETATM 1172 O O   . HOH B 2 .   ? -7.878  -15.556 -4.772  1.00   52.77 ? 2002 HOH A O   1 
HETATM 1173 O O   . HOH B 2 .   ? -0.091  -6.722  1.394   1.00   20.31 ? 2003 HOH A O   1 
HETATM 1174 O O   . HOH B 2 .   ? 13.232  11.355  -10.325 1.00   39.24 ? 2004 HOH A O   1 
HETATM 1175 O O   . HOH B 2 .   ? 9.361   -2.820  -13.248 1.00   43.00 ? 2005 HOH A O   1 
HETATM 1176 O O   . HOH B 2 .   ? 6.053   0.531   7.747   1.00   41.56 ? 2006 HOH A O   1 
HETATM 1177 O O   . HOH B 2 .   ? 17.637  0.397   -8.386  1.00   37.08 ? 2007 HOH A O   1 
HETATM 1178 O O   . HOH B 2 .   ? 7.126   8.118   5.412   1.00   35.19 ? 2008 HOH A O   1 
HETATM 1179 O O   . HOH B 2 .   ? 11.337  14.726  -7.047  1.00   51.24 ? 2009 HOH A O   1 
HETATM 1180 O O   . HOH B 2 .   ? 10.092  16.416  -3.590  1.00   22.35 ? 2010 HOH A O   1 
HETATM 1181 O O   . HOH B 2 .   ? 13.093  14.484  -2.248  0.50   37.11 ? 2011 HOH A O   1 
HETATM 1182 O O   . HOH B 2 .   ? 14.265  10.939  -6.356  1.00   47.85 ? 2012 HOH A O   1 
HETATM 1183 O O   . HOH B 2 .   ? 12.443  8.008   1.405   1.00   19.72 ? 2013 HOH A O   1 
HETATM 1184 O O   . HOH B 2 .   ? 15.810  11.612  -3.689  1.00   35.69 ? 2014 HOH A O   1 
HETATM 1185 O O   . HOH B 2 .   ? 11.366  9.618   -10.856 1.00   37.26 ? 2015 HOH A O   1 
HETATM 1186 O O   . HOH B 2 .   ? 9.302   -0.310  -12.119 1.00   42.23 ? 2016 HOH A O   1 
HETATM 1187 O O   . HOH B 2 .   ? 11.313  0.252   -10.237 1.00   34.59 ? 2017 HOH A O   1 
HETATM 1188 O O   . HOH B 2 .   ? 15.454  -0.034  -9.310  1.00   49.59 ? 2018 HOH A O   1 
HETATM 1189 O O   . HOH B 2 .   ? -2.762  -1.994  -15.273 1.00   18.93 ? 2019 HOH A O   1 
HETATM 1190 O O   . HOH B 2 .   ? 3.818   0.034   -16.290 1.00   17.20 ? 2020 HOH A O   1 
HETATM 1191 O O   . HOH B 2 .   ? 1.987   -7.889  -17.128 1.00   33.77 ? 2021 HOH A O   1 
HETATM 1192 O O   . HOH B 2 .   ? -0.790  -6.356  -14.646 1.00   32.11 ? 2022 HOH A O   1 
HETATM 1193 O O   . HOH B 2 .   ? -4.027  -8.899  -13.627 1.00   39.35 ? 2023 HOH A O   1 
HETATM 1194 O O   . HOH B 2 .   ? -6.889  -10.008 -10.890 1.00   46.93 ? 2024 HOH A O   1 
HETATM 1195 O O   . HOH B 2 .   ? 13.920  -10.826 -1.235  1.00   38.01 ? 2025 HOH A O   1 
HETATM 1196 O O   . HOH B 2 .   ? -10.602 10.363  -0.962  1.00   47.75 ? 2026 HOH A O   1 
HETATM 1197 O O   . HOH B 2 .   ? -6.625  12.731  -6.412  1.00   22.08 ? 2027 HOH A O   1 
HETATM 1198 O O   . HOH B 2 .   ? -8.188  12.942  -3.238  1.00   50.47 ? 2028 HOH A O   1 
HETATM 1199 O O   . HOH B 2 .   ? 16.968  -11.768 -3.013  0.33   45.57 ? 2029 HOH A O   1 
HETATM 1200 O O   . HOH B 2 .   ? 16.056  -6.385  -9.333  0.33   40.10 ? 2030 HOH A O   1 
HETATM 1201 O O   . HOH B 2 .   ? -8.681  12.988  1.867   1.00   42.72 ? 2031 HOH A O   1 
HETATM 1202 O O   . HOH B 2 .   ? -7.513  14.278  -0.263  1.00   36.50 ? 2032 HOH A O   1 
HETATM 1203 O O   . HOH B 2 .   ? -5.089  16.921  5.980   1.00   49.34 ? 2033 HOH A O   1 
HETATM 1204 O O   . HOH B 2 .   ? 12.325  6.017   13.383  1.00   48.73 ? 2034 HOH A O   1 
HETATM 1205 O O   . HOH B 2 .   ? 15.495  8.703   10.182  1.00   45.05 ? 2035 HOH A O   1 
HETATM 1206 O O   . HOH B 2 .   ? -11.187 15.400  8.916   1.00   45.89 ? 2036 HOH A O   1 
HETATM 1207 O O   . HOH B 2 .   ? -5.117  6.050   12.847  1.00   39.81 ? 2037 HOH A O   1 
HETATM 1208 O O   . HOH B 2 .   ? 3.471   10.380  13.778  1.00   50.68 ? 2038 HOH A O   1 
HETATM 1209 O O   . HOH B 2 .   ? -1.469  13.018  4.022   1.00   32.82 ? 2039 HOH A O   1 
HETATM 1210 O O   . HOH B 2 .   ? 3.918   13.687  -0.067  1.00   25.71 ? 2040 HOH A O   1 
HETATM 1211 O O   . HOH B 2 .   ? 0.804   -14.566 -5.394  1.00   38.53 ? 2041 HOH A O   1 
HETATM 1212 O O   . HOH B 2 .   ? -5.648  -15.937 -3.108  1.00   31.03 ? 2042 HOH A O   1 
HETATM 1213 O O   . HOH B 2 .   ? 4.611   -12.313 2.998   1.00   49.61 ? 2043 HOH A O   1 
HETATM 1214 O O   . HOH B 2 .   ? 2.223   -16.078 -1.690  1.00   53.39 ? 2044 HOH A O   1 
HETATM 1215 O O   . HOH B 2 .   ? 3.133   -5.756  5.997   1.00   37.68 ? 2045 HOH A O   1 
HETATM 1216 O O   . HOH B 2 .   ? 11.248  -10.119 0.105   1.00   28.25 ? 2046 HOH A O   1 
HETATM 1217 O O   . HOH B 2 .   ? 9.556   -5.413  -5.994  1.00   22.90 ? 2047 HOH A O   1 
HETATM 1218 O O   . HOH B 2 .   ? 6.919   -6.584  4.179   1.00   44.73 ? 2048 HOH A O   1 
HETATM 1219 O O   . HOH B 2 .   ? 13.302  -8.345  2.269   1.00   19.70 ? 2049 HOH A O   1 
HETATM 1220 O O   . HOH B 2 .   ? 9.481   -7.017  8.234   1.00   49.57 ? 2050 HOH A O   1 
HETATM 1221 O O   . HOH B 2 .   ? 12.171  -5.225  9.313   1.00   40.96 ? 2051 HOH A O   1 
HETATM 1222 O O   . HOH B 2 .   ? 16.013  -1.081  11.613  1.00   64.30 ? 2052 HOH A O   1 
HETATM 1223 O O   . HOH B 2 .   ? 19.094  -2.442  2.269   1.00   38.39 ? 2053 HOH A O   1 
HETATM 1224 O O   . HOH B 2 .   ? 16.691  0.617   7.936   1.00   33.22 ? 2054 HOH A O   1 
HETATM 1225 O O   . HOH B 2 .   ? 21.166  -3.150  4.357   1.00   36.15 ? 2055 HOH A O   1 
HETATM 1226 O O   . HOH B 2 .   ? 15.405  -9.786  3.785   1.00   45.81 ? 2056 HOH A O   1 
HETATM 1227 O O   . HOH B 2 .   ? 18.712  -9.776  -3.899  1.00   22.93 ? 2057 HOH A O   1 
HETATM 1228 O O   . HOH B 2 .   ? 12.668  -6.472  -8.515  1.00   30.78 ? 2058 HOH A O   1 
HETATM 1229 O O   . HOH B 2 .   ? 5.526   -4.768  5.398   1.00   56.66 ? 2059 HOH A O   1 
HETATM 1230 O O   . HOH B 2 .   ? 19.692  -1.933  -5.519  1.00   38.74 ? 2060 HOH A O   1 
HETATM 1231 O O   . HOH B 2 .   ? 18.832  0.824   -5.758  1.00   19.21 ? 2061 HOH A O   1 
HETATM 1232 O O   . HOH B 2 .   ? 15.419  -4.000  -8.738  1.00   35.11 ? 2062 HOH A O   1 
HETATM 1233 O O   . HOH B 2 .   ? 16.378  3.106   10.091  1.00   43.66 ? 2063 HOH A O   1 
HETATM 1234 O O   . HOH B 2 .   ? 8.034   4.020   9.397   1.00   40.26 ? 2064 HOH A O   1 
HETATM 1235 O O   . HOH B 2 .   ? 14.276  5.851   11.156  1.00   42.98 ? 2065 HOH A O   1 
HETATM 1236 O O   . HOH B 2 .   ? 14.757  6.288   3.611   1.00   18.39 ? 2066 HOH A O   1 
HETATM 1237 O O   . HOH B 2 .   ? 3.462   0.585   7.255   1.00   37.92 ? 2067 HOH A O   1 
HETATM 1238 O O   . HOH B 2 .   ? 3.977   -2.351  5.400   1.00   22.77 ? 2068 HOH A O   1 
HETATM 1239 O O   . HOH B 2 .   ? 0.746   -11.576 9.132   1.00   55.71 ? 2069 HOH A O   1 
HETATM 1240 O O   . HOH B 2 .   ? -13.258 -3.588  2.931   1.00   40.11 ? 2070 HOH A O   1 
HETATM 1241 O O   . HOH B 2 .   ? -13.462 -8.123  5.968   1.00   52.41 ? 2071 HOH A O   1 
HETATM 1242 O O   . HOH B 2 .   ? -1.433  -3.764  8.069   1.00   24.46 ? 2072 HOH A O   1 
HETATM 1243 O O   . HOH B 2 .   ? -17.212 -0.870  -11.166 1.00   46.57 ? 2073 HOH A O   1 
HETATM 1244 O O   . HOH B 2 .   ? -14.300 -4.852  -18.193 1.00   42.98 ? 2074 HOH A O   1 
HETATM 1245 O O   . HOH B 2 .   ? -4.383  -3.483  -13.820 1.00   26.30 ? 2075 HOH A O   1 
HETATM 1246 O O   . HOH B 2 .   ? -10.488 -10.492 -15.286 1.00   50.11 ? 2076 HOH A O   1 
HETATM 1247 O O   . HOH B 2 .   ? -3.229  -8.692  -23.051 0.50   12.66 ? 2077 HOH A O   1 
HETATM 1248 O O   . HOH B 2 .   ? -4.451  -19.351 -22.168 1.00   45.82 ? 2078 HOH A O   1 
HETATM 1249 O O   . HOH B 2 .   ? -4.413  -16.372 -26.957 1.00   48.83 ? 2079 HOH A O   1 
HETATM 1250 O O   . HOH B 2 .   ? -4.309  -10.667 -10.846 1.00   32.26 ? 2080 HOH A O   1 
# 
